data_5XLO
#
_entry.id   5XLO
#
_cell.length_a   1
_cell.length_b   1
_cell.length_c   1
_cell.angle_alpha   90.00
_cell.angle_beta   90.00
_cell.angle_gamma   90.00
#
_symmetry.space_group_name_H-M   'P 1'
#
loop_
_entity.id
_entity.type
_entity.pdbx_description
1 polymer 'CRISPR-associated protein Csy3'
2 polymer 'crRNA with 32nt spacer sequence'
3 polymer 'Uncharacterized protein AcrF1'
#
loop_
_entity_poly.entity_id
_entity_poly.type
_entity_poly.pdbx_seq_one_letter_code
_entity_poly.pdbx_strand_id
1 'polypeptide(L)'
;MSKPILSTASVLAFERKLDPSDALMSAGAWAQRDASQEWPAVTVREKSVRGTISNRLKTKDRDPAKLDASIQSPNLQTVD
VANLPSDADTLKVRFTLRVLGGAGTPSACNDAAYRDKLLQTVATYVNDQGFAELARRYAHNLANARFLWRNRVGAEAVEV
RINHIRQGEVARAWRFDALAIGLRDFKADAELDALAELIASGLSGSGHVLLEVVAFARIGDGQEVFPSQELILDKGDKKG
QKSKTLYSVRDAAAIHSQKIGNALRTIDTWYPDEDGLGPIAVEPYGSVTSQGKAYRQPKQKLDFYTLLDNWVLRDEAPAV
EQQHYVIANLIRGGVFGEAEEK
;
A,B,C,D,E,F
2 'polyribonucleotide' CUAAGAAAUUCACGGCGGGCUUGAUGUCCGCGUCUACCUGGUUCACUGCCGUGUAGGCAG K
3 'polypeptide(L)' MKFIKYLSTAHLNYMNIAVYENGSKIKARVENVVNGKSVGARDFDSTEQLESWFYGLPGSGLGRIENAMNEISRRENP N,M
#
loop_
_chem_comp.id
_chem_comp.type
_chem_comp.name
_chem_comp.formula
A RNA linking ADENOSINE-5'-MONOPHOSPHATE 'C10 H14 N5 O7 P'
C RNA linking CYTIDINE-5'-MONOPHOSPHATE 'C9 H14 N3 O8 P'
G RNA linking GUANOSINE-5'-MONOPHOSPHATE 'C10 H14 N5 O8 P'
U RNA linking URIDINE-5'-MONOPHOSPHATE 'C9 H13 N2 O9 P'
#
# COMPACT_ATOMS: atom_id res chain seq x y z
N GLU A 15 11.55 6.13 55.76
CA GLU A 15 10.26 6.59 56.26
C GLU A 15 9.90 7.95 55.69
N ARG A 16 8.67 8.05 55.18
CA ARG A 16 8.08 9.27 54.62
C ARG A 16 8.94 9.82 53.47
N LYS A 17 9.06 9.03 52.42
CA LYS A 17 9.79 9.46 51.25
C LYS A 17 8.96 10.46 50.44
N LEU A 18 9.61 11.08 49.45
CA LEU A 18 8.94 12.06 48.62
C LEU A 18 7.97 11.37 47.67
N ASP A 19 7.09 12.18 47.08
CA ASP A 19 6.08 11.65 46.18
C ASP A 19 6.73 11.20 44.87
N PRO A 20 6.25 10.13 44.26
CA PRO A 20 6.80 9.71 42.97
C PRO A 20 6.30 10.61 41.85
N SER A 21 5.09 11.15 42.01
CA SER A 21 4.52 12.07 41.02
C SER A 21 3.53 12.96 41.75
N ASP A 22 3.97 14.16 42.10
CA ASP A 22 3.13 15.16 42.73
C ASP A 22 2.85 16.25 41.72
N ALA A 23 1.69 16.90 41.87
CA ALA A 23 1.28 17.98 40.99
C ALA A 23 0.19 18.77 41.68
N LEU A 24 0.28 20.10 41.60
CA LEU A 24 -0.62 20.96 42.33
C LEU A 24 -1.35 21.90 41.39
N MET A 25 -2.62 22.15 41.69
CA MET A 25 -3.42 23.06 40.87
C MET A 25 -2.96 24.50 41.05
N SER A 26 -3.03 25.29 39.98
CA SER A 26 -2.60 26.68 40.02
C SER A 26 -3.68 27.50 40.71
N ALA A 27 -3.66 27.48 42.03
CA ALA A 27 -4.50 28.38 42.80
C ALA A 27 -4.03 29.81 42.60
N GLY A 28 -4.96 30.74 42.63
CA GLY A 28 -4.62 32.08 42.19
C GLY A 28 -4.48 32.11 40.69
N ALA A 29 -5.57 31.81 39.98
CA ALA A 29 -5.55 31.68 38.54
C ALA A 29 -5.55 33.05 37.87
N TRP A 30 -5.63 33.03 36.54
CA TRP A 30 -5.39 34.23 35.78
C TRP A 30 -6.11 34.13 34.44
N ALA A 31 -6.73 35.22 34.01
CA ALA A 31 -7.47 35.23 32.77
C ALA A 31 -6.62 35.83 31.66
N GLN A 32 -7.21 36.00 30.48
CA GLN A 32 -6.53 36.69 29.40
C GLN A 32 -6.87 38.16 29.41
N ARG A 33 -6.07 38.94 28.68
CA ARG A 33 -6.27 40.37 28.58
C ARG A 33 -6.78 40.72 27.19
N ASP A 34 -7.67 41.68 27.14
CA ASP A 34 -8.20 42.19 25.88
C ASP A 34 -7.91 43.68 25.84
N ALA A 35 -6.84 44.06 25.16
CA ALA A 35 -6.45 45.46 25.07
C ALA A 35 -7.48 46.23 24.26
N SER A 36 -7.83 47.43 24.74
CA SER A 36 -8.85 48.24 24.11
C SER A 36 -8.66 49.68 24.56
N GLN A 37 -8.84 50.63 23.64
CA GLN A 37 -8.24 51.95 23.79
C GLN A 37 -9.24 53.07 23.93
N GLU A 38 -8.85 54.05 24.73
CA GLU A 38 -9.79 54.94 25.39
C GLU A 38 -9.16 56.33 25.44
N TRP A 39 -9.92 57.31 25.91
CA TRP A 39 -9.43 58.65 26.14
C TRP A 39 -9.70 59.05 27.59
N PRO A 40 -8.79 59.78 28.22
CA PRO A 40 -9.02 60.16 29.62
C PRO A 40 -10.13 61.19 29.72
N ALA A 41 -10.84 61.14 30.86
CA ALA A 41 -12.14 61.73 31.20
C ALA A 41 -13.28 61.03 30.48
N VAL A 42 -12.94 60.12 29.57
CA VAL A 42 -13.82 59.03 29.19
C VAL A 42 -13.30 57.72 29.82
N THR A 43 -12.45 57.86 30.85
CA THR A 43 -11.88 56.74 31.58
C THR A 43 -12.95 55.88 32.24
N VAL A 44 -13.96 56.50 32.82
CA VAL A 44 -14.95 55.78 33.61
C VAL A 44 -15.88 54.97 32.72
N ARG A 45 -16.06 55.39 31.47
CA ARG A 45 -17.06 54.81 30.58
C ARG A 45 -16.49 53.73 29.67
N GLU A 46 -15.58 52.91 30.18
CA GLU A 46 -14.96 51.86 29.38
C GLU A 46 -15.94 50.70 29.24
N LYS A 47 -16.95 50.90 28.40
CA LYS A 47 -17.85 49.83 28.00
C LYS A 47 -17.85 49.62 26.50
N SER A 48 -18.07 50.68 25.71
CA SER A 48 -18.04 50.62 24.27
C SER A 48 -16.65 50.88 23.70
N VAL A 49 -15.62 50.64 24.49
CA VAL A 49 -14.24 50.93 24.10
C VAL A 49 -13.75 49.84 23.16
N ARG A 50 -13.36 50.23 21.96
CA ARG A 50 -13.10 49.30 20.88
C ARG A 50 -11.78 48.58 21.08
N GLY A 51 -11.76 47.31 20.69
CA GLY A 51 -10.55 46.54 20.76
C GLY A 51 -9.54 46.95 19.72
N THR A 52 -8.30 46.47 19.90
CA THR A 52 -7.16 46.91 19.10
C THR A 52 -6.73 45.74 18.24
N ILE A 53 -7.05 45.79 16.95
CA ILE A 53 -6.79 44.67 16.07
C ILE A 53 -5.28 44.60 15.79
N VAL A 93 -0.74 47.97 16.93
CA VAL A 93 -0.54 49.41 16.98
C VAL A 93 -1.83 50.02 17.53
N ARG A 94 -1.71 51.15 18.22
CA ARG A 94 -2.87 51.73 18.87
C ARG A 94 -3.83 52.37 17.87
N PHE A 95 -4.89 52.99 18.39
CA PHE A 95 -5.75 53.79 17.54
C PHE A 95 -5.11 55.15 17.24
N THR A 96 -5.78 55.89 16.36
CA THR A 96 -5.27 57.18 15.92
C THR A 96 -5.41 58.24 17.01
N LEU A 97 -6.63 58.43 17.50
CA LEU A 97 -6.96 59.47 18.47
C LEU A 97 -7.35 58.90 19.82
N ARG A 98 -6.61 57.90 20.30
CA ARG A 98 -6.87 57.28 21.58
C ARG A 98 -5.62 57.39 22.44
N VAL A 99 -5.77 57.94 23.64
CA VAL A 99 -4.63 58.17 24.52
C VAL A 99 -4.44 57.02 25.49
N LEU A 100 -5.52 56.46 26.02
CA LEU A 100 -5.43 55.50 27.11
C LEU A 100 -5.10 54.11 26.57
N GLY A 101 -5.26 53.12 27.42
CA GLY A 101 -5.17 51.73 27.02
C GLY A 101 -6.17 50.86 27.74
N GLY A 102 -5.93 49.55 27.81
CA GLY A 102 -6.87 48.67 28.47
C GLY A 102 -6.29 47.30 28.72
N ALA A 103 -6.67 46.67 29.83
CA ALA A 103 -6.30 45.28 30.08
C ALA A 103 -7.37 44.71 31.02
N GLY A 104 -8.34 43.99 30.44
CA GLY A 104 -9.42 43.43 31.22
C GLY A 104 -9.17 42.00 31.63
N THR A 105 -8.72 41.78 32.85
CA THR A 105 -8.39 40.44 33.33
C THR A 105 -9.08 40.11 34.65
N PRO A 106 -9.99 39.16 34.67
CA PRO A 106 -10.45 38.60 35.95
C PRO A 106 -9.59 37.48 36.48
N SER A 107 -8.55 37.80 37.26
CA SER A 107 -7.83 36.76 37.97
C SER A 107 -8.68 36.32 39.14
N ALA A 108 -9.11 35.06 39.12
CA ALA A 108 -9.84 34.47 40.22
C ALA A 108 -8.90 33.57 41.00
N CYS A 109 -8.95 33.68 42.32
CA CYS A 109 -8.05 32.93 43.18
C CYS A 109 -8.76 31.69 43.68
N ASN A 110 -8.21 30.52 43.36
CA ASN A 110 -8.78 29.30 43.89
C ASN A 110 -8.38 29.11 45.34
N ASP A 111 -9.01 28.15 45.98
CA ASP A 111 -8.73 27.81 47.36
C ASP A 111 -7.58 26.80 47.40
N ALA A 112 -7.39 26.17 48.56
CA ALA A 112 -6.61 24.94 48.72
C ALA A 112 -5.14 25.16 48.31
N ALA A 113 -4.45 25.92 49.15
CA ALA A 113 -3.08 26.34 48.86
C ALA A 113 -2.12 25.16 48.69
N TYR A 114 -2.39 24.03 49.34
CA TYR A 114 -1.53 22.88 49.13
C TYR A 114 -2.27 21.56 49.03
N ARG A 115 -3.59 21.56 48.97
CA ARG A 115 -4.31 20.34 48.64
C ARG A 115 -4.03 20.00 47.18
N ASP A 116 -3.51 18.80 46.95
CA ASP A 116 -2.87 18.48 45.69
C ASP A 116 -3.88 18.25 44.57
N LYS A 117 -3.35 17.84 43.42
CA LYS A 117 -4.14 17.25 42.36
C LYS A 117 -3.72 15.82 42.05
N LEU A 118 -2.49 15.44 42.37
CA LEU A 118 -2.04 14.06 42.29
C LEU A 118 -1.36 13.71 43.60
N LEU A 119 -1.57 12.48 44.07
CA LEU A 119 -1.10 12.04 45.39
C LEU A 119 -0.44 10.69 45.20
N GLN A 120 0.83 10.65 44.80
CA GLN A 120 1.43 9.34 44.57
C GLN A 120 1.76 8.61 45.86
N THR A 121 1.67 9.27 47.01
CA THR A 121 1.69 8.64 48.32
C THR A 121 0.82 9.48 49.24
N VAL A 122 -0.13 8.84 49.92
CA VAL A 122 -1.10 9.60 50.70
C VAL A 122 -0.47 10.15 51.98
N ALA A 123 0.59 9.51 52.47
CA ALA A 123 1.27 10.02 53.67
C ALA A 123 1.95 11.34 53.40
N THR A 124 2.52 11.50 52.20
CA THR A 124 3.09 12.78 51.80
C THR A 124 2.00 13.84 51.64
N TYR A 125 0.80 13.42 51.23
CA TYR A 125 -0.33 14.35 51.15
C TYR A 125 -0.77 14.80 52.53
N VAL A 126 -0.74 13.90 53.52
CA VAL A 126 -1.08 14.27 54.88
C VAL A 126 -0.01 15.20 55.45
N ASN A 127 1.24 14.97 55.07
CA ASN A 127 2.31 15.89 55.45
C ASN A 127 2.08 17.28 54.88
N ASP A 128 1.88 17.38 53.55
CA ASP A 128 1.75 18.66 52.89
C ASP A 128 0.49 19.41 53.30
N GLN A 129 -0.59 18.68 53.61
CA GLN A 129 -1.73 19.33 54.23
C GLN A 129 -1.38 19.81 55.64
N GLY A 130 -0.49 19.08 56.33
CA GLY A 130 0.03 19.58 57.59
C GLY A 130 0.87 20.83 57.43
N PHE A 131 1.55 20.98 56.30
CA PHE A 131 2.38 22.16 56.09
C PHE A 131 1.59 23.36 55.63
N ALA A 132 0.51 23.16 54.87
CA ALA A 132 -0.41 24.25 54.68
C ALA A 132 -1.12 24.60 55.98
N GLU A 133 -1.27 23.63 56.89
CA GLU A 133 -1.83 23.93 58.20
C GLU A 133 -0.85 24.75 59.03
N LEU A 134 0.46 24.47 58.93
CA LEU A 134 1.43 25.25 59.68
C LEU A 134 1.63 26.63 59.04
N ALA A 135 2.06 26.66 57.79
CA ALA A 135 2.35 27.91 57.09
C ALA A 135 1.11 28.70 56.73
N ARG A 136 -0.08 28.15 56.94
CA ARG A 136 -1.30 28.93 56.88
C ARG A 136 -1.85 29.26 58.26
N ARG A 137 -1.43 28.52 59.28
CA ARG A 137 -1.85 28.80 60.65
C ARG A 137 -0.88 29.73 61.36
N TYR A 138 0.41 29.41 61.29
CA TYR A 138 1.42 30.24 61.96
C TYR A 138 1.71 31.51 61.16
N ALA A 139 2.25 31.35 59.95
CA ALA A 139 2.54 32.49 59.09
C ALA A 139 1.24 32.95 58.45
N HIS A 140 0.72 34.07 58.94
CA HIS A 140 -0.51 34.64 58.38
C HIS A 140 -0.21 35.17 56.98
N ASN A 141 -1.20 35.08 56.09
CA ASN A 141 -0.99 35.47 54.69
C ASN A 141 -1.22 36.96 54.46
N LEU A 142 -1.04 37.80 55.48
CA LEU A 142 -1.04 39.25 55.33
C LEU A 142 0.04 39.72 54.37
N ALA A 143 1.30 39.52 54.75
CA ALA A 143 2.41 39.97 53.91
C ALA A 143 2.61 39.09 52.68
N ASN A 144 2.10 37.85 52.72
CA ASN A 144 2.10 36.95 51.57
C ASN A 144 1.28 37.52 50.42
N ALA A 145 0.02 37.82 50.68
CA ALA A 145 -0.81 38.46 49.67
C ALA A 145 -0.44 39.92 49.47
N ARG A 146 0.29 40.52 50.42
CA ARG A 146 0.90 41.81 50.13
C ARG A 146 2.03 41.67 49.12
N PHE A 147 2.69 40.51 49.03
CA PHE A 147 3.54 40.26 47.87
C PHE A 147 2.72 40.03 46.61
N LEU A 148 1.62 39.25 46.69
CA LEU A 148 0.84 39.05 45.47
C LEU A 148 -0.03 40.24 45.09
N TRP A 149 -0.02 41.32 45.85
CA TRP A 149 -0.74 42.53 45.45
C TRP A 149 0.20 43.71 45.27
N ARG A 150 0.99 44.07 46.28
CA ARG A 150 1.92 45.20 46.19
C ARG A 150 3.04 45.00 45.19
N ASN A 151 3.23 43.79 44.67
CA ASN A 151 4.08 43.59 43.51
C ASN A 151 3.26 43.05 42.32
N ARG A 152 1.94 43.28 42.34
CA ARG A 152 1.11 43.10 41.16
C ARG A 152 -0.03 44.11 41.05
N VAL A 153 -0.10 45.09 41.95
CA VAL A 153 -0.94 46.27 41.72
C VAL A 153 -0.11 47.38 41.09
N GLY A 154 1.11 47.58 41.59
CA GLY A 154 2.14 48.23 40.81
C GLY A 154 2.27 47.38 39.58
N ALA A 155 1.73 47.90 38.47
CA ALA A 155 1.19 47.08 37.41
C ALA A 155 2.24 46.35 36.60
N GLU A 156 2.88 45.37 37.21
CA GLU A 156 3.66 44.41 36.42
C GLU A 156 2.76 43.52 35.59
N ALA A 157 1.45 43.54 35.84
CA ALA A 157 0.39 43.09 34.95
C ALA A 157 0.65 43.48 33.51
N VAL A 158 0.74 44.79 33.27
CA VAL A 158 1.10 45.35 31.98
C VAL A 158 2.62 45.27 31.86
N GLU A 159 3.12 44.41 30.98
CA GLU A 159 4.52 44.00 31.10
C GLU A 159 5.51 44.97 30.46
N VAL A 160 5.48 45.09 29.14
CA VAL A 160 6.43 45.92 28.43
C VAL A 160 5.79 47.26 28.12
N ARG A 161 4.47 47.31 28.02
CA ARG A 161 3.69 48.51 27.88
C ARG A 161 3.67 49.36 29.16
N ILE A 162 4.26 48.88 30.27
CA ILE A 162 4.44 49.74 31.44
C ILE A 162 5.51 50.79 31.18
N ASN A 163 6.38 50.58 30.19
CA ASN A 163 7.57 51.41 30.03
C ASN A 163 7.17 52.80 29.57
N HIS A 164 7.40 53.78 30.46
CA HIS A 164 7.12 55.20 30.27
C HIS A 164 5.64 55.44 29.96
N ILE A 165 4.84 55.17 30.92
CA ILE A 165 3.46 55.62 30.89
C ILE A 165 3.43 57.02 31.48
N ARG A 166 2.50 57.86 31.01
CA ARG A 166 2.10 59.03 31.77
C ARG A 166 1.60 58.61 33.15
N GLN A 167 0.54 57.81 33.19
CA GLN A 167 0.01 57.33 34.47
C GLN A 167 -0.78 56.05 34.21
N GLY A 168 -0.21 54.90 34.60
CA GLY A 168 -0.88 53.63 34.40
C GLY A 168 -1.81 53.29 35.54
N GLU A 169 -3.09 53.58 35.39
CA GLU A 169 -4.07 53.43 36.45
C GLU A 169 -4.69 52.04 36.43
N VAL A 170 -4.67 51.36 37.56
CA VAL A 170 -5.25 50.02 37.71
C VAL A 170 -6.55 50.16 38.50
N ALA A 171 -7.63 49.61 37.96
CA ALA A 171 -8.93 49.62 38.63
C ALA A 171 -9.34 48.18 38.88
N ARG A 172 -8.93 47.62 40.02
CA ARG A 172 -9.31 46.25 40.40
C ARG A 172 -10.70 46.27 41.00
N ALA A 173 -11.70 46.19 40.14
CA ALA A 173 -13.04 45.94 40.60
C ALA A 173 -13.16 44.48 41.05
N TRP A 174 -14.07 44.23 41.98
CA TRP A 174 -14.32 42.88 42.45
C TRP A 174 -15.80 42.63 42.61
N ARG A 175 -16.27 41.48 42.15
CA ARG A 175 -17.69 41.21 41.99
C ARG A 175 -18.06 39.88 42.61
N PHE A 176 -19.06 39.92 43.51
CA PHE A 176 -19.84 38.72 43.83
C PHE A 176 -20.44 38.10 42.58
N ASP A 177 -21.12 38.94 41.81
CA ASP A 177 -22.11 38.58 40.80
C ASP A 177 -22.00 39.64 39.73
N ALA A 178 -23.09 39.87 38.99
CA ALA A 178 -23.17 41.08 38.17
C ALA A 178 -22.93 42.34 39.00
N LEU A 179 -23.40 42.37 40.24
CA LEU A 179 -23.02 43.43 41.17
C LEU A 179 -21.56 43.29 41.57
N ALA A 180 -20.94 44.42 41.92
CA ALA A 180 -19.54 44.46 42.31
C ALA A 180 -19.38 45.38 43.51
N ILE A 181 -18.78 44.86 44.58
CA ILE A 181 -18.72 45.61 45.83
C ILE A 181 -17.32 46.16 46.07
N GLY A 182 -16.32 45.29 46.12
CA GLY A 182 -14.96 45.74 46.31
C GLY A 182 -14.47 46.48 45.09
N LEU A 183 -14.38 47.81 45.19
CA LEU A 183 -14.08 48.67 44.06
C LEU A 183 -12.90 49.53 44.46
N ARG A 184 -11.69 49.03 44.23
CA ARG A 184 -10.49 49.76 44.62
C ARG A 184 -9.76 50.28 43.39
N ASP A 185 -9.29 51.52 43.47
CA ASP A 185 -8.69 52.25 42.38
C ASP A 185 -7.28 52.63 42.79
N PHE A 186 -6.38 52.82 41.81
CA PHE A 186 -4.97 52.96 42.14
C PHE A 186 -4.31 53.97 41.21
N LYS A 187 -2.98 54.05 41.34
CA LYS A 187 -2.11 54.77 40.41
C LYS A 187 -0.76 54.06 40.47
N ALA A 188 -0.53 53.13 39.54
CA ALA A 188 0.57 52.19 39.66
C ALA A 188 1.94 52.78 39.32
N ASP A 189 2.01 54.05 38.95
CA ASP A 189 3.31 54.70 38.84
C ASP A 189 3.80 55.25 40.16
N ALA A 190 2.94 55.33 41.16
CA ALA A 190 3.34 55.72 42.50
C ALA A 190 3.81 54.53 43.33
N GLU A 191 3.96 53.36 42.72
CA GLU A 191 4.38 52.15 43.41
C GLU A 191 5.56 51.55 42.67
N LEU A 192 6.60 51.18 43.43
CA LEU A 192 7.82 50.68 42.83
C LEU A 192 7.64 49.25 42.34
N ASP A 193 8.71 48.71 41.76
CA ASP A 193 8.74 47.32 41.37
C ASP A 193 9.91 46.57 42.00
N ALA A 194 10.60 47.19 42.95
CA ALA A 194 11.70 46.54 43.65
C ALA A 194 11.45 46.34 45.13
N LEU A 195 10.65 47.20 45.76
CA LEU A 195 10.33 47.08 47.18
C LEU A 195 8.86 47.39 47.39
N ALA A 196 8.18 46.55 48.17
CA ALA A 196 6.77 46.77 48.50
C ALA A 196 6.68 47.71 49.69
N GLU A 197 6.03 48.85 49.50
CA GLU A 197 5.89 49.87 50.53
C GLU A 197 4.49 49.83 51.14
N LEU A 198 4.38 50.44 52.33
CA LEU A 198 3.21 50.28 53.18
C LEU A 198 2.05 51.11 52.63
N ILE A 199 1.02 50.44 52.12
CA ILE A 199 -0.17 51.06 51.58
C ILE A 199 -1.38 50.46 52.26
N ALA A 200 -2.35 51.30 52.66
CA ALA A 200 -3.52 50.82 53.38
C ALA A 200 -4.45 50.02 52.48
N SER A 201 -4.78 50.56 51.30
CA SER A 201 -5.68 49.87 50.40
C SER A 201 -5.04 48.62 49.81
N GLY A 202 -3.72 48.62 49.67
CA GLY A 202 -3.01 47.39 49.34
C GLY A 202 -3.14 46.36 50.44
N LEU A 203 -3.25 46.80 51.69
CA LEU A 203 -3.54 45.86 52.77
C LEU A 203 -4.99 45.43 52.78
N SER A 204 -5.90 46.23 52.21
CA SER A 204 -7.26 45.75 52.03
C SER A 204 -7.32 44.66 50.99
N GLY A 205 -6.68 44.89 49.83
CA GLY A 205 -6.66 43.88 48.78
C GLY A 205 -5.91 42.63 49.18
N SER A 206 -4.87 42.78 50.01
CA SER A 206 -4.19 41.60 50.52
C SER A 206 -4.99 40.93 51.63
N GLY A 207 -5.85 41.68 52.32
CA GLY A 207 -6.83 41.05 53.19
C GLY A 207 -7.90 40.30 52.43
N HIS A 208 -8.09 40.68 51.17
CA HIS A 208 -9.07 40.03 50.33
C HIS A 208 -8.50 38.77 49.70
N VAL A 209 -7.22 38.80 49.32
CA VAL A 209 -6.58 37.57 48.87
C VAL A 209 -6.28 36.67 50.08
N LEU A 210 -6.17 37.27 51.28
CA LEU A 210 -6.32 36.52 52.52
C LEU A 210 -7.66 35.81 52.58
N LEU A 211 -8.74 36.50 52.20
CA LEU A 211 -10.03 35.82 52.10
C LEU A 211 -10.16 34.95 50.86
N GLU A 212 -9.10 34.79 50.07
CA GLU A 212 -9.14 33.93 48.90
C GLU A 212 -8.36 32.63 49.08
N VAL A 213 -7.07 32.73 49.40
CA VAL A 213 -6.22 31.55 49.41
C VAL A 213 -6.51 30.67 50.61
N VAL A 214 -7.06 31.23 51.68
CA VAL A 214 -7.37 30.49 52.89
C VAL A 214 -8.83 30.01 52.87
N ALA A 215 -9.45 29.99 51.68
CA ALA A 215 -10.75 29.38 51.40
C ALA A 215 -11.88 30.01 52.23
N PHE A 216 -12.14 31.28 51.92
CA PHE A 216 -13.27 31.97 52.53
C PHE A 216 -14.38 32.36 51.57
N ALA A 217 -14.08 32.74 50.33
CA ALA A 217 -15.14 33.24 49.47
C ALA A 217 -14.79 33.04 48.01
N ARG A 218 -15.83 33.11 47.16
CA ARG A 218 -15.63 33.20 45.72
C ARG A 218 -15.09 34.57 45.38
N ILE A 219 -13.92 34.60 44.76
CA ILE A 219 -13.19 35.83 44.50
C ILE A 219 -12.68 35.80 43.06
N GLY A 220 -13.21 36.68 42.23
CA GLY A 220 -12.67 36.90 40.90
C GLY A 220 -12.48 38.37 40.69
N ASP A 221 -11.24 38.81 40.55
CA ASP A 221 -10.88 40.23 40.56
C ASP A 221 -10.88 40.76 39.14
N GLY A 222 -11.96 41.40 38.71
CA GLY A 222 -11.99 41.99 37.40
C GLY A 222 -11.14 43.24 37.34
N GLN A 223 -9.98 43.15 36.69
CA GLN A 223 -8.99 44.21 36.61
C GLN A 223 -9.18 44.99 35.32
N GLU A 224 -9.03 46.31 35.39
CA GLU A 224 -9.17 47.15 34.20
C GLU A 224 -8.03 48.18 34.26
N VAL A 225 -6.89 47.83 33.70
CA VAL A 225 -5.69 48.67 33.81
C VAL A 225 -5.68 49.64 32.65
N PHE A 226 -5.47 50.93 32.93
CA PHE A 226 -5.52 51.99 31.92
C PHE A 226 -4.18 52.70 31.81
N PRO A 227 -3.24 52.19 31.01
CA PRO A 227 -2.03 52.98 30.71
C PRO A 227 -2.37 54.16 29.83
N SER A 228 -2.08 55.36 30.33
CA SER A 228 -2.48 56.62 29.72
C SER A 228 -1.38 57.19 28.85
N GLN A 229 -0.65 56.33 28.15
CA GLN A 229 0.62 56.69 27.52
C GLN A 229 0.53 57.77 26.47
N GLU A 230 -0.05 57.45 25.33
CA GLU A 230 -0.08 58.38 24.20
C GLU A 230 -1.04 57.85 23.15
N LEU A 231 -0.97 58.45 21.98
CA LEU A 231 -1.63 58.03 20.75
C LEU A 231 -0.84 56.88 20.14
N ILE A 232 -0.83 56.78 18.81
CA ILE A 232 -0.74 55.57 17.98
C ILE A 232 0.46 54.64 18.25
N LEU A 233 1.20 54.84 19.35
CA LEU A 233 2.38 54.05 19.74
C LEU A 233 2.22 52.53 19.75
N ASP A 234 3.33 51.81 19.79
CA ASP A 234 3.29 50.35 19.74
C ASP A 234 2.91 49.79 21.11
N LYS A 235 3.05 48.48 21.26
CA LYS A 235 2.64 47.78 22.47
C LYS A 235 3.64 46.69 22.81
N GLY A 236 3.19 45.79 23.67
CA GLY A 236 3.94 44.64 24.10
C GLY A 236 3.11 43.38 24.20
N ASP A 237 2.16 43.22 23.28
CA ASP A 237 1.25 42.07 23.29
C ASP A 237 2.03 40.76 23.14
N LYS A 238 1.44 39.68 23.61
CA LYS A 238 2.17 38.44 23.70
C LYS A 238 2.28 37.79 22.33
N LYS A 239 3.49 37.49 21.93
CA LYS A 239 3.74 36.92 20.61
C LYS A 239 3.40 35.44 20.58
N GLY A 240 2.99 34.97 19.41
CA GLY A 240 2.81 33.55 19.17
C GLY A 240 4.12 32.90 18.82
N GLN A 241 4.08 31.95 17.90
CA GLN A 241 5.28 31.28 17.43
C GLN A 241 5.26 31.10 15.93
N LYS A 242 6.40 30.63 15.42
CA LYS A 242 6.61 30.33 14.00
C LYS A 242 7.28 28.97 13.83
N SER A 243 6.78 27.98 14.56
CA SER A 243 7.29 26.62 14.47
C SER A 243 6.44 25.87 13.44
N LYS A 244 7.07 25.50 12.32
CA LYS A 244 6.46 24.86 11.15
C LYS A 244 5.30 25.66 10.55
N THR A 245 5.27 26.97 10.79
CA THR A 245 4.36 27.87 10.10
C THR A 245 5.12 28.98 9.37
N LEU A 246 6.45 29.02 9.49
CA LEU A 246 7.29 29.93 8.73
C LEU A 246 7.73 29.35 7.39
N TYR A 247 7.02 28.34 6.91
CA TYR A 247 7.29 27.64 5.67
C TYR A 247 6.08 27.60 4.75
N SER A 248 4.88 27.42 5.30
CA SER A 248 3.67 27.52 4.49
C SER A 248 3.37 28.97 4.15
N VAL A 249 3.41 29.86 5.15
CA VAL A 249 3.20 31.28 4.92
C VAL A 249 4.55 31.92 4.58
N ARG A 250 5.54 31.71 5.46
CA ARG A 250 6.93 32.16 5.30
C ARG A 250 7.05 33.67 5.15
N ASP A 251 6.09 34.41 5.71
CA ASP A 251 6.09 35.86 5.63
C ASP A 251 6.16 36.51 7.00
N ALA A 252 5.27 36.13 7.91
CA ALA A 252 5.24 36.73 9.23
C ALA A 252 6.42 36.24 10.05
N ALA A 253 6.82 37.05 11.03
CA ALA A 253 7.89 36.67 11.94
C ALA A 253 7.55 36.97 13.38
N ALA A 254 6.43 37.64 13.64
CA ALA A 254 6.02 37.95 15.00
C ALA A 254 4.49 37.96 14.99
N ILE A 255 3.89 36.86 15.42
CA ILE A 255 2.43 36.74 15.45
C ILE A 255 1.96 37.22 16.82
N HIS A 256 1.45 38.44 16.87
CA HIS A 256 0.77 38.90 18.07
C HIS A 256 -0.56 38.19 18.22
N SER A 257 -0.69 37.40 19.28
CA SER A 257 -1.80 36.48 19.40
C SER A 257 -3.11 37.20 19.71
N GLN A 258 -4.21 36.59 19.30
CA GLN A 258 -5.51 37.22 19.30
C GLN A 258 -6.52 36.42 20.09
N LYS A 259 -7.40 37.15 20.78
CA LYS A 259 -8.71 36.65 21.19
C LYS A 259 -9.65 36.82 20.01
N ILE A 260 -10.96 36.79 20.25
CA ILE A 260 -11.88 37.01 19.15
C ILE A 260 -11.84 38.48 18.78
N GLY A 261 -11.02 38.81 17.78
CA GLY A 261 -10.94 40.15 17.24
C GLY A 261 -10.11 41.14 18.02
N ASN A 262 -9.36 40.71 19.03
CA ASN A 262 -8.58 41.64 19.84
C ASN A 262 -7.15 41.15 19.99
N ALA A 263 -6.38 41.73 20.89
CA ALA A 263 -4.98 41.35 21.09
C ALA A 263 -4.81 40.74 22.46
N LEU A 264 -4.28 39.52 22.51
CA LEU A 264 -4.11 38.85 23.78
C LEU A 264 -2.96 39.45 24.57
N ARG A 265 -2.97 39.13 25.85
CA ARG A 265 -1.77 38.84 26.61
C ARG A 265 -1.95 37.42 27.09
N THR A 266 -1.09 36.52 26.66
CA THR A 266 -1.24 35.12 27.02
C THR A 266 -1.08 34.96 28.53
N ILE A 267 -1.87 34.04 29.10
CA ILE A 267 -1.87 33.83 30.55
C ILE A 267 -0.52 33.33 31.02
N ASP A 268 0.22 32.68 30.13
CA ASP A 268 1.59 32.28 30.38
C ASP A 268 2.47 33.46 30.75
N THR A 269 2.39 34.58 30.02
CA THR A 269 3.11 35.78 30.46
C THR A 269 2.43 36.39 31.67
N TRP A 270 1.12 36.26 31.76
CA TRP A 270 0.37 36.97 32.76
C TRP A 270 0.59 36.41 34.17
N TYR A 271 1.05 35.17 34.29
CA TYR A 271 1.32 34.64 35.63
C TYR A 271 2.57 35.24 36.26
N PRO A 272 3.73 35.36 35.60
CA PRO A 272 4.83 36.10 36.22
C PRO A 272 4.63 37.60 36.29
N ASP A 273 3.48 38.13 35.94
CA ASP A 273 3.11 39.42 36.47
C ASP A 273 2.85 39.31 37.96
N GLU A 274 2.19 38.25 38.36
CA GLU A 274 1.84 38.04 39.75
C GLU A 274 2.65 36.96 40.41
N ASP A 275 3.31 36.11 39.65
CA ASP A 275 4.26 35.17 40.22
C ASP A 275 5.59 35.85 40.57
N GLY A 276 5.79 37.11 40.15
CA GLY A 276 6.95 37.88 40.61
C GLY A 276 6.72 38.31 42.05
N LEU A 277 7.21 37.47 42.96
CA LEU A 277 6.99 37.66 44.38
C LEU A 277 8.28 37.93 45.12
N GLY A 278 9.24 37.02 45.08
CA GLY A 278 10.25 36.96 46.10
C GLY A 278 11.57 37.58 45.75
N PRO A 279 12.01 38.60 46.54
CA PRO A 279 13.42 38.96 46.65
C PRO A 279 14.10 38.12 47.71
N ILE A 280 13.84 36.82 47.69
CA ILE A 280 14.22 35.91 48.76
C ILE A 280 15.16 34.95 48.08
N ALA A 281 15.86 35.45 47.06
CA ALA A 281 16.74 34.64 46.24
C ALA A 281 18.11 34.54 46.91
N VAL A 282 19.07 33.94 46.21
CA VAL A 282 20.41 33.81 46.76
C VAL A 282 21.17 35.12 46.61
N GLU A 283 21.35 35.57 45.36
CA GLU A 283 22.24 36.71 45.10
C GLU A 283 21.66 38.06 45.53
N PRO A 284 20.53 38.55 44.98
CA PRO A 284 20.27 39.99 45.09
C PRO A 284 19.75 40.39 46.46
N TYR A 285 19.83 41.70 46.71
CA TYR A 285 19.30 42.29 47.94
C TYR A 285 18.10 43.18 47.64
N GLY A 286 18.26 44.19 46.80
CA GLY A 286 17.17 45.05 46.40
C GLY A 286 17.24 45.33 44.91
N SER A 287 17.90 44.43 44.19
CA SER A 287 18.12 44.60 42.76
C SER A 287 17.03 43.91 41.94
N VAL A 288 16.90 42.60 42.11
CA VAL A 288 16.10 41.76 41.22
C VAL A 288 15.02 41.08 42.04
N THR A 289 13.75 41.29 41.66
CA THR A 289 12.61 40.63 42.28
C THR A 289 12.00 39.71 41.23
N SER A 290 12.53 38.49 41.14
CA SER A 290 12.21 37.60 40.03
C SER A 290 10.85 36.94 40.24
N GLN A 291 10.50 36.01 39.36
CA GLN A 291 9.22 35.32 39.41
C GLN A 291 9.37 34.03 40.20
N GLY A 292 8.54 33.89 41.24
CA GLY A 292 8.75 32.83 42.21
C GLY A 292 8.42 31.47 41.64
N LYS A 293 9.45 30.72 41.30
CA LYS A 293 9.29 29.49 40.54
C LYS A 293 10.09 28.39 41.20
N ALA A 294 9.82 27.16 40.78
CA ALA A 294 10.78 26.10 41.00
C ALA A 294 12.02 26.45 40.20
N TYR A 295 13.18 26.28 40.83
CA TYR A 295 14.51 26.64 40.33
C TYR A 295 14.71 28.14 40.10
N ARG A 296 13.71 28.97 40.45
CA ARG A 296 13.65 30.44 40.35
C ARG A 296 14.28 31.03 39.09
N GLN A 297 14.07 30.40 37.95
CA GLN A 297 14.75 30.79 36.72
C GLN A 297 13.99 31.89 36.02
N PRO A 298 14.60 33.04 35.75
CA PRO A 298 13.97 34.01 34.85
C PRO A 298 14.32 33.69 33.41
N LYS A 299 13.35 33.93 32.53
CA LYS A 299 13.54 33.56 31.12
C LYS A 299 14.35 34.59 30.37
N GLN A 300 14.33 35.85 30.82
CA GLN A 300 15.12 36.91 30.21
C GLN A 300 16.60 36.64 30.31
N LYS A 301 17.10 36.66 31.54
CA LYS A 301 18.53 36.79 31.80
C LYS A 301 19.30 35.51 31.56
N LEU A 302 18.61 34.40 31.27
CA LEU A 302 19.19 33.05 31.20
C LEU A 302 19.95 32.69 32.48
N ASP A 303 19.50 33.22 33.60
CA ASP A 303 20.10 32.95 34.89
C ASP A 303 19.43 31.76 35.55
N PHE A 304 20.08 31.23 36.57
CA PHE A 304 19.46 30.32 37.51
C PHE A 304 19.76 30.89 38.89
N TYR A 305 18.95 31.85 39.30
CA TYR A 305 18.86 32.19 40.71
C TYR A 305 18.37 30.94 41.44
N THR A 306 18.89 30.72 42.65
CA THR A 306 18.63 29.52 43.46
C THR A 306 18.98 28.27 42.66
N LEU A 307 20.28 28.10 42.42
CA LEU A 307 20.77 26.96 41.66
C LEU A 307 20.63 25.68 42.51
N LEU A 308 20.98 24.54 41.91
CA LEU A 308 21.01 23.26 42.62
C LEU A 308 21.95 23.26 43.80
N ASP A 309 23.13 23.87 43.64
CA ASP A 309 24.11 23.83 44.73
C ASP A 309 23.72 24.73 45.88
N ASN A 310 22.92 25.77 45.63
CA ASN A 310 22.29 26.49 46.71
C ASN A 310 21.08 25.73 47.20
N TRP A 311 20.52 26.16 48.32
CA TRP A 311 19.40 25.47 48.93
C TRP A 311 18.16 26.35 49.01
N VAL A 312 17.85 27.10 47.95
CA VAL A 312 16.69 27.98 47.95
C VAL A 312 15.81 27.50 46.79
N LEU A 313 15.89 26.22 46.49
CA LEU A 313 15.01 25.61 45.49
C LEU A 313 13.60 25.45 46.05
N ARG A 314 12.59 25.48 45.16
CA ARG A 314 11.32 24.89 45.55
C ARG A 314 11.48 23.40 45.72
N ASP A 315 12.22 22.75 44.85
CA ASP A 315 12.37 21.31 44.98
C ASP A 315 13.45 20.91 45.99
N GLU A 316 13.80 21.82 46.91
CA GLU A 316 14.40 21.48 48.19
C GLU A 316 13.59 22.03 49.36
N ALA A 317 12.45 22.64 49.12
CA ALA A 317 11.67 23.15 50.24
C ALA A 317 10.77 22.08 50.88
N PRO A 318 10.04 21.19 50.14
CA PRO A 318 9.52 20.00 50.82
C PRO A 318 10.54 18.88 50.87
N ALA A 319 11.59 18.94 50.05
CA ALA A 319 12.61 17.91 50.14
C ALA A 319 13.44 18.04 51.41
N VAL A 320 13.38 19.18 52.08
CA VAL A 320 13.91 19.34 53.41
C VAL A 320 12.80 19.54 54.43
N GLU A 321 11.73 20.24 54.06
CA GLU A 321 10.69 20.55 55.04
C GLU A 321 9.84 19.32 55.37
N GLN A 322 9.63 18.43 54.40
CA GLN A 322 8.91 17.18 54.66
C GLN A 322 9.69 16.18 55.50
N GLN A 323 10.95 16.46 55.83
CA GLN A 323 11.69 15.62 56.75
C GLN A 323 12.10 16.33 58.03
N HIS A 324 12.38 17.62 57.98
CA HIS A 324 13.06 18.29 59.08
C HIS A 324 12.45 19.61 59.50
N TYR A 325 11.42 20.12 58.82
CA TYR A 325 10.50 21.15 59.31
C TYR A 325 11.14 22.51 59.50
N VAL A 326 12.31 22.78 58.91
CA VAL A 326 13.03 24.02 59.15
C VAL A 326 13.37 24.65 57.80
N ILE A 327 12.71 25.76 57.47
CA ILE A 327 13.14 26.63 56.38
C ILE A 327 13.32 28.06 56.90
N ALA A 328 12.40 28.48 57.77
CA ALA A 328 12.44 29.75 58.51
C ALA A 328 12.38 30.97 57.58
N ASN A 329 11.18 31.16 57.02
CA ASN A 329 10.65 32.37 56.36
C ASN A 329 11.20 32.55 54.96
N LEU A 330 12.06 31.65 54.50
CA LEU A 330 12.18 31.35 53.09
C LEU A 330 11.16 30.30 52.68
N ILE A 331 10.28 29.90 53.62
CA ILE A 331 9.13 29.04 53.37
C ILE A 331 8.22 29.67 52.33
N ARG A 332 8.14 30.99 52.33
CA ARG A 332 7.25 31.73 51.45
C ARG A 332 7.66 31.56 49.98
N GLY A 333 8.95 31.46 49.71
CA GLY A 333 9.38 31.12 48.36
C GLY A 333 9.47 29.63 48.13
N GLY A 334 8.83 28.86 49.01
CA GLY A 334 8.68 27.42 48.88
C GLY A 334 7.24 27.01 49.07
N VAL A 335 6.40 27.96 49.48
CA VAL A 335 4.95 27.79 49.47
C VAL A 335 4.32 28.51 48.28
N PHE A 336 4.80 29.71 47.95
CA PHE A 336 4.34 30.35 46.73
C PHE A 336 4.81 29.64 45.47
N GLY A 337 5.82 28.78 45.57
CA GLY A 337 6.09 27.87 44.46
C GLY A 337 5.03 26.79 44.32
N GLU A 338 4.22 26.58 45.38
CA GLU A 338 3.11 25.65 45.33
C GLU A 338 1.77 26.34 45.10
N ALA A 339 1.67 27.64 45.33
CA ALA A 339 0.45 28.33 44.95
C ALA A 339 0.26 28.30 43.44
N GLU A 340 1.35 28.41 42.69
CA GLU A 340 1.27 28.22 41.24
C GLU A 340 2.38 27.32 40.75
N GLU B 15 -18.12 -28.08 39.72
CA GLU B 15 -19.50 -27.69 39.44
C GLU B 15 -19.66 -26.17 39.47
N ARG B 16 -20.26 -25.64 38.41
CA ARG B 16 -20.57 -24.21 38.24
C ARG B 16 -19.30 -23.36 38.32
N LYS B 17 -18.40 -23.59 37.37
CA LYS B 17 -17.18 -22.81 37.30
C LYS B 17 -17.47 -21.42 36.74
N LEU B 18 -16.47 -20.55 36.81
CA LEU B 18 -16.63 -19.20 36.31
C LEU B 18 -16.62 -19.19 34.78
N ASP B 19 -17.05 -18.06 34.23
CA ASP B 19 -17.14 -17.94 32.78
C ASP B 19 -15.75 -17.84 32.18
N PRO B 20 -15.53 -18.43 31.00
CA PRO B 20 -14.22 -18.29 30.35
C PRO B 20 -14.04 -16.92 29.74
N SER B 21 -15.15 -16.30 29.32
CA SER B 21 -15.11 -14.96 28.76
C SER B 21 -16.48 -14.33 28.99
N ASP B 22 -16.59 -13.52 30.03
CA ASP B 22 -17.81 -12.79 30.34
C ASP B 22 -17.58 -11.32 30.03
N ALA B 23 -18.66 -10.63 29.68
CA ALA B 23 -18.60 -9.22 29.36
C ALA B 23 -20.00 -8.63 29.44
N LEU B 24 -20.12 -7.46 30.06
CA LEU B 24 -21.42 -6.88 30.34
C LEU B 24 -21.55 -5.51 29.72
N MET B 25 -22.73 -5.20 29.20
CA MET B 25 -22.98 -3.90 28.59
C MET B 25 -23.01 -2.81 29.66
N SER B 26 -22.52 -1.63 29.29
CA SER B 26 -22.48 -0.50 30.23
C SER B 26 -23.88 0.10 30.34
N ALA B 27 -24.70 -0.53 31.18
CA ALA B 27 -25.98 0.04 31.53
C ALA B 27 -25.75 1.32 32.34
N GLY B 28 -26.65 2.28 32.19
CA GLY B 28 -26.36 3.57 32.75
C GLY B 28 -25.31 4.26 31.91
N ALA B 29 -25.62 4.51 30.65
CA ALA B 29 -24.66 5.05 29.70
C ALA B 29 -24.47 6.55 29.89
N TRP B 30 -23.70 7.16 29.01
CA TRP B 30 -23.24 8.52 29.23
C TRP B 30 -22.92 9.17 27.90
N ALA B 31 -23.32 10.41 27.71
CA ALA B 31 -23.08 11.13 26.47
C ALA B 31 -21.84 12.00 26.61
N GLN B 32 -21.58 12.79 25.57
CA GLN B 32 -20.50 13.77 25.63
C GLN B 32 -21.04 15.11 26.11
N ARG B 33 -20.11 15.98 26.51
CA ARG B 33 -20.44 17.31 26.96
C ARG B 33 -20.02 18.33 25.93
N ASP B 34 -20.83 19.36 25.76
CA ASP B 34 -20.51 20.47 24.87
C ASP B 34 -20.55 21.74 25.71
N ALA B 35 -19.38 22.19 26.14
CA ALA B 35 -19.29 23.38 26.97
C ALA B 35 -19.69 24.60 26.15
N SER B 36 -20.47 25.49 26.77
CA SER B 36 -20.99 26.67 26.10
C SER B 36 -21.38 27.69 27.15
N GLN B 37 -21.11 28.96 26.91
CA GLN B 37 -20.99 29.94 27.97
C GLN B 37 -22.04 31.03 27.93
N GLU B 38 -22.43 31.46 29.13
CA GLU B 38 -23.72 32.09 29.35
C GLU B 38 -23.52 33.17 30.41
N TRP B 39 -24.57 33.94 30.65
CA TRP B 39 -24.60 34.93 31.72
C TRP B 39 -25.78 34.66 32.63
N PRO B 40 -25.65 34.85 33.95
CA PRO B 40 -26.76 34.59 34.84
C PRO B 40 -27.85 35.63 34.65
N ALA B 41 -29.10 35.19 34.90
CA ALA B 41 -30.41 35.78 34.55
C ALA B 41 -30.67 35.70 33.04
N VAL B 42 -29.68 35.26 32.29
CA VAL B 42 -29.89 34.63 31.00
C VAL B 42 -29.67 33.12 31.13
N THR B 43 -29.72 32.62 32.37
CA THR B 43 -29.54 31.20 32.69
C THR B 43 -30.61 30.34 32.03
N VAL B 44 -31.85 30.80 32.03
CA VAL B 44 -32.96 29.97 31.57
C VAL B 44 -32.94 29.85 30.05
N ARG B 45 -32.36 30.81 29.34
CA ARG B 45 -32.45 30.89 27.89
C ARG B 45 -31.25 30.26 27.20
N GLU B 46 -30.74 29.15 27.71
CA GLU B 46 -29.57 28.49 27.13
C GLU B 46 -30.00 27.71 25.89
N LYS B 47 -30.27 28.45 24.83
CA LYS B 47 -30.49 27.86 23.52
C LYS B 47 -29.50 28.35 22.49
N SER B 48 -29.37 29.67 22.33
CA SER B 48 -28.41 30.27 21.42
C SER B 48 -27.05 30.51 22.07
N VAL B 49 -26.74 29.78 23.12
CA VAL B 49 -25.51 29.96 23.88
C VAL B 49 -24.35 29.35 23.11
N ARG B 50 -23.36 30.18 22.78
CA ARG B 50 -22.31 29.80 21.86
C ARG B 50 -21.31 28.86 22.50
N GLY B 51 -20.82 27.93 21.70
CA GLY B 51 -19.82 27.00 22.16
C GLY B 51 -18.48 27.66 22.34
N THR B 52 -17.58 26.95 23.02
CA THR B 52 -16.29 27.49 23.45
C THR B 52 -15.21 26.78 22.66
N ILE B 53 -14.64 27.48 21.68
CA ILE B 53 -13.68 26.86 20.78
C ILE B 53 -12.36 26.65 21.53
N SER B 54 -11.76 25.48 21.35
CA SER B 54 -10.49 25.19 21.99
C SER B 54 -9.42 26.03 21.31
N ASN B 55 -9.06 27.13 21.97
CA ASN B 55 -8.08 28.10 21.50
C ASN B 55 -6.70 27.45 21.45
N ARG B 56 -5.79 28.04 20.66
CA ARG B 56 -4.40 27.62 20.61
C ARG B 56 -3.52 28.64 21.31
N LEU B 57 -3.00 28.28 22.48
CA LEU B 57 -1.96 29.05 23.14
C LEU B 57 -0.60 28.47 22.79
N LYS B 58 0.42 29.32 22.86
CA LYS B 58 1.79 28.95 22.54
C LYS B 58 2.67 29.42 23.69
N THR B 59 3.39 28.49 24.30
CA THR B 59 4.05 28.73 25.58
C THR B 59 5.56 28.78 25.42
N LYS B 60 6.22 29.36 26.43
CA LYS B 60 7.67 29.26 26.59
C LYS B 60 7.94 29.10 28.07
N ASP B 61 8.36 27.92 28.48
CA ASP B 61 8.35 27.56 29.89
C ASP B 61 9.72 27.69 30.53
N ARG B 62 9.83 27.20 31.75
CA ARG B 62 11.06 26.89 32.44
C ARG B 62 11.05 25.39 32.67
N ASP B 63 12.00 24.88 33.46
CA ASP B 63 12.05 23.46 33.79
C ASP B 63 11.81 23.25 35.27
N PRO B 64 10.57 23.17 35.73
CA PRO B 64 10.31 22.95 37.16
C PRO B 64 10.42 21.50 37.59
N ALA B 65 10.66 20.57 36.68
CA ALA B 65 10.70 19.17 37.04
C ALA B 65 12.00 18.84 37.80
N LYS B 66 11.91 17.87 38.69
CA LYS B 66 13.07 17.42 39.46
C LYS B 66 13.94 16.49 38.63
N LEU B 67 15.26 16.70 38.68
CA LEU B 67 16.14 15.81 37.94
C LEU B 67 16.38 14.51 38.70
N ASP B 68 16.90 13.53 37.98
CA ASP B 68 17.38 12.30 38.61
C ASP B 68 18.84 12.49 39.01
N ALA B 69 19.20 12.00 40.20
CA ALA B 69 20.48 12.37 40.78
C ALA B 69 21.41 11.18 41.02
N SER B 70 21.56 10.29 40.05
CA SER B 70 22.42 9.13 40.27
C SER B 70 23.89 9.47 40.01
N ILE B 71 24.25 9.71 38.74
CA ILE B 71 25.60 10.14 38.39
C ILE B 71 25.51 11.11 37.22
N GLN B 72 25.58 12.41 37.49
CA GLN B 72 25.34 13.41 36.48
C GLN B 72 26.33 14.55 36.63
N SER B 73 26.76 15.08 35.50
CA SER B 73 27.69 16.20 35.50
C SER B 73 26.94 17.50 35.73
N PRO B 74 27.45 18.40 36.57
CA PRO B 74 26.75 19.66 36.82
C PRO B 74 26.89 20.68 35.70
N ASN B 75 27.70 20.40 34.68
CA ASN B 75 27.84 21.32 33.57
C ASN B 75 26.61 21.32 32.66
N LEU B 76 25.79 20.28 32.73
CA LEU B 76 24.61 20.16 31.89
C LEU B 76 23.36 20.71 32.57
N GLN B 77 23.17 20.43 33.86
CA GLN B 77 21.92 20.78 34.53
C GLN B 77 21.75 22.29 34.70
N THR B 78 22.86 23.02 34.86
CA THR B 78 22.77 24.48 35.00
C THR B 78 22.32 25.12 33.70
N VAL B 79 22.85 24.65 32.57
CA VAL B 79 22.43 25.16 31.28
C VAL B 79 21.01 24.73 30.98
N ASP B 80 20.69 23.47 31.26
CA ASP B 80 19.40 22.90 30.86
C ASP B 80 18.25 23.49 31.66
N VAL B 81 18.47 23.77 32.94
CA VAL B 81 17.50 24.54 33.70
C VAL B 81 17.50 26.00 33.24
N ALA B 82 18.66 26.53 32.85
CA ALA B 82 18.71 27.91 32.39
C ALA B 82 18.04 28.13 31.03
N ASN B 83 17.72 27.08 30.27
CA ASN B 83 17.24 27.21 28.91
C ASN B 83 15.73 27.47 28.87
N LEU B 84 15.14 27.34 27.69
CA LEU B 84 13.71 27.61 27.49
C LEU B 84 13.04 26.46 26.73
N PRO B 85 12.11 25.74 27.36
CA PRO B 85 11.24 24.77 26.65
C PRO B 85 9.94 25.36 26.11
N SER B 86 10.02 25.98 24.95
CA SER B 86 8.81 26.50 24.33
C SER B 86 8.06 25.38 23.63
N ASP B 87 6.73 25.38 23.79
CA ASP B 87 5.85 24.50 23.03
C ASP B 87 4.49 25.15 22.90
N ALA B 88 3.60 24.47 22.19
CA ALA B 88 2.24 24.96 22.00
C ALA B 88 1.28 24.15 22.87
N ASP B 89 0.25 24.82 23.36
CA ASP B 89 -0.77 24.21 24.21
C ASP B 89 -2.12 24.66 23.71
N THR B 90 -2.94 23.74 23.23
CA THR B 90 -4.27 24.12 22.77
C THR B 90 -5.21 24.15 23.97
N LEU B 91 -5.14 25.24 24.72
CA LEU B 91 -5.90 25.39 25.94
C LEU B 91 -7.25 26.03 25.66
N LYS B 92 -8.26 25.58 26.38
CA LYS B 92 -9.63 26.02 26.18
C LYS B 92 -9.98 27.10 27.18
N VAL B 93 -10.29 28.29 26.68
CA VAL B 93 -10.42 29.49 27.48
C VAL B 93 -11.85 29.98 27.28
N ARG B 94 -12.42 30.63 28.29
CA ARG B 94 -13.80 31.06 28.22
C ARG B 94 -13.99 32.23 27.28
N PHE B 95 -15.23 32.72 27.20
CA PHE B 95 -15.48 33.96 26.50
C PHE B 95 -15.06 35.17 27.32
N THR B 96 -15.14 36.34 26.70
CA THR B 96 -14.72 37.57 27.33
C THR B 96 -15.71 38.02 28.40
N LEU B 97 -16.97 38.18 28.01
CA LEU B 97 -18.01 38.71 28.88
C LEU B 97 -19.06 37.66 29.22
N ARG B 98 -18.63 36.44 29.53
CA ARG B 98 -19.53 35.36 29.89
C ARG B 98 -19.16 34.85 31.27
N VAL B 99 -20.13 34.80 32.18
CA VAL B 99 -19.87 34.41 33.55
C VAL B 99 -20.14 32.92 33.75
N LEU B 100 -21.18 32.39 33.14
CA LEU B 100 -21.63 31.03 33.44
C LEU B 100 -20.79 30.02 32.69
N GLY B 101 -21.27 28.79 32.66
CA GLY B 101 -20.69 27.74 31.84
C GLY B 101 -21.76 26.82 31.25
N GLY B 102 -21.38 25.62 30.86
CA GLY B 102 -22.33 24.71 30.27
C GLY B 102 -21.81 23.30 30.18
N ALA B 103 -22.69 22.31 30.35
CA ALA B 103 -22.32 20.91 30.10
C ALA B 103 -23.61 20.18 29.74
N GLY B 104 -23.84 19.98 28.45
CA GLY B 104 -25.05 19.33 27.99
C GLY B 104 -24.87 17.85 27.75
N THR B 105 -25.27 17.01 28.70
CA THR B 105 -25.09 15.57 28.60
C THR B 105 -26.37 14.81 28.84
N PRO B 106 -26.90 14.13 27.85
CA PRO B 106 -27.95 13.14 28.09
C PRO B 106 -27.44 11.76 28.47
N SER B 107 -27.21 11.50 29.75
CA SER B 107 -26.93 10.15 30.20
C SER B 107 -28.23 9.38 30.17
N ALA B 108 -28.31 8.37 29.32
CA ALA B 108 -29.46 7.48 29.27
C ALA B 108 -29.09 6.18 29.95
N CYS B 109 -29.98 5.67 30.79
CA CYS B 109 -29.72 4.47 31.56
C CYS B 109 -30.34 3.28 30.86
N ASN B 110 -29.51 2.31 30.49
CA ASN B 110 -30.05 1.10 29.89
C ASN B 110 -30.63 0.21 30.97
N ASP B 111 -31.34 -0.81 30.52
CA ASP B 111 -31.95 -1.79 31.41
C ASP B 111 -30.94 -2.88 31.71
N ALA B 112 -31.41 -4.00 32.27
CA ALA B 112 -30.70 -5.28 32.31
C ALA B 112 -29.37 -5.16 33.08
N ALA B 113 -29.53 -4.99 34.40
CA ALA B 113 -28.40 -4.75 35.28
C ALA B 113 -27.35 -5.86 35.24
N TYR B 114 -27.75 -7.09 34.98
CA TYR B 114 -26.77 -8.15 34.86
C TYR B 114 -27.03 -9.13 33.74
N ARG B 115 -27.98 -8.87 32.86
CA ARG B 115 -28.09 -9.66 31.64
C ARG B 115 -26.89 -9.35 30.75
N ASP B 116 -26.13 -10.37 30.39
CA ASP B 116 -24.79 -10.19 29.88
C ASP B 116 -24.80 -9.70 28.44
N LYS B 117 -23.59 -9.64 27.87
CA LYS B 117 -23.41 -9.53 26.44
C LYS B 117 -22.65 -10.70 25.86
N LEU B 118 -21.85 -11.40 26.66
CA LEU B 118 -21.21 -12.64 26.27
C LEU B 118 -21.46 -13.66 27.38
N LEU B 119 -21.71 -14.91 26.97
CA LEU B 119 -22.10 -15.98 27.89
C LEU B 119 -21.25 -17.19 27.58
N GLN B 120 -20.04 -17.27 28.12
CA GLN B 120 -19.20 -18.41 27.77
C GLN B 120 -19.63 -19.70 28.45
N THR B 121 -20.55 -19.62 29.41
CA THR B 121 -21.26 -20.78 29.95
C THR B 121 -22.65 -20.31 30.35
N VAL B 122 -23.68 -21.01 29.89
CA VAL B 122 -25.04 -20.53 30.09
C VAL B 122 -25.47 -20.74 31.54
N ALA B 123 -24.88 -21.72 32.24
CA ALA B 123 -25.22 -21.95 33.64
C ALA B 123 -24.77 -20.77 34.51
N THR B 124 -23.62 -20.19 34.20
CA THR B 124 -23.16 -19.00 34.90
C THR B 124 -24.08 -17.81 34.59
N TYR B 125 -24.64 -17.77 33.37
CA TYR B 125 -25.60 -16.73 33.03
C TYR B 125 -26.90 -16.89 33.81
N VAL B 126 -27.33 -18.13 34.03
CA VAL B 126 -28.53 -18.37 34.83
C VAL B 126 -28.26 -18.00 36.28
N ASN B 127 -27.03 -18.24 36.76
CA ASN B 127 -26.63 -17.81 38.09
C ASN B 127 -26.70 -16.29 38.21
N ASP B 128 -26.02 -15.57 37.30
CA ASP B 128 -25.93 -14.12 37.39
C ASP B 128 -27.27 -13.43 37.18
N GLN B 129 -28.15 -14.03 36.36
CA GLN B 129 -29.51 -13.55 36.32
C GLN B 129 -30.23 -13.83 37.63
N GLY B 130 -29.88 -14.94 38.30
CA GLY B 130 -30.36 -15.16 39.64
C GLY B 130 -29.87 -14.15 40.65
N PHE B 131 -28.66 -13.61 40.43
CA PHE B 131 -28.12 -12.64 41.37
C PHE B 131 -28.63 -11.24 41.13
N ALA B 132 -28.93 -10.89 39.88
CA ALA B 132 -29.70 -9.68 39.66
C ALA B 132 -31.12 -9.84 40.19
N GLU B 133 -31.63 -11.08 40.20
CA GLU B 133 -32.94 -11.32 40.81
C GLU B 133 -32.88 -11.15 42.33
N LEU B 134 -31.80 -11.58 42.95
CA LEU B 134 -31.68 -11.41 44.40
C LEU B 134 -31.38 -9.96 44.76
N ALA B 135 -30.26 -9.43 44.26
CA ALA B 135 -29.83 -8.08 44.59
C ALA B 135 -30.68 -7.00 43.93
N ARG B 136 -31.59 -7.37 43.05
CA ARG B 136 -32.62 -6.44 42.59
C ARG B 136 -33.96 -6.70 43.25
N ARG B 137 -34.17 -7.88 43.82
CA ARG B 137 -35.41 -8.18 44.53
C ARG B 137 -35.29 -7.87 46.02
N TYR B 138 -34.22 -8.35 46.65
CA TYR B 138 -34.04 -8.10 48.08
C TYR B 138 -33.54 -6.68 48.34
N ALA B 139 -32.34 -6.36 47.87
CA ALA B 139 -31.78 -5.03 48.03
C ALA B 139 -32.44 -4.10 47.01
N HIS B 140 -33.35 -3.25 47.49
CA HIS B 140 -34.01 -2.30 46.62
C HIS B 140 -32.99 -1.24 46.17
N ASN B 141 -33.15 -0.74 44.95
CA ASN B 141 -32.19 0.20 44.38
C ASN B 141 -32.47 1.65 44.77
N LEU B 142 -33.15 1.89 45.89
CA LEU B 142 -33.31 3.22 46.46
C LEU B 142 -31.97 3.88 46.77
N ALA B 143 -31.23 3.31 47.72
CA ALA B 143 -29.94 3.89 48.11
C ALA B 143 -28.86 3.64 47.06
N ASN B 144 -29.04 2.63 46.21
CA ASN B 144 -28.15 2.38 45.08
C ASN B 144 -28.12 3.54 44.10
N ALA B 145 -29.30 3.91 43.58
CA ALA B 145 -29.40 5.08 42.72
C ALA B 145 -29.25 6.36 43.50
N ARG B 146 -29.43 6.33 44.83
CA ARG B 146 -29.02 7.48 45.62
C ARG B 146 -27.49 7.63 45.65
N PHE B 147 -26.74 6.54 45.48
CA PHE B 147 -25.32 6.70 45.20
C PHE B 147 -25.10 7.22 43.78
N LEU B 148 -25.82 6.69 42.78
CA LEU B 148 -25.61 7.21 41.42
C LEU B 148 -26.23 8.58 41.18
N TRP B 149 -26.90 9.18 42.14
CA TRP B 149 -27.41 10.54 41.98
C TRP B 149 -26.79 11.48 43.00
N ARG B 150 -26.91 11.20 44.30
CA ARG B 150 -26.37 12.06 45.35
C ARG B 150 -24.86 12.15 45.36
N ASN B 151 -24.16 11.30 44.60
CA ASN B 151 -22.75 11.50 44.32
C ASN B 151 -22.52 11.73 42.82
N ARG B 152 -23.55 12.13 42.10
CA ARG B 152 -23.39 12.66 40.74
C ARG B 152 -24.36 13.79 40.42
N VAL B 153 -25.17 14.25 41.36
CA VAL B 153 -25.87 15.53 41.24
C VAL B 153 -25.05 16.65 41.86
N GLY B 154 -24.49 16.37 43.04
CA GLY B 154 -23.33 17.12 43.51
C GLY B 154 -22.30 16.93 42.44
N ALA B 155 -22.09 17.97 41.65
CA ALA B 155 -21.68 17.83 40.27
C ALA B 155 -20.24 17.38 40.10
N GLU B 156 -19.96 16.13 40.43
CA GLU B 156 -18.71 15.53 40.01
C GLU B 156 -18.70 15.28 38.51
N ALA B 157 -19.85 15.42 37.85
CA ALA B 157 -19.99 15.61 36.41
C ALA B 157 -18.94 16.56 35.85
N VAL B 158 -18.97 17.80 36.36
CA VAL B 158 -17.98 18.82 36.03
C VAL B 158 -16.76 18.54 36.89
N GLU B 159 -15.66 18.10 36.27
CA GLU B 159 -14.61 17.44 37.06
C GLU B 159 -13.64 18.41 37.72
N VAL B 160 -12.85 19.12 36.93
CA VAL B 160 -11.83 20.01 37.47
C VAL B 160 -12.35 21.42 37.48
N ARG B 161 -13.29 21.74 36.60
CA ARG B 161 -14.02 22.99 36.56
C ARG B 161 -14.99 23.15 37.73
N ILE B 162 -15.16 22.12 38.58
CA ILE B 162 -15.93 22.31 39.81
C ILE B 162 -15.15 23.15 40.82
N ASN B 163 -13.84 23.27 40.66
CA ASN B 163 -12.99 23.86 41.69
C ASN B 163 -13.25 25.36 41.78
N HIS B 164 -13.81 25.76 42.93
CA HIS B 164 -14.17 27.14 43.27
C HIS B 164 -15.11 27.74 42.23
N ILE B 165 -16.28 27.22 42.21
CA ILE B 165 -17.39 27.86 41.51
C ILE B 165 -18.04 28.82 42.50
N ARG B 166 -18.57 29.93 41.99
CA ARG B 166 -19.58 30.67 42.74
C ARG B 166 -20.75 29.77 43.10
N GLN B 167 -21.44 29.23 42.09
CA GLN B 167 -22.56 28.33 42.32
C GLN B 167 -22.76 27.46 41.09
N GLY B 168 -22.36 26.19 41.16
CA GLY B 168 -22.50 25.29 40.04
C GLY B 168 -23.86 24.63 40.01
N GLU B 169 -24.79 25.18 39.22
CA GLU B 169 -26.17 24.72 39.19
C GLU B 169 -26.36 23.64 38.15
N VAL B 170 -26.95 22.52 38.57
CA VAL B 170 -27.24 21.39 37.69
C VAL B 170 -28.74 21.38 37.41
N ALA B 171 -29.11 21.33 36.14
CA ALA B 171 -30.51 21.27 35.73
C ALA B 171 -30.72 19.97 34.97
N ARG B 172 -31.02 18.88 35.69
CA ARG B 172 -31.30 17.58 35.07
C ARG B 172 -32.74 17.57 34.56
N ALA B 173 -32.92 18.07 33.35
CA ALA B 173 -34.18 17.87 32.67
C ALA B 173 -34.29 16.42 32.21
N TRP B 174 -35.52 15.93 32.11
CA TRP B 174 -35.76 14.58 31.64
C TRP B 174 -36.93 14.56 30.67
N ARG B 175 -36.78 13.83 29.56
CA ARG B 175 -37.69 13.92 28.44
C ARG B 175 -38.13 12.54 27.98
N PHE B 176 -39.46 12.34 27.92
CA PHE B 176 -40.03 11.28 27.09
C PHE B 176 -39.57 11.42 25.64
N ASP B 177 -39.75 12.62 25.11
CA ASP B 177 -39.78 12.94 23.69
C ASP B 177 -39.22 14.34 23.56
N ALA B 178 -39.61 15.07 22.52
CA ALA B 178 -39.37 16.51 22.51
C ALA B 178 -39.93 17.19 23.75
N LEU B 179 -41.09 16.73 24.24
CA LEU B 179 -41.58 17.17 25.53
C LEU B 179 -40.72 16.61 26.65
N ALA B 180 -40.68 17.33 27.77
CA ALA B 180 -39.88 16.95 28.93
C ALA B 180 -40.70 17.16 30.19
N ILE B 181 -40.83 16.11 31.01
CA ILE B 181 -41.70 16.19 32.18
C ILE B 181 -40.91 16.32 33.47
N GLY B 182 -40.03 15.35 33.73
CA GLY B 182 -39.21 15.42 34.93
C GLY B 182 -38.20 16.55 34.80
N LEU B 183 -38.44 17.64 35.53
CA LEU B 183 -37.65 18.87 35.41
C LEU B 183 -37.17 19.22 36.80
N ARG B 184 -36.03 18.68 37.20
CA ARG B 184 -35.51 18.93 38.54
C ARG B 184 -34.27 19.82 38.47
N ASP B 185 -34.21 20.77 39.38
CA ASP B 185 -33.18 21.80 39.41
C ASP B 185 -32.45 21.71 40.75
N PHE B 186 -31.20 22.16 40.78
CA PHE B 186 -30.37 21.89 41.95
C PHE B 186 -29.47 23.07 42.26
N LYS B 187 -28.57 22.85 43.22
CA LYS B 187 -27.45 23.75 43.51
C LYS B 187 -26.35 22.87 44.09
N ALA B 188 -25.42 22.45 43.24
CA ALA B 188 -24.50 21.37 43.59
C ALA B 188 -23.37 21.81 44.52
N ASP B 189 -23.30 23.07 44.91
CA ASP B 189 -22.37 23.46 45.96
C ASP B 189 -22.94 23.26 47.35
N ALA B 190 -24.24 23.01 47.46
CA ALA B 190 -24.86 22.67 48.73
C ALA B 190 -24.82 21.18 49.00
N GLU B 191 -24.11 20.41 48.19
CA GLU B 191 -24.01 18.96 48.34
C GLU B 191 -22.55 18.57 48.36
N LEU B 192 -22.18 17.73 49.32
CA LEU B 192 -20.79 17.34 49.50
C LEU B 192 -20.36 16.36 48.42
N ASP B 193 -19.09 15.96 48.50
CA ASP B 193 -18.56 14.91 47.64
C ASP B 193 -17.96 13.77 48.45
N ALA B 194 -18.15 13.75 49.76
CA ALA B 194 -17.65 12.68 50.61
C ALA B 194 -18.75 11.88 51.28
N LEU B 195 -19.90 12.47 51.55
CA LEU B 195 -21.02 11.77 52.17
C LEU B 195 -22.31 12.21 51.51
N ALA B 196 -23.16 11.24 51.18
CA ALA B 196 -24.47 11.53 50.60
C ALA B 196 -25.47 11.82 51.70
N GLU B 197 -26.04 13.02 51.69
CA GLU B 197 -26.98 13.46 52.70
C GLU B 197 -28.42 13.39 52.18
N LEU B 198 -29.36 13.41 53.12
CA LEU B 198 -30.76 13.09 52.84
C LEU B 198 -31.43 14.26 52.13
N ILE B 199 -31.75 14.08 50.85
CA ILE B 199 -32.42 15.09 50.04
C ILE B 199 -33.66 14.46 49.42
N ALA B 200 -34.77 15.18 49.43
CA ALA B 200 -36.03 14.64 48.92
C ALA B 200 -36.01 14.52 47.40
N SER B 201 -35.61 15.58 46.71
CA SER B 201 -35.59 15.55 45.25
C SER B 201 -34.51 14.61 44.73
N GLY B 202 -33.42 14.45 45.49
CA GLY B 202 -32.47 13.40 45.17
C GLY B 202 -33.07 12.01 45.31
N LEU B 203 -34.03 11.84 46.22
CA LEU B 203 -34.76 10.59 46.28
C LEU B 203 -35.78 10.47 45.15
N SER B 204 -36.23 11.58 44.59
CA SER B 204 -37.07 11.48 43.40
C SER B 204 -36.24 11.02 42.20
N GLY B 205 -35.08 11.64 42.00
CA GLY B 205 -34.21 11.23 40.90
C GLY B 205 -33.68 9.82 41.07
N SER B 206 -33.45 9.39 42.30
CA SER B 206 -33.05 8.01 42.53
C SER B 206 -34.24 7.07 42.41
N GLY B 207 -35.46 7.55 42.63
CA GLY B 207 -36.63 6.77 42.26
C GLY B 207 -36.81 6.67 40.77
N HIS B 208 -36.22 7.60 40.03
CA HIS B 208 -36.30 7.58 38.59
C HIS B 208 -35.24 6.67 37.99
N VAL B 209 -34.05 6.65 38.58
CA VAL B 209 -33.07 5.66 38.15
C VAL B 209 -33.45 4.28 38.69
N LEU B 210 -34.23 4.24 39.78
CA LEU B 210 -34.99 3.03 40.11
C LEU B 210 -35.91 2.62 38.97
N LEU B 211 -36.61 3.59 38.36
CA LEU B 211 -37.39 3.27 37.18
C LEU B 211 -36.53 3.09 35.93
N GLU B 212 -35.21 3.14 36.03
CA GLU B 212 -34.35 2.92 34.88
C GLU B 212 -33.64 1.57 34.91
N VAL B 213 -32.89 1.28 35.97
CA VAL B 213 -32.04 0.11 35.99
C VAL B 213 -32.86 -1.17 36.16
N VAL B 214 -34.06 -1.06 36.72
CA VAL B 214 -34.92 -2.21 36.94
C VAL B 214 -35.92 -2.36 35.79
N ALA B 215 -35.63 -1.72 34.64
CA ALA B 215 -36.32 -1.91 33.35
C ALA B 215 -37.80 -1.53 33.44
N PHE B 216 -38.03 -0.24 33.65
CA PHE B 216 -39.39 0.28 33.64
C PHE B 216 -39.69 1.25 32.50
N ALA B 217 -38.75 2.09 32.09
CA ALA B 217 -39.09 3.12 31.11
C ALA B 217 -37.87 3.54 30.32
N ARG B 218 -38.11 4.17 29.17
CA ARG B 218 -37.06 4.87 28.44
C ARG B 218 -36.70 6.13 29.19
N ILE B 219 -35.43 6.24 29.56
CA ILE B 219 -34.94 7.30 30.42
C ILE B 219 -33.63 7.83 29.84
N GLY B 220 -33.66 9.07 29.38
CA GLY B 220 -32.45 9.78 28.99
C GLY B 220 -32.44 11.14 29.65
N ASP B 221 -31.50 11.37 30.56
CA ASP B 221 -31.49 12.53 31.43
C ASP B 221 -30.68 13.65 30.79
N GLY B 222 -31.36 14.57 30.12
CA GLY B 222 -30.64 15.70 29.56
C GLY B 222 -30.19 16.67 30.63
N GLN B 223 -28.89 16.67 30.93
CA GLN B 223 -28.29 17.47 31.98
C GLN B 223 -27.76 18.77 31.42
N GLU B 224 -27.93 19.87 32.15
CA GLU B 224 -27.41 21.17 31.70
C GLU B 224 -26.81 21.83 32.92
N VAL B 225 -25.52 21.60 33.15
CA VAL B 225 -24.85 22.07 34.36
C VAL B 225 -24.27 23.45 34.08
N PHE B 226 -24.54 24.39 34.97
CA PHE B 226 -24.12 25.79 34.79
C PHE B 226 -23.17 26.23 35.90
N PRO B 227 -21.87 25.99 35.77
CA PRO B 227 -20.91 26.60 36.71
C PRO B 227 -20.82 28.10 36.48
N SER B 228 -21.14 28.86 37.52
CA SER B 228 -21.28 30.31 37.46
C SER B 228 -20.00 31.01 37.88
N GLN B 229 -18.85 30.45 37.51
CA GLN B 229 -17.57 30.83 38.09
C GLN B 229 -17.17 32.27 37.87
N GLU B 230 -16.81 32.61 36.64
CA GLU B 230 -16.29 33.94 36.34
C GLU B 230 -16.25 34.11 34.84
N LEU B 231 -15.57 35.17 34.42
CA LEU B 231 -15.20 35.48 33.05
C LEU B 231 -14.01 34.61 32.65
N ILE B 232 -13.15 35.12 31.78
CA ILE B 232 -12.32 34.44 30.78
C ILE B 232 -11.43 33.29 31.28
N LEU B 233 -11.61 32.84 32.53
CA LEU B 233 -10.82 31.76 33.16
C LEU B 233 -10.68 30.47 32.38
N ASP B 234 -9.73 29.62 32.78
CA ASP B 234 -9.48 28.39 32.06
C ASP B 234 -10.53 27.33 32.42
N LYS B 235 -10.27 26.09 32.02
CA LYS B 235 -11.23 25.00 32.19
C LYS B 235 -10.50 23.72 32.54
N GLY B 236 -11.22 22.62 32.38
CA GLY B 236 -10.71 21.29 32.61
C GLY B 236 -11.17 20.30 31.57
N ASP B 237 -11.28 20.74 30.32
CA ASP B 237 -11.75 19.88 29.23
C ASP B 237 -10.83 18.68 29.03
N LYS B 238 -11.39 17.62 28.47
CA LYS B 238 -10.67 16.37 28.42
C LYS B 238 -9.61 16.41 27.33
N LYS B 239 -8.37 16.13 27.72
CA LYS B 239 -7.26 16.19 26.80
C LYS B 239 -7.22 14.97 25.90
N GLY B 240 -6.70 15.16 24.69
CA GLY B 240 -6.43 14.06 23.79
C GLY B 240 -5.10 13.42 24.11
N GLN B 241 -4.38 13.02 23.07
CA GLN B 241 -3.06 12.44 23.24
C GLN B 241 -2.08 12.98 22.20
N LYS B 242 -0.82 12.59 22.40
CA LYS B 242 0.29 12.95 21.52
C LYS B 242 1.15 11.72 21.22
N SER B 243 0.49 10.61 20.92
CA SER B 243 1.19 9.38 20.56
C SER B 243 1.33 9.33 19.04
N LYS B 244 2.58 9.42 18.58
CA LYS B 244 2.99 9.50 17.16
C LYS B 244 2.35 10.67 16.42
N THR B 245 1.94 11.71 17.13
CA THR B 245 1.54 12.97 16.54
C THR B 245 2.36 14.14 17.07
N LEU B 246 3.27 13.88 18.00
CA LEU B 246 4.22 14.87 18.49
C LEU B 246 5.51 14.90 17.67
N TYR B 247 5.47 14.37 16.46
CA TYR B 247 6.59 14.28 15.54
C TYR B 247 6.27 14.88 14.18
N SER B 248 5.05 14.67 13.68
CA SER B 248 4.64 15.34 12.45
C SER B 248 4.37 16.82 12.70
N VAL B 249 3.61 17.13 13.75
CA VAL B 249 3.34 18.51 14.12
C VAL B 249 4.43 18.98 15.06
N ARG B 250 4.66 18.23 16.14
CA ARG B 250 5.73 18.45 17.13
C ARG B 250 5.64 19.82 17.80
N ASP B 251 4.44 20.38 17.87
CA ASP B 251 4.22 21.68 18.49
C ASP B 251 3.28 21.61 19.67
N ALA B 252 2.11 21.02 19.50
CA ALA B 252 1.13 20.94 20.57
C ALA B 252 1.59 19.94 21.62
N ALA B 253 1.12 20.13 22.85
CA ALA B 253 1.42 19.20 23.92
C ALA B 253 0.19 18.86 24.75
N ALA B 254 -0.93 19.52 24.50
CA ALA B 254 -2.17 19.25 25.22
C ALA B 254 -3.31 19.52 24.25
N ILE B 255 -3.84 18.47 23.64
CA ILE B 255 -4.93 18.61 22.67
C ILE B 255 -6.23 18.49 23.44
N HIS B 256 -6.88 19.62 23.69
CA HIS B 256 -8.23 19.58 24.23
C HIS B 256 -9.19 19.14 23.15
N SER B 257 -9.83 17.99 23.38
CA SER B 257 -10.57 17.32 22.32
C SER B 257 -11.87 18.04 22.01
N GLN B 258 -12.33 17.88 20.77
CA GLN B 258 -13.42 18.66 20.23
C GLN B 258 -14.54 17.78 19.72
N LYS B 259 -15.77 18.25 19.92
CA LYS B 259 -16.92 17.87 19.12
C LYS B 259 -16.91 18.71 17.86
N ILE B 260 -18.03 18.80 17.16
CA ILE B 260 -18.07 19.66 15.98
C ILE B 260 -18.08 21.10 16.45
N GLY B 261 -16.89 21.70 16.49
CA GLY B 261 -16.72 23.10 16.82
C GLY B 261 -16.78 23.47 18.28
N ASN B 262 -16.78 22.49 19.20
CA ASN B 262 -16.88 22.80 20.62
C ASN B 262 -15.80 22.06 21.39
N ALA B 263 -15.90 22.02 22.72
CA ALA B 263 -14.91 21.35 23.56
C ALA B 263 -15.54 20.16 24.24
N LEU B 264 -14.95 18.99 24.06
CA LEU B 264 -15.51 17.80 24.66
C LEU B 264 -15.26 17.75 26.14
N ARG B 265 -16.02 16.89 26.81
CA ARG B 265 -15.54 16.09 27.91
C ARG B 265 -15.73 14.66 27.45
N THR B 266 -14.64 13.92 27.32
CA THR B 266 -14.73 12.56 26.81
C THR B 266 -15.54 11.71 27.78
N ILE B 267 -16.33 10.79 27.23
CA ILE B 267 -17.22 9.93 28.02
C ILE B 267 -16.41 9.05 28.96
N ASP B 268 -15.17 8.76 28.57
CA ASP B 268 -14.23 8.06 29.42
C ASP B 268 -14.01 8.76 30.75
N THR B 269 -13.81 10.09 30.74
CA THR B 269 -13.78 10.81 32.03
C THR B 269 -15.16 10.90 32.63
N TRP B 270 -16.18 10.98 31.79
CA TRP B 270 -17.52 11.28 32.26
C TRP B 270 -18.13 10.10 33.02
N TYR B 271 -17.63 8.89 32.83
CA TYR B 271 -18.19 7.76 33.59
C TYR B 271 -17.77 7.79 35.06
N PRO B 272 -16.49 7.98 35.44
CA PRO B 272 -16.20 8.16 36.86
C PRO B 272 -16.66 9.46 37.46
N ASP B 273 -17.40 10.29 36.75
CA ASP B 273 -18.25 11.24 37.43
C ASP B 273 -19.37 10.52 38.14
N GLU B 274 -19.93 9.51 37.49
CA GLU B 274 -21.05 8.77 38.03
C GLU B 274 -20.66 7.37 38.48
N ASP B 275 -19.51 6.87 38.03
CA ASP B 275 -19.00 5.63 38.57
C ASP B 275 -18.34 5.83 39.93
N GLY B 276 -18.15 7.07 40.38
CA GLY B 276 -17.72 7.34 41.75
C GLY B 276 -18.88 7.10 42.71
N LEU B 277 -18.93 5.87 43.19
CA LEU B 277 -20.03 5.42 44.03
C LEU B 277 -19.59 5.09 45.44
N GLY B 278 -18.68 4.15 45.61
CA GLY B 278 -18.56 3.46 46.87
C GLY B 278 -17.45 3.93 47.77
N PRO B 279 -17.82 4.39 48.99
CA PRO B 279 -16.88 4.40 50.12
C PRO B 279 -16.88 3.06 50.85
N ILE B 280 -16.85 1.98 50.08
CA ILE B 280 -17.08 0.64 50.57
C ILE B 280 -15.75 -0.06 50.31
N ALA B 281 -14.68 0.72 50.34
CA ALA B 281 -13.36 0.22 50.03
C ALA B 281 -12.73 -0.40 51.27
N VAL B 282 -11.46 -0.78 51.18
CA VAL B 282 -10.77 -1.37 52.31
C VAL B 282 -10.34 -0.29 53.30
N GLU B 283 -9.50 0.64 52.84
CA GLU B 283 -8.87 1.60 53.75
C GLU B 283 -9.82 2.68 54.26
N PRO B 284 -10.41 3.55 53.44
CA PRO B 284 -10.94 4.81 53.98
C PRO B 284 -12.27 4.62 54.69
N TYR B 285 -12.61 5.63 55.49
CA TYR B 285 -13.89 5.68 56.18
C TYR B 285 -14.78 6.81 55.64
N GLY B 286 -14.29 8.04 55.68
CA GLY B 286 -15.01 9.17 55.13
C GLY B 286 -14.07 10.08 54.37
N SER B 287 -12.95 9.51 53.93
CA SER B 287 -11.92 10.28 53.25
C SER B 287 -12.09 10.24 51.74
N VAL B 288 -12.06 9.04 51.16
CA VAL B 288 -11.93 8.85 49.72
C VAL B 288 -13.15 8.06 49.23
N THR B 289 -13.89 8.64 48.29
CA THR B 289 -15.02 7.99 47.65
C THR B 289 -14.64 7.77 46.19
N SER B 290 -13.97 6.65 45.92
CA SER B 290 -13.34 6.44 44.61
C SER B 290 -14.38 6.00 43.59
N GLN B 291 -13.91 5.66 42.39
CA GLN B 291 -14.77 5.26 41.29
C GLN B 291 -14.94 3.75 41.30
N GLY B 292 -16.20 3.29 41.35
CA GLY B 292 -16.46 1.88 41.61
C GLY B 292 -16.10 1.02 40.44
N LYS B 293 -14.96 0.34 40.52
CA LYS B 293 -14.39 -0.36 39.39
C LYS B 293 -14.00 -1.76 39.81
N ALA B 294 -13.73 -2.60 38.82
CA ALA B 294 -12.95 -3.78 39.09
C ALA B 294 -11.57 -3.35 39.54
N TYR B 295 -11.07 -3.97 40.60
CA TYR B 295 -9.82 -3.66 41.30
C TYR B 295 -9.81 -2.29 41.97
N ARG B 296 -10.92 -1.54 41.93
CA ARG B 296 -11.16 -0.20 42.48
C ARG B 296 -10.00 0.78 42.37
N GLN B 297 -9.32 0.78 41.23
CA GLN B 297 -8.09 1.56 41.09
C GLN B 297 -8.43 2.97 40.66
N PRO B 298 -8.00 3.99 41.40
CA PRO B 298 -8.08 5.36 40.88
C PRO B 298 -6.85 5.67 40.05
N LYS B 299 -7.06 6.46 39.00
CA LYS B 299 -5.96 6.74 38.08
C LYS B 299 -5.06 7.84 38.59
N GLN B 300 -5.58 8.74 39.42
CA GLN B 300 -4.80 9.82 40.03
C GLN B 300 -3.70 9.27 40.92
N LYS B 301 -4.11 8.63 42.02
CA LYS B 301 -3.23 8.38 43.14
C LYS B 301 -2.26 7.23 42.91
N LEU B 302 -2.39 6.52 41.78
CA LEU B 302 -1.67 5.27 41.49
C LEU B 302 -1.84 4.25 42.61
N ASP B 303 -3.00 4.26 43.26
CA ASP B 303 -3.32 3.35 44.33
C ASP B 303 -4.01 2.12 43.77
N PHE B 304 -4.08 1.09 44.59
CA PHE B 304 -4.98 -0.03 44.36
C PHE B 304 -5.73 -0.21 45.67
N TYR B 305 -6.78 0.58 45.84
CA TYR B 305 -7.81 0.24 46.82
C TYR B 305 -8.41 -1.09 46.39
N THR B 306 -8.75 -1.93 47.38
CA THR B 306 -9.24 -3.29 47.18
C THR B 306 -8.24 -4.09 46.33
N LEU B 307 -7.08 -4.35 46.94
CA LEU B 307 -6.02 -5.10 46.26
C LEU B 307 -6.43 -6.57 46.13
N LEU B 308 -5.57 -7.35 45.45
CA LEU B 308 -5.78 -8.79 45.32
C LEU B 308 -5.82 -9.50 46.67
N ASP B 309 -4.95 -9.10 47.60
CA ASP B 309 -4.89 -9.79 48.88
C ASP B 309 -6.09 -9.47 49.76
N ASN B 310 -6.71 -8.31 49.55
CA ASN B 310 -8.00 -8.06 50.17
C ASN B 310 -9.09 -8.75 49.34
N TRP B 311 -10.29 -8.77 49.89
CA TRP B 311 -11.41 -9.46 49.23
C TRP B 311 -12.54 -8.51 48.90
N VAL B 312 -12.24 -7.33 48.38
CA VAL B 312 -13.26 -6.35 48.05
C VAL B 312 -13.11 -6.08 46.54
N LEU B 313 -12.62 -7.08 45.82
CA LEU B 313 -12.53 -7.00 44.38
C LEU B 313 -13.92 -7.15 43.75
N ARG B 314 -14.11 -6.55 42.57
CA ARG B 314 -15.21 -7.02 41.73
C ARG B 314 -14.93 -8.42 41.25
N ASP B 315 -13.70 -8.72 40.88
CA ASP B 315 -13.41 -10.06 40.41
C ASP B 315 -13.18 -11.06 41.56
N GLU B 316 -13.65 -10.74 42.76
CA GLU B 316 -13.96 -11.72 43.79
C GLU B 316 -15.40 -11.65 44.26
N ALA B 317 -16.23 -10.81 43.65
CA ALA B 317 -17.62 -10.73 44.08
C ALA B 317 -18.51 -11.80 43.43
N PRO B 318 -18.42 -12.11 42.09
CA PRO B 318 -19.02 -13.37 41.66
C PRO B 318 -18.09 -14.55 41.83
N ALA B 319 -16.79 -14.31 42.00
CA ALA B 319 -15.89 -15.42 42.25
C ALA B 319 -16.10 -16.04 43.63
N VAL B 320 -16.78 -15.33 44.52
CA VAL B 320 -17.25 -15.89 45.76
C VAL B 320 -18.77 -15.99 45.78
N GLU B 321 -19.47 -15.03 45.19
CA GLU B 321 -20.93 -15.02 45.28
C GLU B 321 -21.55 -16.08 44.39
N GLN B 322 -20.94 -16.39 43.24
CA GLN B 322 -21.41 -17.47 42.37
C GLN B 322 -21.18 -18.86 42.95
N GLN B 323 -20.50 -18.99 44.08
CA GLN B 323 -20.37 -20.28 44.75
C GLN B 323 -21.00 -20.32 46.13
N HIS B 324 -20.99 -19.20 46.86
CA HIS B 324 -21.31 -19.25 48.28
C HIS B 324 -22.27 -18.18 48.75
N TYR B 325 -22.70 -17.25 47.89
CA TYR B 325 -23.89 -16.41 48.08
C TYR B 325 -23.78 -15.41 49.23
N VAL B 326 -22.57 -15.13 49.74
CA VAL B 326 -22.40 -14.27 50.91
C VAL B 326 -21.41 -13.17 50.56
N ILE B 327 -21.90 -11.93 50.44
CA ILE B 327 -21.03 -10.75 50.43
C ILE B 327 -21.49 -9.77 51.51
N ALA B 328 -22.82 -9.64 51.66
CA ALA B 328 -23.48 -8.87 52.73
C ALA B 328 -23.16 -7.38 52.66
N ASN B 329 -23.75 -6.75 51.64
CA ASN B 329 -23.93 -5.31 51.43
C ASN B 329 -22.67 -4.60 50.99
N LEU B 330 -21.57 -5.32 50.84
CA LEU B 330 -20.52 -4.97 49.91
C LEU B 330 -20.84 -5.51 48.52
N ILE B 331 -22.02 -6.14 48.38
CA ILE B 331 -22.58 -6.57 47.09
C ILE B 331 -22.71 -5.39 46.15
N ARG B 332 -23.02 -4.22 46.70
CA ARG B 332 -23.25 -3.02 45.92
C ARG B 332 -21.99 -2.58 45.18
N GLY B 333 -20.82 -2.76 45.79
CA GLY B 333 -19.58 -2.51 45.08
C GLY B 333 -19.11 -3.73 44.31
N GLY B 334 -20.00 -4.70 44.10
CA GLY B 334 -19.77 -5.87 43.27
C GLY B 334 -20.89 -6.06 42.28
N VAL B 335 -21.96 -5.28 42.43
CA VAL B 335 -23.02 -5.16 41.43
C VAL B 335 -22.86 -3.88 40.61
N PHE B 336 -22.51 -2.76 41.26
CA PHE B 336 -22.19 -1.56 40.49
C PHE B 336 -20.91 -1.69 39.69
N GLY B 337 -20.06 -2.67 39.99
CA GLY B 337 -18.99 -3.00 39.07
C GLY B 337 -19.50 -3.69 37.82
N GLU B 338 -20.73 -4.21 37.86
CA GLU B 338 -21.38 -4.81 36.71
C GLU B 338 -22.37 -3.88 36.03
N ALA B 339 -22.81 -2.82 36.69
CA ALA B 339 -23.62 -1.83 35.99
C ALA B 339 -22.80 -1.14 34.93
N GLU B 340 -21.52 -0.89 35.18
CA GLU B 340 -20.64 -0.39 34.15
C GLU B 340 -19.32 -1.14 34.14
N GLU C 15 -24.07 -45.18 -4.67
CA GLU C 15 -24.99 -44.48 -5.54
C GLU C 15 -25.40 -43.14 -4.94
N ARG C 16 -25.29 -42.09 -5.76
CA ARG C 16 -25.66 -40.71 -5.41
C ARG C 16 -24.90 -40.22 -4.17
N LYS C 17 -23.59 -40.15 -4.31
CA LYS C 17 -22.76 -39.65 -3.23
C LYS C 17 -22.86 -38.12 -3.14
N LEU C 18 -22.30 -37.57 -2.07
CA LEU C 18 -22.34 -36.13 -1.86
C LEU C 18 -21.38 -35.43 -2.82
N ASP C 19 -21.56 -34.12 -2.93
CA ASP C 19 -20.73 -33.35 -3.85
C ASP C 19 -19.31 -33.23 -3.31
N PRO C 20 -18.31 -33.25 -4.18
CA PRO C 20 -16.93 -33.07 -3.70
C PRO C 20 -16.66 -31.61 -3.36
N SER C 21 -17.34 -30.69 -4.04
CA SER C 21 -17.19 -29.27 -3.76
C SER C 21 -18.49 -28.58 -4.20
N ASP C 22 -19.36 -28.33 -3.24
CA ASP C 22 -20.61 -27.62 -3.48
C ASP C 22 -20.50 -26.23 -2.87
N ALA C 23 -21.22 -25.28 -3.46
CA ALA C 23 -21.21 -23.91 -2.98
C ALA C 23 -22.43 -23.21 -3.54
N LEU C 24 -23.12 -22.43 -2.71
CA LEU C 24 -24.39 -21.84 -3.08
C LEU C 24 -24.32 -20.32 -2.94
N MET C 25 -24.96 -19.61 -3.87
CA MET C 25 -24.99 -18.16 -3.82
C MET C 25 -25.87 -17.68 -2.67
N SER C 26 -25.48 -16.56 -2.06
CA SER C 26 -26.23 -16.01 -0.93
C SER C 26 -27.47 -15.30 -1.47
N ALA C 27 -28.51 -16.09 -1.75
CA ALA C 27 -29.80 -15.51 -2.08
C ALA C 27 -30.36 -14.82 -0.84
N GLY C 28 -31.10 -13.75 -1.06
CA GLY C 28 -31.47 -12.92 0.06
C GLY C 28 -30.27 -12.12 0.50
N ALA C 29 -29.76 -11.27 -0.38
CA ALA C 29 -28.53 -10.54 -0.14
C ALA C 29 -28.78 -9.35 0.78
N TRP C 30 -27.74 -8.55 0.99
CA TRP C 30 -27.78 -7.54 2.03
C TRP C 30 -26.79 -6.43 1.69
N ALA C 31 -27.21 -5.19 1.89
CA ALA C 31 -26.37 -4.05 1.58
C ALA C 31 -25.67 -3.55 2.83
N GLN C 32 -24.95 -2.44 2.71
CA GLN C 32 -24.36 -1.80 3.87
C GLN C 32 -25.29 -0.75 4.44
N ARG C 33 -25.00 -0.33 5.66
CA ARG C 33 -25.77 0.68 6.34
C ARG C 33 -24.98 1.97 6.42
N ASP C 34 -25.67 3.08 6.27
CA ASP C 34 -25.07 4.41 6.41
C ASP C 34 -25.84 5.14 7.50
N ALA C 35 -25.30 5.13 8.71
CA ALA C 35 -25.97 5.78 9.82
C ALA C 35 -25.97 7.29 9.62
N SER C 36 -27.11 7.92 9.90
CA SER C 36 -27.28 9.35 9.70
C SER C 36 -28.43 9.83 10.57
N GLN C 37 -28.28 11.01 11.17
CA GLN C 37 -29.04 11.37 12.35
C GLN C 37 -30.00 12.52 12.17
N GLU C 38 -31.12 12.41 12.86
CA GLU C 38 -32.34 13.09 12.48
C GLU C 38 -33.06 13.52 13.75
N TRP C 39 -34.14 14.28 13.60
CA TRP C 39 -35.00 14.66 14.71
C TRP C 39 -36.42 14.21 14.41
N PRO C 40 -37.18 13.76 15.42
CA PRO C 40 -38.55 13.32 15.15
C PRO C 40 -39.44 14.50 14.83
N ALA C 41 -40.46 14.22 13.99
CA ALA C 41 -41.33 15.13 13.22
C ALA C 41 -40.58 15.78 12.07
N VAL C 42 -39.27 15.57 12.01
CA VAL C 42 -38.51 15.64 10.78
C VAL C 42 -38.15 14.21 10.32
N THR C 43 -38.88 13.22 10.85
CA THR C 43 -38.70 11.81 10.52
C THR C 43 -38.94 11.53 9.04
N VAL C 44 -39.97 12.16 8.46
CA VAL C 44 -40.37 11.85 7.10
C VAL C 44 -39.37 12.41 6.10
N ARG C 45 -38.66 13.48 6.45
CA ARG C 45 -37.83 14.22 5.51
C ARG C 45 -36.38 13.78 5.55
N GLU C 46 -36.13 12.48 5.70
CA GLU C 46 -34.75 11.96 5.76
C GLU C 46 -34.16 11.92 4.36
N LYS C 47 -33.82 13.10 3.84
CA LYS C 47 -33.06 13.21 2.61
C LYS C 47 -31.74 13.94 2.81
N SER C 48 -31.78 15.14 3.40
CA SER C 48 -30.59 15.92 3.70
C SER C 48 -30.02 15.59 5.07
N VAL C 49 -30.31 14.41 5.60
CA VAL C 49 -29.89 14.02 6.94
C VAL C 49 -28.42 13.63 6.91
N ARG C 50 -27.61 14.34 7.70
CA ARG C 50 -26.17 14.24 7.60
C ARG C 50 -25.65 12.95 8.20
N GLY C 51 -24.61 12.42 7.58
CA GLY C 51 -23.98 11.22 8.10
C GLY C 51 -23.18 11.49 9.35
N THR C 52 -22.81 10.39 10.02
CA THR C 52 -22.20 10.45 11.35
C THR C 52 -20.76 10.00 11.22
N ILE C 53 -19.83 10.96 11.27
CA ILE C 53 -18.43 10.66 11.03
C ILE C 53 -17.88 9.91 12.23
N SER C 54 -17.11 8.85 11.98
CA SER C 54 -16.61 8.01 13.06
C SER C 54 -15.55 8.79 13.81
N ASN C 55 -15.98 9.40 14.91
CA ASN C 55 -15.22 10.27 15.80
C ASN C 55 -14.05 9.50 16.44
N ARG C 56 -13.07 10.24 16.97
CA ARG C 56 -11.90 9.63 17.61
C ARG C 56 -11.75 10.11 19.06
N LEU C 57 -12.23 9.31 20.00
CA LEU C 57 -11.94 9.50 21.41
C LEU C 57 -10.55 8.98 21.73
N LYS C 58 -10.02 9.40 22.88
CA LYS C 58 -8.69 8.97 23.31
C LYS C 58 -8.78 8.61 24.78
N THR C 59 -8.49 7.36 25.10
CA THR C 59 -8.88 6.71 26.35
C THR C 59 -7.69 6.38 27.22
N LYS C 60 -7.68 6.87 28.46
CA LYS C 60 -6.79 6.33 29.47
C LYS C 60 -7.48 5.15 30.13
N ASP C 61 -6.79 4.04 30.21
CA ASP C 61 -7.45 2.80 30.61
C ASP C 61 -7.56 2.68 32.13
N ARG C 62 -7.85 1.46 32.55
CA ARG C 62 -7.62 0.96 33.89
C ARG C 62 -7.11 -0.46 33.69
N ASP C 63 -7.14 -1.28 34.75
CA ASP C 63 -6.78 -2.69 34.64
C ASP C 63 -7.91 -3.54 35.22
N PRO C 64 -8.89 -3.94 34.39
CA PRO C 64 -10.01 -4.73 34.93
C PRO C 64 -9.85 -6.24 34.74
N ALA C 65 -8.85 -6.66 33.98
CA ALA C 65 -8.70 -8.09 33.73
C ALA C 65 -8.01 -8.76 34.91
N LYS C 66 -8.26 -10.05 35.05
CA LYS C 66 -7.63 -10.84 36.10
C LYS C 66 -6.16 -11.11 35.74
N LEU C 67 -5.41 -11.70 36.66
CA LEU C 67 -4.08 -12.17 36.33
C LEU C 67 -3.98 -13.69 36.49
N ASP C 68 -2.99 -14.26 35.79
CA ASP C 68 -2.83 -15.70 35.60
C ASP C 68 -2.40 -16.37 36.91
N ALA C 69 -2.53 -17.70 36.96
CA ALA C 69 -2.28 -18.46 38.18
C ALA C 69 -1.17 -19.51 38.06
N SER C 70 -0.36 -19.47 36.99
CA SER C 70 0.64 -20.53 36.81
C SER C 70 1.93 -20.25 37.58
N ILE C 71 2.69 -19.23 37.18
CA ILE C 71 3.87 -18.82 37.91
C ILE C 71 4.01 -17.30 37.86
N GLN C 72 3.56 -16.62 38.93
CA GLN C 72 3.46 -15.16 38.95
C GLN C 72 3.94 -14.64 40.30
N SER C 73 3.74 -13.35 40.54
CA SER C 73 4.19 -12.68 41.75
C SER C 73 3.21 -11.60 42.13
N PRO C 74 3.10 -11.27 43.42
CA PRO C 74 2.25 -10.15 43.85
C PRO C 74 2.92 -8.79 43.90
N ASN C 75 4.16 -8.68 43.41
CA ASN C 75 4.82 -7.38 43.43
C ASN C 75 4.42 -6.52 42.24
N LEU C 76 4.30 -7.12 41.06
CA LEU C 76 4.06 -6.37 39.84
C LEU C 76 2.63 -5.83 39.74
N GLN C 77 1.73 -6.32 40.59
CA GLN C 77 0.33 -5.93 40.48
C GLN C 77 0.10 -4.49 40.87
N THR C 78 0.84 -4.01 41.87
CA THR C 78 0.67 -2.63 42.31
C THR C 78 1.22 -1.65 41.28
N VAL C 79 2.33 -2.03 40.65
CA VAL C 79 2.95 -1.18 39.63
C VAL C 79 2.10 -1.14 38.37
N ASP C 80 1.63 -2.30 37.93
CA ASP C 80 0.87 -2.37 36.69
C ASP C 80 -0.51 -1.73 36.86
N VAL C 81 -1.21 -2.08 37.95
CA VAL C 81 -2.54 -1.54 38.22
C VAL C 81 -2.45 -0.05 38.63
N ALA C 82 -1.28 0.40 39.04
CA ALA C 82 -1.08 1.83 39.23
C ALA C 82 -1.23 2.62 37.93
N ASN C 83 -0.34 2.40 36.97
CA ASN C 83 -0.16 3.35 35.87
C ASN C 83 -1.25 3.19 34.81
N LEU C 84 -1.16 4.00 33.76
CA LEU C 84 -2.18 4.07 32.73
C LEU C 84 -1.70 3.40 31.46
N PRO C 85 -2.30 2.29 31.02
CA PRO C 85 -2.07 1.79 29.63
C PRO C 85 -3.04 2.39 28.62
N SER C 86 -2.78 3.62 28.21
CA SER C 86 -3.74 4.35 27.42
C SER C 86 -3.61 4.02 25.93
N ASP C 87 -4.71 4.23 25.21
CA ASP C 87 -4.73 4.07 23.76
C ASP C 87 -5.82 4.96 23.18
N ALA C 88 -5.71 5.19 21.87
CA ALA C 88 -6.74 5.90 21.15
C ALA C 88 -7.82 4.92 20.71
N ASP C 89 -9.08 5.37 20.76
CA ASP C 89 -10.22 4.57 20.31
C ASP C 89 -11.07 5.40 19.40
N THR C 90 -11.15 5.01 18.13
CA THR C 90 -12.11 5.65 17.26
C THR C 90 -13.49 5.15 17.65
N LEU C 91 -14.38 6.05 18.02
CA LEU C 91 -15.68 5.67 18.56
C LEU C 91 -16.73 6.58 17.98
N LYS C 92 -17.74 5.98 17.37
CA LYS C 92 -18.71 6.75 16.60
C LYS C 92 -19.75 7.33 17.51
N VAL C 93 -19.83 8.64 17.53
CA VAL C 93 -20.65 9.35 18.49
C VAL C 93 -21.69 10.12 17.70
N ARG C 94 -22.87 10.33 18.28
CA ARG C 94 -23.95 10.98 17.55
C ARG C 94 -23.71 12.47 17.36
N PHE C 95 -24.69 13.13 16.76
CA PHE C 95 -24.65 14.59 16.71
C PHE C 95 -25.07 15.19 18.05
N THR C 96 -24.93 16.52 18.12
CA THR C 96 -25.22 17.23 19.36
C THR C 96 -26.73 17.32 19.61
N LEU C 97 -27.47 17.85 18.64
CA LEU C 97 -28.90 18.10 18.78
C LEU C 97 -29.72 17.21 17.85
N ARG C 98 -29.37 15.93 17.77
CA ARG C 98 -30.10 14.97 16.94
C ARG C 98 -30.59 13.84 17.81
N VAL C 99 -31.89 13.56 17.75
CA VAL C 99 -32.48 12.54 18.60
C VAL C 99 -32.56 11.20 17.89
N LEU C 100 -32.87 11.19 16.60
CA LEU C 100 -33.15 9.96 15.91
C LEU C 100 -31.86 9.25 15.49
N GLY C 101 -32.00 8.27 14.61
CA GLY C 101 -30.86 7.63 13.99
C GLY C 101 -31.13 7.28 12.53
N GLY C 102 -30.39 6.34 11.98
CA GLY C 102 -30.59 5.98 10.59
C GLY C 102 -29.89 4.69 10.23
N ALA C 103 -30.48 3.91 9.33
CA ALA C 103 -29.80 2.74 8.78
C ALA C 103 -30.43 2.48 7.40
N GLY C 104 -29.75 2.94 6.35
CA GLY C 104 -30.26 2.78 5.01
C GLY C 104 -29.72 1.57 4.31
N THR C 105 -30.47 0.48 4.27
CA THR C 105 -30.00 -0.78 3.68
C THR C 105 -31.00 -1.32 2.67
N PRO C 106 -30.65 -1.38 1.40
CA PRO C 106 -31.43 -2.18 0.45
C PRO C 106 -31.03 -3.64 0.38
N SER C 107 -31.63 -4.48 1.21
CA SER C 107 -31.46 -5.92 1.06
C SER C 107 -32.29 -6.36 -0.13
N ALA C 108 -31.64 -6.83 -1.18
CA ALA C 108 -32.32 -7.39 -2.32
C ALA C 108 -32.23 -8.90 -2.25
N CYS C 109 -33.35 -9.57 -2.51
CA CYS C 109 -33.43 -11.01 -2.40
C CYS C 109 -33.24 -11.64 -3.77
N ASN C 110 -32.21 -12.45 -3.93
CA ASN C 110 -32.03 -13.14 -5.18
C ASN C 110 -33.00 -14.31 -5.28
N ASP C 111 -33.07 -14.88 -6.47
CA ASP C 111 -33.92 -16.03 -6.74
C ASP C 111 -33.15 -17.30 -6.40
N ALA C 112 -33.66 -18.45 -6.86
CA ALA C 112 -32.93 -19.71 -6.96
C ALA C 112 -32.44 -20.19 -5.58
N ALA C 113 -33.40 -20.61 -4.78
CA ALA C 113 -33.14 -20.99 -3.39
C ALA C 113 -32.14 -22.13 -3.27
N TYR C 114 -32.06 -23.02 -4.24
CA TYR C 114 -31.06 -24.06 -4.18
C TYR C 114 -30.37 -24.36 -5.49
N ARG C 115 -30.58 -23.57 -6.53
CA ARG C 115 -29.75 -23.68 -7.72
C ARG C 115 -28.35 -23.22 -7.38
N ASP C 116 -27.37 -24.08 -7.60
CA ASP C 116 -26.06 -23.92 -7.00
C ASP C 116 -25.24 -22.84 -7.69
N LYS C 117 -23.98 -22.73 -7.26
CA LYS C 117 -22.97 -22.03 -8.00
C LYS C 117 -21.82 -22.93 -8.41
N LEU C 118 -21.60 -24.04 -7.71
CA LEU C 118 -20.65 -25.06 -8.12
C LEU C 118 -21.36 -26.41 -8.05
N LEU C 119 -21.07 -27.27 -9.02
CA LEU C 119 -21.76 -28.55 -9.18
C LEU C 119 -20.70 -29.62 -9.39
N GLN C 120 -20.11 -30.14 -8.31
CA GLN C 120 -19.06 -31.12 -8.52
C GLN C 120 -19.59 -32.48 -8.95
N THR C 121 -20.90 -32.69 -8.89
CA THR C 121 -21.57 -33.82 -9.52
C THR C 121 -22.95 -33.36 -9.92
N VAL C 122 -23.33 -33.58 -11.18
CA VAL C 122 -24.56 -33.02 -11.70
C VAL C 122 -25.77 -33.79 -11.15
N ALA C 123 -25.59 -35.06 -10.78
CA ALA C 123 -26.69 -35.83 -10.21
C ALA C 123 -27.11 -35.29 -8.85
N THR C 124 -26.13 -34.84 -8.05
CA THR C 124 -26.44 -34.18 -6.79
C THR C 124 -27.14 -32.84 -7.03
N TYR C 125 -26.81 -32.17 -8.13
CA TYR C 125 -27.51 -30.93 -8.47
C TYR C 125 -28.94 -31.19 -8.87
N VAL C 126 -29.20 -32.31 -9.57
CA VAL C 126 -30.57 -32.68 -9.92
C VAL C 126 -31.34 -33.06 -8.66
N ASN C 127 -30.67 -33.70 -7.71
CA ASN C 127 -31.28 -33.98 -6.42
C ASN C 127 -31.67 -32.70 -5.70
N ASP C 128 -30.72 -31.78 -5.52
CA ASP C 128 -30.96 -30.56 -4.75
C ASP C 128 -31.96 -29.64 -5.42
N GLN C 129 -32.00 -29.64 -6.75
CA GLN C 129 -33.10 -28.95 -7.43
C GLN C 129 -34.42 -29.68 -7.18
N GLY C 130 -34.37 -31.00 -7.04
CA GLY C 130 -35.55 -31.73 -6.60
C GLY C 130 -35.98 -31.39 -5.18
N PHE C 131 -35.03 -31.04 -4.32
CA PHE C 131 -35.38 -30.70 -2.95
C PHE C 131 -35.87 -29.28 -2.80
N ALA C 132 -35.36 -28.36 -3.61
CA ALA C 132 -36.03 -27.06 -3.69
C ALA C 132 -37.40 -27.20 -4.33
N GLU C 133 -37.58 -28.20 -5.19
CA GLU C 133 -38.91 -28.46 -5.74
C GLU C 133 -39.85 -29.00 -4.67
N LEU C 134 -39.35 -29.85 -3.78
CA LEU C 134 -40.20 -30.38 -2.71
C LEU C 134 -40.45 -29.32 -1.65
N ALA C 135 -39.39 -28.83 -1.02
CA ALA C 135 -39.50 -27.87 0.07
C ALA C 135 -39.93 -26.48 -0.39
N ARG C 136 -40.00 -26.25 -1.69
CA ARG C 136 -40.64 -25.06 -2.21
C ARG C 136 -42.03 -25.34 -2.75
N ARG C 137 -42.34 -26.60 -3.06
CA ARG C 137 -43.67 -26.97 -3.53
C ARG C 137 -44.57 -27.39 -2.37
N TYR C 138 -44.08 -28.28 -1.51
CA TYR C 138 -44.88 -28.74 -0.38
C TYR C 138 -44.92 -27.70 0.73
N ALA C 139 -43.77 -27.42 1.33
CA ALA C 139 -43.68 -26.42 2.39
C ALA C 139 -43.71 -25.04 1.75
N HIS C 140 -44.84 -24.35 1.87
CA HIS C 140 -44.96 -23.01 1.34
C HIS C 140 -44.10 -22.07 2.16
N ASN C 141 -43.53 -21.04 1.51
CA ASN C 141 -42.62 -20.13 2.20
C ASN C 141 -43.33 -18.99 2.93
N LEU C 142 -44.59 -19.17 3.32
CA LEU C 142 -45.31 -18.24 4.17
C LEU C 142 -44.60 -18.03 5.51
N ALA C 143 -44.53 -19.09 6.32
CA ALA C 143 -43.91 -18.99 7.63
C ALA C 143 -42.39 -18.91 7.55
N ASN C 144 -41.81 -19.37 6.43
CA ASN C 144 -40.38 -19.24 6.17
C ASN C 144 -39.94 -17.79 6.09
N ALA C 145 -40.59 -17.03 5.20
CA ALA C 145 -40.32 -15.60 5.12
C ALA C 145 -40.93 -14.85 6.28
N ARG C 146 -41.88 -15.45 7.00
CA ARG C 146 -42.27 -14.88 8.28
C ARG C 146 -41.17 -15.03 9.32
N PHE C 147 -40.29 -16.04 9.19
CA PHE C 147 -39.06 -16.00 9.98
C PHE C 147 -38.10 -14.95 9.46
N LEU C 148 -37.93 -14.83 8.13
CA LEU C 148 -37.00 -13.81 7.65
C LEU C 148 -37.56 -12.39 7.72
N TRP C 149 -38.78 -12.19 8.18
CA TRP C 149 -39.30 -10.84 8.38
C TRP C 149 -39.65 -10.58 9.84
N ARG C 150 -40.50 -11.40 10.45
CA ARG C 150 -40.91 -11.21 11.85
C ARG C 150 -39.78 -11.40 12.85
N ASN C 151 -38.63 -11.93 12.41
CA ASN C 151 -37.41 -11.86 13.21
C ASN C 151 -36.33 -11.04 12.52
N ARG C 152 -36.73 -10.17 11.59
CA ARG C 152 -35.87 -9.12 11.08
C ARG C 152 -36.58 -7.81 10.77
N VAL C 153 -37.87 -7.70 11.09
CA VAL C 153 -38.54 -6.40 11.14
C VAL C 153 -38.52 -5.85 12.55
N GLY C 154 -38.79 -6.72 13.53
CA GLY C 154 -38.34 -6.48 14.88
C GLY C 154 -36.85 -6.35 14.77
N ALA C 155 -36.38 -5.11 14.88
CA ALA C 155 -35.17 -4.67 14.20
C ALA C 155 -33.90 -5.24 14.80
N GLU C 156 -33.68 -6.54 14.62
CA GLU C 156 -32.36 -7.09 14.86
C GLU C 156 -31.36 -6.64 13.82
N ALA C 157 -31.84 -6.01 12.73
CA ALA C 157 -31.07 -5.16 11.83
C ALA C 157 -30.10 -4.25 12.57
N VAL C 158 -30.65 -3.41 13.42
CA VAL C 158 -29.88 -2.54 14.30
C VAL C 158 -29.44 -3.38 15.49
N GLU C 159 -28.14 -3.68 15.60
CA GLU C 159 -27.73 -4.79 16.45
C GLU C 159 -27.59 -4.43 17.92
N VAL C 160 -26.61 -3.58 18.24
CA VAL C 160 -26.33 -3.22 19.63
C VAL C 160 -26.99 -1.90 19.94
N ARG C 161 -27.20 -1.06 18.94
CA ARG C 161 -27.94 0.18 19.02
C ARG C 161 -29.44 -0.04 19.22
N ILE C 162 -29.93 -1.29 19.17
CA ILE C 162 -31.32 -1.56 19.56
C ILE C 162 -31.51 -1.41 21.06
N ASN C 163 -30.43 -1.46 21.85
CA ASN C 163 -30.55 -1.55 23.30
C ASN C 163 -31.07 -0.25 23.88
N HIS C 164 -32.28 -0.32 24.42
CA HIS C 164 -33.01 0.79 25.04
C HIS C 164 -33.18 1.95 24.07
N ILE C 165 -33.96 1.71 23.07
CA ILE C 165 -34.47 2.78 22.24
C ILE C 165 -35.75 3.28 22.88
N ARG C 166 -36.03 4.58 22.72
CA ARG C 166 -37.40 5.05 22.90
C ARG C 166 -38.35 4.31 21.98
N GLN C 167 -38.14 4.42 20.66
CA GLN C 167 -38.98 3.72 19.69
C GLN C 167 -38.19 3.55 18.40
N GLY C 168 -37.72 2.34 18.12
CA GLY C 168 -36.96 2.08 16.91
C GLY C 168 -37.86 1.76 15.73
N GLU C 169 -38.15 2.76 14.90
CA GLU C 169 -39.11 2.62 13.82
C GLU C 169 -38.40 2.18 12.54
N VAL C 170 -38.91 1.11 11.93
CA VAL C 170 -38.38 0.58 10.68
C VAL C 170 -39.33 0.95 9.56
N ALA C 171 -38.81 1.54 8.50
CA ALA C 171 -39.60 1.92 7.33
C ALA C 171 -39.05 1.16 6.13
N ARG C 172 -39.55 -0.07 5.90
CA ARG C 172 -39.14 -0.87 4.75
C ARG C 172 -39.91 -0.40 3.52
N ALA C 173 -39.37 0.61 2.86
CA ALA C 173 -39.86 0.97 1.55
C ALA C 173 -39.40 -0.06 0.53
N TRP C 174 -40.18 -0.24 -0.52
CA TRP C 174 -39.82 -1.16 -1.59
C TRP C 174 -40.10 -0.54 -2.94
N ARG C 175 -39.15 -0.70 -3.87
CA ARG C 175 -39.15 0.05 -5.12
C ARG C 175 -38.96 -0.87 -6.32
N PHE C 176 -39.89 -0.79 -7.28
CA PHE C 176 -39.61 -1.24 -8.64
C PHE C 176 -38.39 -0.54 -9.20
N ASP C 177 -38.39 0.78 -9.10
CA ASP C 177 -37.58 1.70 -9.88
C ASP C 177 -37.31 2.89 -8.96
N ALA C 178 -37.09 4.06 -9.54
CA ALA C 178 -37.15 5.30 -8.75
C ALA C 178 -38.48 5.42 -8.02
N LEU C 179 -39.58 5.00 -8.64
CA LEU C 179 -40.84 4.89 -7.93
C LEU C 179 -40.80 3.73 -6.93
N ALA C 180 -41.60 3.84 -5.88
CA ALA C 180 -41.65 2.85 -4.82
C ALA C 180 -43.11 2.61 -4.44
N ILE C 181 -43.53 1.34 -4.48
CA ILE C 181 -44.95 1.04 -4.27
C ILE C 181 -45.18 0.42 -2.88
N GLY C 182 -44.51 -0.70 -2.60
CA GLY C 182 -44.65 -1.31 -1.30
C GLY C 182 -44.01 -0.45 -0.24
N LEU C 183 -44.85 0.22 0.56
CA LEU C 183 -44.39 1.21 1.54
C LEU C 183 -44.96 0.80 2.88
N ARG C 184 -44.25 -0.06 3.61
CA ARG C 184 -44.75 -0.53 4.89
C ARG C 184 -43.92 0.06 6.02
N ASP C 185 -44.61 0.47 7.08
CA ASP C 185 -44.04 1.18 8.21
C ASP C 185 -44.31 0.37 9.47
N PHE C 186 -43.47 0.53 10.49
CA PHE C 186 -43.53 -0.39 11.63
C PHE C 186 -43.24 0.36 12.92
N LYS C 187 -43.13 -0.43 14.00
CA LYS C 187 -42.62 0.03 15.29
C LYS C 187 -42.00 -1.19 15.95
N ALA C 188 -40.69 -1.34 15.81
CA ALA C 188 -40.01 -2.60 16.13
C ALA C 188 -39.82 -2.84 17.62
N ASP C 189 -40.23 -1.91 18.48
CA ASP C 189 -40.26 -2.21 19.90
C ASP C 189 -41.54 -2.92 20.33
N ALA C 190 -42.55 -2.95 19.47
CA ALA C 190 -43.76 -3.72 19.73
C ALA C 190 -43.64 -5.16 19.25
N GLU C 191 -42.44 -5.59 18.85
CA GLU C 191 -42.21 -6.94 18.34
C GLU C 191 -41.06 -7.55 19.10
N LEU C 192 -41.23 -8.79 19.55
CA LEU C 192 -40.22 -9.44 20.37
C LEU C 192 -39.04 -9.90 19.51
N ASP C 193 -38.06 -10.49 20.18
CA ASP C 193 -36.94 -11.11 19.50
C ASP C 193 -36.78 -12.58 19.87
N ALA C 194 -37.76 -13.16 20.58
CA ALA C 194 -37.72 -14.57 20.93
C ALA C 194 -38.82 -15.39 20.30
N LEU C 195 -39.99 -14.79 20.02
CA LEU C 195 -41.10 -15.48 19.39
C LEU C 195 -41.74 -14.58 18.36
N ALA C 196 -42.01 -15.13 17.18
CA ALA C 196 -42.67 -14.39 16.12
C ALA C 196 -44.18 -14.45 16.33
N GLU C 197 -44.81 -13.30 16.47
CA GLU C 197 -46.24 -13.22 16.72
C GLU C 197 -46.99 -12.78 15.47
N LEU C 198 -48.30 -13.04 15.48
CA LEU C 198 -49.12 -12.94 14.27
C LEU C 198 -49.39 -11.48 13.94
N ILE C 199 -48.80 -11.01 12.84
CA ILE C 199 -48.96 -9.64 12.36
C ILE C 199 -49.41 -9.70 10.90
N ALA C 200 -50.38 -8.87 10.53
CA ALA C 200 -50.92 -8.90 9.18
C ALA C 200 -49.93 -8.32 8.17
N SER C 201 -49.37 -7.14 8.48
CA SER C 201 -48.43 -6.51 7.55
C SER C 201 -47.12 -7.28 7.48
N GLY C 202 -46.74 -7.96 8.56
CA GLY C 202 -45.65 -8.90 8.49
C GLY C 202 -45.94 -10.07 7.57
N LEU C 203 -47.21 -10.46 7.47
CA LEU C 203 -47.58 -11.46 6.47
C LEU C 203 -47.62 -10.88 5.08
N SER C 204 -47.81 -9.57 4.93
CA SER C 204 -47.67 -8.98 3.61
C SER C 204 -46.22 -8.99 3.16
N GLY C 205 -45.31 -8.55 4.05
CA GLY C 205 -43.90 -8.56 3.72
C GLY C 205 -43.35 -9.96 3.52
N SER C 206 -43.88 -10.93 4.26
CA SER C 206 -43.47 -12.31 4.02
C SER C 206 -44.13 -12.88 2.77
N GLY C 207 -45.28 -12.33 2.37
CA GLY C 207 -45.80 -12.65 1.04
C GLY C 207 -44.98 -12.04 -0.06
N HIS C 208 -44.23 -10.99 0.26
CA HIS C 208 -43.38 -10.33 -0.71
C HIS C 208 -42.04 -11.05 -0.83
N VAL C 209 -41.50 -11.54 0.28
CA VAL C 209 -40.31 -12.38 0.19
C VAL C 209 -40.70 -13.77 -0.34
N LEU C 210 -41.97 -14.17 -0.16
CA LEU C 210 -42.54 -15.23 -0.98
C LEU C 210 -42.46 -14.91 -2.46
N LEU C 211 -42.77 -13.68 -2.85
CA LEU C 211 -42.56 -13.28 -4.24
C LEU C 211 -41.10 -13.01 -4.56
N GLU C 212 -40.17 -13.26 -3.64
CA GLU C 212 -38.75 -13.07 -3.92
C GLU C 212 -37.99 -14.38 -4.07
N VAL C 213 -38.05 -15.25 -3.06
CA VAL C 213 -37.20 -16.43 -3.04
C VAL C 213 -37.71 -17.48 -4.03
N VAL C 214 -38.99 -17.43 -4.39
CA VAL C 214 -39.58 -18.38 -5.31
C VAL C 214 -39.58 -17.82 -6.74
N ALA C 215 -38.75 -16.80 -6.99
CA ALA C 215 -38.43 -16.25 -8.31
C ALA C 215 -39.68 -15.71 -9.02
N PHE C 216 -40.20 -14.63 -8.45
CA PHE C 216 -41.32 -13.94 -9.08
C PHE C 216 -41.00 -12.52 -9.55
N ALA C 217 -40.18 -11.76 -8.83
CA ALA C 217 -40.00 -10.37 -9.21
C ALA C 217 -38.64 -9.85 -8.74
N ARG C 218 -38.22 -8.74 -9.34
CA ARG C 218 -37.09 -7.98 -8.83
C ARG C 218 -37.51 -7.28 -7.55
N ILE C 219 -36.80 -7.57 -6.47
CA ILE C 219 -37.16 -7.12 -5.12
C ILE C 219 -35.89 -6.62 -4.44
N GLY C 220 -35.84 -5.31 -4.18
CA GLY C 220 -34.82 -4.73 -3.35
C GLY C 220 -35.46 -3.85 -2.31
N ASP C 221 -35.36 -4.23 -1.04
CA ASP C 221 -36.11 -3.60 0.04
C ASP C 221 -35.28 -2.48 0.66
N GLY C 222 -35.54 -1.25 0.24
CA GLY C 222 -34.84 -0.12 0.84
C GLY C 222 -35.35 0.16 2.23
N GLN C 223 -34.55 -0.20 3.23
CA GLN C 223 -34.90 -0.09 4.65
C GLN C 223 -34.37 1.22 5.21
N GLU C 224 -35.14 1.87 6.07
CA GLU C 224 -34.70 3.12 6.69
C GLU C 224 -35.13 3.04 8.15
N VAL C 225 -34.26 2.51 8.99
CA VAL C 225 -34.59 2.26 10.39
C VAL C 225 -34.23 3.48 11.21
N PHE C 226 -35.15 3.95 12.04
CA PHE C 226 -34.97 5.18 12.81
C PHE C 226 -35.03 4.90 14.31
N PRO C 227 -33.92 4.52 14.94
CA PRO C 227 -33.89 4.46 16.41
C PRO C 227 -33.95 5.87 17.00
N SER C 228 -34.97 6.11 17.80
CA SER C 228 -35.29 7.44 18.33
C SER C 228 -34.72 7.63 19.72
N GLN C 229 -33.50 7.12 19.95
CA GLN C 229 -32.97 6.96 21.30
C GLN C 229 -32.78 8.25 22.06
N GLU C 230 -31.80 9.05 21.67
CA GLU C 230 -31.46 10.25 22.41
C GLU C 230 -30.50 11.07 21.56
N LEU C 231 -29.91 12.07 22.20
CA LEU C 231 -28.83 12.89 21.71
C LEU C 231 -27.53 12.11 21.81
N ILE C 232 -26.42 12.80 22.04
CA ILE C 232 -25.04 12.52 21.62
C ILE C 232 -24.47 11.13 21.98
N LEU C 233 -25.31 10.20 22.46
CA LEU C 233 -24.93 8.84 22.87
C LEU C 233 -24.10 8.03 21.87
N ASP C 234 -23.49 6.95 22.33
CA ASP C 234 -22.62 6.15 21.49
C ASP C 234 -23.45 5.24 20.58
N LYS C 235 -22.79 4.30 19.91
CA LYS C 235 -23.44 3.44 18.93
C LYS C 235 -22.88 2.03 19.04
N GLY C 236 -23.13 1.26 17.98
CA GLY C 236 -22.67 -0.09 17.84
C GLY C 236 -22.18 -0.41 16.44
N ASP C 237 -21.55 0.57 15.78
CA ASP C 237 -21.07 0.39 14.43
C ASP C 237 -20.05 -0.73 14.33
N LYS C 238 -19.92 -1.29 13.14
CA LYS C 238 -19.13 -2.50 13.00
C LYS C 238 -17.65 -2.16 13.00
N LYS C 239 -16.90 -2.79 13.89
CA LYS C 239 -15.49 -2.52 14.04
C LYS C 239 -14.68 -3.18 12.95
N GLY C 240 -13.56 -2.56 12.60
CA GLY C 240 -12.59 -3.15 11.70
C GLY C 240 -11.67 -4.09 12.46
N GLN C 241 -10.40 -4.09 12.07
CA GLN C 241 -9.41 -4.92 12.75
C GLN C 241 -8.12 -4.15 12.95
N LYS C 242 -7.21 -4.78 13.70
CA LYS C 242 -5.88 -4.28 14.00
C LYS C 242 -4.84 -5.35 13.80
N SER C 243 -4.94 -6.08 12.69
CA SER C 243 -3.98 -7.11 12.34
C SER C 243 -2.90 -6.48 11.46
N LYS C 244 -1.67 -6.42 11.99
CA LYS C 244 -0.49 -5.78 11.39
C LYS C 244 -0.71 -4.31 11.05
N THR C 245 -1.66 -3.65 11.71
CA THR C 245 -1.81 -2.20 11.65
C THR C 245 -1.73 -1.57 13.03
N LEU C 246 -1.57 -2.38 14.08
CA LEU C 246 -1.33 -1.89 15.44
C LEU C 246 0.15 -1.72 15.74
N TYR C 247 0.97 -1.63 14.71
CA TYR C 247 2.41 -1.49 14.79
C TYR C 247 2.92 -0.29 14.00
N SER C 248 2.35 -0.04 12.83
CA SER C 248 2.69 1.18 12.09
C SER C 248 2.07 2.40 12.75
N VAL C 249 0.79 2.34 13.07
CA VAL C 249 0.10 3.42 13.76
C VAL C 249 0.27 3.22 15.27
N ARG C 250 -0.12 2.02 15.75
CA ARG C 250 0.04 1.59 17.14
C ARG C 250 -0.71 2.49 18.13
N ASP C 251 -1.75 3.16 17.67
CA ASP C 251 -2.53 4.06 18.51
C ASP C 251 -3.98 3.62 18.63
N ALA C 252 -4.66 3.39 17.52
CA ALA C 252 -6.05 3.00 17.55
C ALA C 252 -6.18 1.58 18.04
N ALA C 253 -7.34 1.26 18.61
CA ALA C 253 -7.64 -0.09 19.05
C ALA C 253 -9.03 -0.55 18.64
N ALA C 254 -9.84 0.34 18.08
CA ALA C 254 -11.18 -0.01 17.63
C ALA C 254 -11.48 0.87 16.43
N ILE C 255 -11.31 0.31 15.23
CA ILE C 255 -11.55 1.06 14.00
C ILE C 255 -13.01 0.84 13.61
N HIS C 256 -13.84 1.82 13.88
CA HIS C 256 -15.20 1.79 13.35
C HIS C 256 -15.18 2.05 11.86
N SER C 257 -15.60 1.06 11.07
CA SER C 257 -15.37 1.08 9.64
C SER C 257 -16.30 2.07 8.95
N GLN C 258 -15.83 2.57 7.82
CA GLN C 258 -16.45 3.69 7.13
C GLN C 258 -16.83 3.35 5.70
N LYS C 259 -17.96 3.89 5.27
CA LYS C 259 -18.26 4.11 3.87
C LYS C 259 -17.61 5.43 3.46
N ILE C 260 -18.04 6.01 2.35
CA ILE C 260 -17.47 7.30 1.96
C ILE C 260 -18.03 8.35 2.92
N GLY C 261 -17.25 8.65 3.97
CA GLY C 261 -17.59 9.70 4.92
C GLY C 261 -18.62 9.37 5.96
N ASN C 262 -19.02 8.10 6.10
CA ASN C 262 -20.04 7.73 7.08
C ASN C 262 -19.59 6.55 7.91
N ALA C 263 -20.49 5.94 8.66
CA ALA C 263 -20.14 4.81 9.52
C ALA C 263 -20.85 3.56 9.01
N LEU C 264 -20.08 2.51 8.73
CA LEU C 264 -20.67 1.29 8.22
C LEU C 264 -21.41 0.53 9.30
N ARG C 265 -22.25 -0.37 8.85
CA ARG C 265 -22.44 -1.67 9.48
C ARG C 265 -22.04 -2.67 8.42
N THR C 266 -21.01 -3.45 8.70
CA THR C 266 -20.52 -4.39 7.70
C THR C 266 -21.59 -5.43 7.42
N ILE C 267 -21.67 -5.86 6.15
CA ILE C 267 -22.70 -6.81 5.71
C ILE C 267 -22.51 -8.14 6.41
N ASP C 268 -21.29 -8.43 6.82
CA ASP C 268 -20.98 -9.60 7.62
C ASP C 268 -21.78 -9.62 8.93
N THR C 269 -21.87 -8.49 9.64
CA THR C 269 -22.77 -8.46 10.80
C THR C 269 -24.21 -8.41 10.34
N TRP C 270 -24.46 -7.78 9.21
CA TRP C 270 -25.83 -7.51 8.81
C TRP C 270 -26.57 -8.76 8.37
N TYR C 271 -25.85 -9.83 8.01
CA TYR C 271 -26.56 -11.05 7.63
C TYR C 271 -27.16 -11.78 8.83
N PRO C 272 -26.47 -12.00 9.96
CA PRO C 272 -27.17 -12.55 11.12
C PRO C 272 -28.14 -11.60 11.80
N ASP C 273 -28.39 -10.41 11.26
CA ASP C 273 -29.62 -9.74 11.59
C ASP C 273 -30.80 -10.51 11.01
N GLU C 274 -30.63 -11.01 9.79
CA GLU C 274 -31.69 -11.70 9.09
C GLU C 274 -31.43 -13.19 8.98
N ASP C 275 -30.20 -13.62 9.19
CA ASP C 275 -29.93 -15.05 9.30
C ASP C 275 -30.33 -15.61 10.66
N GLY C 276 -30.68 -14.74 11.63
CA GLY C 276 -31.26 -15.22 12.89
C GLY C 276 -32.69 -15.65 12.65
N LEU C 277 -32.84 -16.94 12.36
CA LEU C 277 -34.11 -17.52 12.00
C LEU C 277 -34.60 -18.52 13.02
N GLY C 278 -33.85 -19.58 13.28
CA GLY C 278 -34.44 -20.78 13.82
C GLY C 278 -34.25 -20.98 15.31
N PRO C 279 -35.38 -21.06 16.06
CA PRO C 279 -35.38 -21.72 17.37
C PRO C 279 -35.60 -23.22 17.21
N ILE C 280 -34.90 -23.82 16.26
CA ILE C 280 -35.15 -25.18 15.83
C ILE C 280 -33.86 -25.91 16.18
N ALA C 281 -33.21 -25.42 17.24
CA ALA C 281 -31.92 -25.95 17.64
C ALA C 281 -32.12 -27.17 18.54
N VAL C 282 -31.03 -27.67 19.11
CA VAL C 282 -31.12 -28.82 19.99
C VAL C 282 -31.61 -28.40 21.38
N GLU C 283 -30.83 -27.53 22.03
CA GLU C 283 -31.11 -27.21 23.43
C GLU C 283 -32.34 -26.33 23.66
N PRO C 284 -32.42 -25.08 23.16
CA PRO C 284 -33.38 -24.14 23.73
C PRO C 284 -34.80 -24.40 23.26
N TYR C 285 -35.74 -23.82 24.00
CA TYR C 285 -37.15 -23.87 23.65
C TYR C 285 -37.68 -22.49 23.26
N GLY C 286 -37.55 -21.51 24.15
CA GLY C 286 -37.95 -20.14 23.86
C GLY C 286 -36.92 -19.17 24.39
N SER C 287 -35.70 -19.66 24.56
CA SER C 287 -34.62 -18.87 25.13
C SER C 287 -33.79 -18.19 24.05
N VAL C 288 -33.19 -18.97 23.17
CA VAL C 288 -32.16 -18.52 22.24
C VAL C 288 -32.63 -18.76 20.81
N THR C 289 -32.70 -17.70 20.02
CA THR C 289 -33.05 -17.78 18.60
C THR C 289 -31.80 -17.38 17.81
N SER C 290 -30.93 -18.35 17.57
CA SER C 290 -29.60 -18.06 17.04
C SER C 290 -29.66 -17.79 15.54
N GLN C 291 -28.48 -17.63 14.93
CA GLN C 291 -28.37 -17.33 13.51
C GLN C 291 -28.25 -18.63 12.72
N GLY C 292 -29.15 -18.84 11.76
CA GLY C 292 -29.26 -20.13 11.12
C GLY C 292 -28.09 -20.42 10.21
N LYS C 293 -27.18 -21.25 10.68
CA LYS C 293 -25.90 -21.46 10.01
C LYS C 293 -25.63 -22.93 9.88
N ALA C 294 -24.65 -23.27 9.05
CA ALA C 294 -24.02 -24.56 9.17
C ALA C 294 -23.34 -24.61 10.53
N TYR C 295 -23.52 -25.74 11.23
CA TYR C 295 -23.06 -26.00 12.59
C TYR C 295 -23.71 -25.10 13.64
N ARG C 296 -24.67 -24.24 13.26
CA ARG C 296 -25.43 -23.28 14.06
C ARG C 296 -24.65 -22.56 15.17
N GLN C 297 -23.42 -22.17 14.88
CA GLN C 297 -22.55 -21.64 15.92
C GLN C 297 -22.77 -20.14 16.08
N PRO C 298 -23.10 -19.66 17.27
CA PRO C 298 -23.07 -18.22 17.51
C PRO C 298 -21.67 -17.79 17.91
N LYS C 299 -21.30 -16.59 17.46
CA LYS C 299 -19.94 -16.11 17.70
C LYS C 299 -19.78 -15.54 19.09
N GLN C 300 -20.86 -15.04 19.70
CA GLN C 300 -20.84 -14.52 21.05
C GLN C 300 -20.47 -15.59 22.05
N LYS C 301 -21.35 -16.56 22.20
CA LYS C 301 -21.35 -17.44 23.36
C LYS C 301 -20.27 -18.51 23.30
N LEU C 302 -19.53 -18.61 22.19
CA LEU C 302 -18.59 -19.69 21.90
C LEU C 302 -19.24 -21.06 22.04
N ASP C 303 -20.53 -21.14 21.72
CA ASP C 303 -21.28 -22.38 21.77
C ASP C 303 -21.24 -23.07 20.42
N PHE C 304 -21.63 -24.33 20.44
CA PHE C 304 -21.96 -25.05 19.22
C PHE C 304 -23.32 -25.67 19.49
N TYR C 305 -24.38 -24.88 19.30
CA TYR C 305 -25.70 -25.43 19.11
C TYR C 305 -25.66 -26.31 17.87
N THR C 306 -26.39 -27.42 17.89
CA THR C 306 -26.39 -28.44 16.85
C THR C 306 -24.96 -28.93 16.58
N LEU C 307 -24.42 -29.63 17.57
CA LEU C 307 -23.07 -30.16 17.47
C LEU C 307 -23.02 -31.31 16.46
N LEU C 308 -21.81 -31.84 16.22
CA LEU C 308 -21.64 -33.01 15.36
C LEU C 308 -22.40 -34.23 15.86
N ASP C 309 -22.38 -34.46 17.17
CA ASP C 309 -23.03 -35.65 17.71
C ASP C 309 -24.54 -35.56 17.66
N ASN C 310 -25.08 -34.35 17.67
CA ASN C 310 -26.49 -34.18 17.35
C ASN C 310 -26.67 -34.22 15.84
N TRP C 311 -27.93 -34.28 15.41
CA TRP C 311 -28.24 -34.39 13.99
C TRP C 311 -29.06 -33.22 13.48
N VAL C 312 -28.71 -31.99 13.89
CA VAL C 312 -29.45 -30.81 13.47
C VAL C 312 -28.43 -29.92 12.74
N LEU C 313 -27.42 -30.55 12.15
CA LEU C 313 -26.46 -29.84 11.31
C LEU C 313 -27.09 -29.44 9.98
N ARG C 314 -26.60 -28.34 9.39
CA ARG C 314 -26.82 -28.18 7.96
C ARG C 314 -26.07 -29.25 7.19
N ASP C 315 -24.85 -29.55 7.61
CA ASP C 315 -24.10 -30.56 6.88
C ASP C 315 -24.46 -32.00 7.29
N GLU C 316 -25.64 -32.19 7.91
CA GLU C 316 -26.35 -33.46 7.91
C GLU C 316 -27.74 -33.34 7.33
N ALA C 317 -28.14 -32.19 6.81
CA ALA C 317 -29.47 -32.08 6.25
C ALA C 317 -29.55 -32.56 4.79
N PRO C 318 -28.58 -32.25 3.86
CA PRO C 318 -28.55 -33.05 2.63
C PRO C 318 -27.74 -34.32 2.79
N ALA C 319 -26.91 -34.41 3.83
CA ALA C 319 -26.19 -35.66 4.04
C ALA C 319 -27.10 -36.78 4.51
N VAL C 320 -28.30 -36.45 4.97
CA VAL C 320 -29.35 -37.42 5.20
C VAL C 320 -30.50 -37.25 4.21
N GLU C 321 -30.82 -36.01 3.83
CA GLU C 321 -31.98 -35.80 2.97
C GLU C 321 -31.70 -36.22 1.53
N GLN C 322 -30.46 -36.07 1.06
CA GLN C 322 -30.08 -36.54 -0.27
C GLN C 322 -30.02 -38.05 -0.40
N GLN C 323 -30.20 -38.81 0.69
CA GLN C 323 -30.29 -40.25 0.62
C GLN C 323 -31.63 -40.80 1.07
N HIS C 324 -32.29 -40.16 2.04
CA HIS C 324 -33.41 -40.79 2.71
C HIS C 324 -34.63 -39.90 2.89
N TYR C 325 -34.58 -38.63 2.50
CA TYR C 325 -35.74 -37.77 2.25
C TYR C 325 -36.55 -37.44 3.50
N VAL C 326 -36.01 -37.63 4.70
CA VAL C 326 -36.77 -37.44 5.94
C VAL C 326 -35.99 -36.49 6.84
N ILE C 327 -36.51 -35.27 7.02
CA ILE C 327 -36.06 -34.38 8.09
C ILE C 327 -37.25 -33.94 8.92
N ALA C 328 -38.37 -33.66 8.25
CA ALA C 328 -39.69 -33.36 8.84
C ALA C 328 -39.66 -32.07 9.69
N ASN C 329 -39.57 -30.96 8.95
CA ASN C 329 -39.83 -29.57 9.35
C ASN C 329 -38.72 -28.98 10.21
N LEU C 330 -37.67 -29.74 10.47
CA LEU C 330 -36.35 -29.19 10.70
C LEU C 330 -35.63 -28.97 9.38
N ILE C 331 -36.32 -29.25 8.25
CA ILE C 331 -35.86 -28.96 6.90
C ILE C 331 -35.57 -27.47 6.76
N ARG C 332 -36.36 -26.65 7.44
CA ARG C 332 -36.25 -25.20 7.34
C ARG C 332 -34.91 -24.69 7.87
N GLY C 333 -34.37 -25.34 8.91
CA GLY C 333 -33.03 -25.01 9.35
C GLY C 333 -31.98 -25.80 8.61
N GLY C 334 -32.35 -26.40 7.48
CA GLY C 334 -31.45 -27.09 6.59
C GLY C 334 -31.65 -26.62 5.16
N VAL C 335 -32.68 -25.81 4.94
CA VAL C 335 -32.87 -25.08 3.70
C VAL C 335 -32.46 -23.61 3.86
N PHE C 336 -32.80 -22.99 4.99
CA PHE C 336 -32.29 -21.65 5.25
C PHE C 336 -30.80 -21.62 5.48
N GLY C 337 -30.17 -22.76 5.77
CA GLY C 337 -28.72 -22.82 5.71
C GLY C 337 -28.21 -22.76 4.29
N GLU C 338 -29.06 -23.03 3.31
CA GLU C 338 -28.72 -22.91 1.90
C GLU C 338 -29.20 -21.62 1.26
N ALA C 339 -30.14 -20.92 1.88
CA ALA C 339 -30.49 -19.60 1.38
C ALA C 339 -29.33 -18.65 1.54
N GLU C 340 -28.56 -18.76 2.62
CA GLU C 340 -27.33 -18.01 2.76
C GLU C 340 -26.19 -18.91 3.23
N GLU D 15 1.60 -38.82 -44.68
CA GLU D 15 1.35 -37.62 -45.48
C GLU D 15 0.42 -36.67 -44.74
N ARG D 16 0.85 -35.39 -44.69
CA ARG D 16 0.12 -34.28 -44.07
C ARG D 16 -0.18 -34.56 -42.60
N LYS D 17 0.88 -34.70 -41.81
CA LYS D 17 0.72 -34.90 -40.38
C LYS D 17 0.34 -33.60 -39.69
N LEU D 18 -0.02 -33.71 -38.42
CA LEU D 18 -0.42 -32.54 -37.65
C LEU D 18 0.80 -31.68 -37.31
N ASP D 19 0.52 -30.46 -36.88
CA ASP D 19 1.59 -29.52 -36.57
C ASP D 19 2.30 -29.94 -35.29
N PRO D 20 3.61 -29.75 -35.21
CA PRO D 20 4.30 -30.06 -33.96
C PRO D 20 4.04 -29.02 -32.88
N SER D 21 3.82 -27.78 -33.32
CA SER D 21 3.50 -26.69 -32.39
C SER D 21 2.70 -25.65 -33.16
N ASP D 22 1.39 -25.70 -33.02
CA ASP D 22 0.48 -24.74 -33.61
C ASP D 22 -0.06 -23.82 -32.53
N ALA D 23 -0.38 -22.59 -32.90
CA ALA D 23 -0.92 -21.61 -31.97
C ALA D 23 -1.59 -20.52 -32.76
N LEU D 24 -2.77 -20.09 -32.31
CA LEU D 24 -3.58 -19.15 -33.07
C LEU D 24 -3.88 -17.92 -32.24
N MET D 25 -3.88 -16.76 -32.89
CA MET D 25 -4.19 -15.52 -32.21
C MET D 25 -5.66 -15.45 -31.83
N SER D 26 -5.94 -14.83 -30.69
CA SER D 26 -7.33 -14.71 -30.21
C SER D 26 -8.03 -13.62 -30.99
N ALA D 27 -8.49 -13.98 -32.18
CA ALA D 27 -9.36 -13.09 -32.93
C ALA D 27 -10.69 -12.94 -32.20
N GLY D 28 -11.29 -11.76 -32.32
CA GLY D 28 -12.42 -11.48 -31.47
C GLY D 28 -11.93 -11.22 -30.06
N ALA D 29 -11.12 -10.17 -29.89
CA ALA D 29 -10.48 -9.88 -28.62
C ALA D 29 -11.45 -9.22 -27.66
N TRP D 30 -10.95 -8.82 -26.50
CA TRP D 30 -11.80 -8.40 -25.41
C TRP D 30 -11.03 -7.47 -24.49
N ALA D 31 -11.68 -6.40 -24.05
CA ALA D 31 -11.05 -5.42 -23.19
C ALA D 31 -11.40 -5.70 -21.74
N GLN D 32 -10.97 -4.81 -20.84
CA GLN D 32 -11.37 -4.90 -19.44
C GLN D 32 -12.61 -4.05 -19.20
N ARG D 33 -13.25 -4.31 -18.06
CA ARG D 33 -14.44 -3.59 -17.65
C ARG D 33 -14.10 -2.65 -16.51
N ASP D 34 -14.71 -1.49 -16.52
CA ASP D 34 -14.57 -0.52 -15.45
C ASP D 34 -15.97 -0.22 -14.92
N ALA D 35 -16.34 -0.88 -13.83
CA ALA D 35 -17.65 -0.69 -13.25
C ALA D 35 -17.78 0.72 -12.68
N SER D 36 -18.92 1.35 -12.93
CA SER D 36 -19.16 2.72 -12.51
C SER D 36 -20.66 2.95 -12.46
N GLN D 37 -21.13 3.68 -11.45
CA GLN D 37 -22.52 3.60 -11.03
C GLN D 37 -23.31 4.87 -11.22
N GLU D 38 -24.59 4.67 -11.55
CA GLU D 38 -25.37 5.68 -12.25
C GLU D 38 -26.80 5.60 -11.70
N TRP D 39 -27.64 6.54 -12.13
CA TRP D 39 -29.05 6.53 -11.81
C TRP D 39 -29.86 6.54 -13.10
N PRO D 40 -31.00 5.84 -13.16
CA PRO D 40 -31.78 5.84 -14.40
C PRO D 40 -32.44 7.19 -14.62
N ALA D 41 -32.63 7.52 -15.90
CA ALA D 41 -32.94 8.82 -16.52
C ALA D 41 -31.75 9.77 -16.45
N VAL D 42 -30.70 9.36 -15.76
CA VAL D 42 -29.34 9.84 -16.01
C VAL D 42 -28.55 8.74 -16.73
N THR D 43 -29.27 7.78 -17.32
CA THR D 43 -28.68 6.67 -18.07
C THR D 43 -27.88 7.14 -19.26
N VAL D 44 -28.39 8.15 -19.98
CA VAL D 44 -27.77 8.57 -21.23
C VAL D 44 -26.46 9.33 -20.97
N ARG D 45 -26.34 9.95 -19.80
CA ARG D 45 -25.23 10.87 -19.52
C ARG D 45 -24.10 10.18 -18.78
N GLU D 46 -23.78 8.94 -19.13
CA GLU D 46 -22.71 8.20 -18.45
C GLU D 46 -21.36 8.69 -18.98
N LYS D 47 -20.98 9.89 -18.53
CA LYS D 47 -19.64 10.40 -18.77
C LYS D 47 -18.90 10.69 -17.48
N SER D 48 -19.51 11.47 -16.58
CA SER D 48 -18.94 11.79 -15.28
C SER D 48 -19.32 10.77 -14.22
N VAL D 49 -19.68 9.56 -14.63
CA VAL D 49 -20.15 8.54 -13.70
C VAL D 49 -18.96 7.92 -12.98
N ARG D 50 -18.97 8.02 -11.65
CA ARG D 50 -17.81 7.72 -10.84
C ARG D 50 -17.58 6.22 -10.74
N GLY D 51 -16.32 5.83 -10.71
CA GLY D 51 -15.98 4.44 -10.55
C GLY D 51 -16.23 3.94 -9.15
N THR D 52 -16.19 2.63 -9.00
CA THR D 52 -16.59 1.96 -7.77
C THR D 52 -15.34 1.35 -7.14
N ILE D 53 -14.84 1.99 -6.08
CA ILE D 53 -13.59 1.55 -5.48
C ILE D 53 -13.81 0.26 -4.74
N SER D 54 -12.87 -0.67 -4.87
CA SER D 54 -12.90 -1.88 -4.07
C SER D 54 -12.64 -1.49 -2.63
N ASN D 55 -13.68 -1.61 -1.82
CA ASN D 55 -13.72 -1.30 -0.40
C ASN D 55 -12.85 -2.31 0.37
N ARG D 56 -12.79 -2.18 1.69
CA ARG D 56 -12.23 -3.24 2.54
C ARG D 56 -13.18 -3.50 3.71
N LEU D 57 -14.12 -4.42 3.54
CA LEU D 57 -14.87 -5.00 4.64
C LEU D 57 -13.93 -5.81 5.52
N LYS D 58 -14.32 -6.01 6.76
CA LYS D 58 -13.52 -6.74 7.73
C LYS D 58 -14.43 -7.70 8.49
N THR D 59 -14.28 -9.00 8.20
CA THR D 59 -15.28 -10.03 8.51
C THR D 59 -15.00 -10.73 9.83
N LYS D 60 -15.92 -11.62 10.18
CA LYS D 60 -15.76 -12.63 11.23
C LYS D 60 -16.86 -13.64 11.02
N ASP D 61 -16.63 -14.89 11.38
CA ASP D 61 -17.55 -15.91 10.91
C ASP D 61 -17.55 -17.10 11.85
N ARG D 62 -18.02 -18.22 11.31
CA ARG D 62 -17.86 -19.53 11.90
C ARG D 62 -17.16 -20.38 10.84
N ASP D 63 -17.12 -21.68 11.03
CA ASP D 63 -16.58 -22.57 9.99
C ASP D 63 -17.67 -23.41 9.34
N PRO D 64 -18.12 -23.05 8.13
CA PRO D 64 -19.03 -23.93 7.40
C PRO D 64 -18.32 -25.00 6.58
N ALA D 65 -17.02 -24.90 6.39
CA ALA D 65 -16.30 -25.96 5.71
C ALA D 65 -16.23 -27.20 6.59
N LYS D 66 -16.60 -28.34 6.03
CA LYS D 66 -16.74 -29.57 6.79
C LYS D 66 -15.38 -30.12 7.22
N LEU D 67 -15.39 -31.23 7.95
CA LEU D 67 -14.17 -31.88 8.38
C LEU D 67 -13.74 -32.94 7.37
N ASP D 68 -12.53 -33.44 7.55
CA ASP D 68 -12.07 -34.61 6.81
C ASP D 68 -12.39 -35.86 7.61
N ALA D 69 -13.02 -36.83 6.95
CA ALA D 69 -13.72 -37.91 7.64
C ALA D 69 -12.85 -39.14 7.88
N SER D 70 -11.54 -39.04 7.75
CA SER D 70 -10.70 -40.24 7.87
C SER D 70 -10.39 -40.56 9.33
N ILE D 71 -9.67 -39.66 10.02
CA ILE D 71 -9.23 -39.92 11.38
C ILE D 71 -9.12 -38.58 12.10
N GLN D 72 -9.63 -38.53 13.33
CA GLN D 72 -9.72 -37.27 14.06
C GLN D 72 -9.35 -37.51 15.52
N SER D 73 -9.39 -36.42 16.29
CA SER D 73 -9.52 -36.47 17.72
C SER D 73 -10.64 -35.52 18.08
N PRO D 74 -11.61 -35.93 18.91
CA PRO D 74 -12.87 -35.18 19.02
C PRO D 74 -12.74 -33.86 19.77
N ASN D 75 -11.60 -33.57 20.36
CA ASN D 75 -11.42 -32.27 21.01
C ASN D 75 -11.10 -31.16 20.02
N LEU D 76 -10.69 -31.53 18.80
CA LEU D 76 -10.42 -30.55 17.75
C LEU D 76 -11.67 -29.76 17.38
N GLN D 77 -12.67 -30.47 16.86
CA GLN D 77 -13.74 -29.87 16.06
C GLN D 77 -14.64 -28.93 16.85
N THR D 78 -14.75 -29.13 18.16
CA THR D 78 -15.59 -28.24 18.97
C THR D 78 -14.97 -26.85 19.07
N VAL D 79 -13.67 -26.81 19.32
CA VAL D 79 -12.97 -25.52 19.42
C VAL D 79 -12.68 -24.98 18.03
N ASP D 80 -12.65 -25.87 17.03
CA ASP D 80 -12.63 -25.45 15.63
C ASP D 80 -13.86 -24.63 15.28
N VAL D 81 -15.04 -25.20 15.48
CA VAL D 81 -16.28 -24.55 15.07
C VAL D 81 -16.57 -23.32 15.91
N ALA D 82 -16.31 -23.40 17.22
CA ALA D 82 -16.76 -22.37 18.16
C ALA D 82 -16.10 -21.01 17.95
N ASN D 83 -14.94 -20.95 17.31
CA ASN D 83 -14.11 -19.75 17.30
C ASN D 83 -14.51 -18.83 16.16
N LEU D 84 -13.66 -17.86 15.84
CA LEU D 84 -13.95 -16.81 14.86
C LEU D 84 -12.90 -16.73 13.77
N PRO D 85 -13.19 -17.10 12.53
CA PRO D 85 -12.23 -16.78 11.47
C PRO D 85 -12.33 -15.33 10.99
N SER D 86 -11.86 -14.42 11.81
CA SER D 86 -12.05 -13.01 11.52
C SER D 86 -10.95 -12.49 10.63
N ASP D 87 -11.19 -12.46 9.32
CA ASP D 87 -10.23 -11.89 8.40
C ASP D 87 -10.82 -10.64 7.77
N ALA D 88 -9.99 -9.91 7.03
CA ALA D 88 -10.48 -8.82 6.20
C ALA D 88 -10.73 -9.36 4.80
N ASP D 89 -11.75 -8.81 4.13
CA ASP D 89 -12.13 -9.25 2.80
C ASP D 89 -12.46 -8.03 1.97
N THR D 90 -11.68 -7.78 0.93
CA THR D 90 -11.89 -6.61 0.09
C THR D 90 -13.11 -6.81 -0.79
N LEU D 91 -14.28 -6.44 -0.32
CA LEU D 91 -15.50 -6.70 -1.06
C LEU D 91 -15.98 -5.39 -1.67
N LYS D 92 -16.01 -5.34 -3.00
CA LYS D 92 -16.46 -4.16 -3.68
C LYS D 92 -17.97 -4.06 -3.61
N VAL D 93 -18.44 -2.88 -3.26
CA VAL D 93 -19.79 -2.55 -2.84
C VAL D 93 -20.19 -1.31 -3.64
N ARG D 94 -21.48 -1.17 -3.94
CA ARG D 94 -21.94 -0.08 -4.77
C ARG D 94 -21.90 1.27 -4.04
N PHE D 95 -22.36 2.31 -4.73
CA PHE D 95 -22.54 3.58 -4.06
C PHE D 95 -23.81 3.58 -3.21
N THR D 96 -23.99 4.68 -2.46
CA THR D 96 -25.12 4.80 -1.55
C THR D 96 -26.41 5.04 -2.29
N LEU D 97 -26.45 6.08 -3.13
CA LEU D 97 -27.64 6.51 -3.83
C LEU D 97 -27.52 6.32 -5.34
N ARG D 98 -26.99 5.17 -5.76
CA ARG D 98 -26.84 4.86 -7.17
C ARG D 98 -27.58 3.56 -7.47
N VAL D 99 -28.47 3.60 -8.45
CA VAL D 99 -29.29 2.43 -8.77
C VAL D 99 -28.66 1.62 -9.89
N LEU D 100 -28.08 2.26 -10.89
CA LEU D 100 -27.64 1.54 -12.08
C LEU D 100 -26.29 0.87 -11.84
N GLY D 101 -25.66 0.45 -12.92
CA GLY D 101 -24.31 -0.05 -12.90
C GLY D 101 -23.52 0.37 -14.13
N GLY D 102 -22.45 -0.34 -14.44
CA GLY D 102 -21.65 0.01 -15.60
C GLY D 102 -20.67 -1.08 -15.99
N ALA D 103 -20.42 -1.25 -17.28
CA ALA D 103 -19.36 -2.14 -17.73
C ALA D 103 -18.91 -1.62 -19.10
N GLY D 104 -17.80 -0.87 -19.11
CA GLY D 104 -17.31 -0.29 -20.35
C GLY D 104 -16.24 -1.14 -21.00
N THR D 105 -16.60 -1.94 -22.00
CA THR D 105 -15.66 -2.85 -22.66
C THR D 105 -15.67 -2.67 -24.17
N PRO D 106 -14.60 -2.21 -24.76
CA PRO D 106 -14.44 -2.32 -26.22
C PRO D 106 -13.86 -3.63 -26.69
N SER D 107 -14.69 -4.63 -26.94
CA SER D 107 -14.22 -5.84 -27.59
C SER D 107 -14.02 -5.52 -29.05
N ALA D 108 -12.77 -5.59 -29.51
CA ALA D 108 -12.46 -5.43 -30.92
C ALA D 108 -12.19 -6.79 -31.52
N CYS D 109 -12.76 -7.03 -32.69
CA CYS D 109 -12.63 -8.33 -33.34
C CYS D 109 -11.51 -8.28 -34.37
N ASN D 110 -10.50 -9.12 -34.19
CA ASN D 110 -9.45 -9.18 -35.18
C ASN D 110 -9.92 -9.97 -36.39
N ASP D 111 -9.12 -9.91 -37.44
CA ASP D 111 -9.40 -10.63 -38.68
C ASP D 111 -8.82 -12.03 -38.56
N ALA D 112 -8.72 -12.72 -39.70
CA ALA D 112 -7.89 -13.91 -39.89
C ALA D 112 -8.31 -15.06 -38.94
N ALA D 113 -9.48 -15.61 -39.25
CA ALA D 113 -10.11 -16.61 -38.41
C ALA D 113 -9.24 -17.86 -38.21
N TYR D 114 -8.41 -18.19 -39.18
CA TYR D 114 -7.53 -19.33 -39.00
C TYR D 114 -6.12 -19.12 -39.52
N ARG D 115 -5.75 -17.91 -39.93
CA ARG D 115 -4.35 -17.64 -40.20
C ARG D 115 -3.59 -17.66 -38.89
N ASP D 116 -2.57 -18.49 -38.81
CA ASP D 116 -2.00 -18.88 -37.53
C ASP D 116 -1.12 -17.77 -36.94
N LYS D 117 -0.46 -18.12 -35.84
CA LYS D 117 0.66 -17.36 -35.32
C LYS D 117 1.93 -18.18 -35.27
N LEU D 118 1.83 -19.50 -35.22
CA LEU D 118 2.98 -20.39 -35.35
C LEU D 118 2.63 -21.45 -36.38
N LEU D 119 3.61 -21.82 -37.19
CA LEU D 119 3.42 -22.74 -38.32
C LEU D 119 4.51 -23.77 -38.27
N GLN D 120 4.36 -24.82 -37.47
CA GLN D 120 5.45 -25.79 -37.39
C GLN D 120 5.56 -26.68 -38.63
N THR D 121 4.57 -26.63 -39.52
CA THR D 121 4.65 -27.20 -40.85
C THR D 121 3.79 -26.35 -41.76
N VAL D 122 4.35 -25.90 -42.88
CA VAL D 122 3.66 -24.95 -43.72
C VAL D 122 2.53 -25.63 -44.50
N ALA D 123 2.64 -26.93 -44.74
CA ALA D 123 1.59 -27.65 -45.44
C ALA D 123 0.31 -27.72 -44.61
N THR D 124 0.47 -27.88 -43.29
CA THR D 124 -0.69 -27.82 -42.39
C THR D 124 -1.29 -26.42 -42.36
N TYR D 125 -0.45 -25.39 -42.53
CA TYR D 125 -0.95 -24.02 -42.61
C TYR D 125 -1.74 -23.80 -43.90
N VAL D 126 -1.31 -24.40 -45.00
CA VAL D 126 -2.05 -24.30 -46.24
C VAL D 126 -3.36 -25.06 -46.13
N ASN D 127 -3.35 -26.18 -45.41
CA ASN D 127 -4.59 -26.90 -45.13
C ASN D 127 -5.56 -26.03 -44.34
N ASP D 128 -5.11 -25.50 -43.19
CA ASP D 128 -5.99 -24.74 -42.30
C ASP D 128 -6.47 -23.45 -42.93
N GLN D 129 -5.66 -22.82 -43.77
CA GLN D 129 -6.16 -21.72 -44.57
C GLN D 129 -7.19 -22.20 -45.58
N GLY D 130 -7.02 -23.44 -46.08
CA GLY D 130 -8.06 -24.05 -46.89
C GLY D 130 -9.35 -24.30 -46.13
N PHE D 131 -9.26 -24.56 -44.83
CA PHE D 131 -10.44 -24.84 -44.05
C PHE D 131 -11.14 -23.58 -43.59
N ALA D 132 -10.40 -22.50 -43.35
CA ALA D 132 -11.07 -21.21 -43.22
C ALA D 132 -11.67 -20.78 -44.55
N GLU D 133 -11.08 -21.22 -45.67
CA GLU D 133 -11.70 -20.94 -46.96
C GLU D 133 -12.99 -21.72 -47.15
N LEU D 134 -13.04 -22.96 -46.67
CA LEU D 134 -14.27 -23.74 -46.78
C LEU D 134 -15.32 -23.26 -45.79
N ALA D 135 -15.00 -23.32 -44.50
CA ALA D 135 -15.95 -22.96 -43.45
C ALA D 135 -16.20 -21.46 -43.36
N ARG D 136 -15.46 -20.65 -44.11
CA ARG D 136 -15.82 -19.26 -44.29
C ARG D 136 -16.46 -18.99 -45.64
N ARG D 137 -16.29 -19.89 -46.60
CA ARG D 137 -16.93 -19.75 -47.90
C ARG D 137 -18.27 -20.46 -47.95
N TYR D 138 -18.31 -21.72 -47.51
CA TYR D 138 -19.55 -22.48 -47.53
C TYR D 138 -20.47 -22.08 -46.38
N ALA D 139 -20.03 -22.33 -45.15
CA ALA D 139 -20.81 -21.95 -43.98
C ALA D 139 -20.65 -20.45 -43.75
N HIS D 140 -21.69 -19.70 -44.08
CA HIS D 140 -21.67 -18.27 -43.86
C HIS D 140 -21.72 -17.98 -42.36
N ASN D 141 -21.04 -16.90 -41.93
CA ASN D 141 -20.94 -16.60 -40.50
C ASN D 141 -22.12 -15.80 -39.98
N LEU D 142 -23.30 -15.89 -40.62
CA LEU D 142 -24.54 -15.33 -40.10
C LEU D 142 -24.90 -15.90 -38.74
N ALA D 143 -25.20 -17.20 -38.67
CA ALA D 143 -25.57 -17.82 -37.41
C ALA D 143 -24.39 -18.01 -36.47
N ASN D 144 -23.17 -18.02 -37.02
CA ASN D 144 -21.94 -18.06 -36.22
C ASN D 144 -21.81 -16.83 -35.32
N ALA D 145 -21.85 -15.65 -35.92
CA ALA D 145 -21.83 -14.42 -35.15
C ALA D 145 -23.17 -14.19 -34.46
N ARG D 146 -24.24 -14.84 -34.90
CA ARG D 146 -25.45 -14.86 -34.09
C ARG D 146 -25.25 -15.67 -32.81
N PHE D 147 -24.35 -16.66 -32.80
CA PHE D 147 -23.93 -17.22 -31.52
C PHE D 147 -23.06 -16.25 -30.74
N LEU D 148 -22.10 -15.58 -31.41
CA LEU D 148 -21.26 -14.65 -30.65
C LEU D 148 -21.96 -13.34 -30.29
N TRP D 149 -23.22 -13.13 -30.69
CA TRP D 149 -23.96 -11.96 -30.28
C TRP D 149 -25.19 -12.33 -29.46
N ARG D 150 -26.09 -13.15 -30.00
CA ARG D 150 -27.31 -13.55 -29.30
C ARG D 150 -27.06 -14.38 -28.06
N ASN D 151 -25.84 -14.87 -27.84
CA ASN D 151 -25.46 -15.41 -26.54
C ASN D 151 -24.34 -14.58 -25.91
N ARG D 152 -24.19 -13.32 -26.33
CA ARG D 152 -23.38 -12.35 -25.62
C ARG D 152 -23.95 -10.93 -25.66
N VAL D 153 -25.14 -10.72 -26.23
CA VAL D 153 -25.89 -9.49 -26.02
C VAL D 153 -26.87 -9.66 -24.87
N GLY D 154 -27.55 -10.81 -24.84
CA GLY D 154 -28.11 -11.30 -23.60
C GLY D 154 -26.94 -11.42 -22.67
N ALA D 155 -26.87 -10.49 -21.73
CA ALA D 155 -25.60 -10.03 -21.19
C ALA D 155 -24.93 -11.03 -20.28
N GLU D 156 -24.44 -12.12 -20.85
CA GLU D 156 -23.50 -12.97 -20.12
C GLU D 156 -22.17 -12.29 -19.93
N ALA D 157 -21.94 -11.16 -20.61
CA ALA D 157 -20.92 -10.16 -20.30
C ALA D 157 -20.82 -9.89 -18.81
N VAL D 158 -21.93 -9.43 -18.23
CA VAL D 158 -22.05 -9.22 -16.79
C VAL D 158 -22.33 -10.59 -16.17
N GLU D 159 -21.37 -11.13 -15.41
CA GLU D 159 -21.42 -12.57 -15.15
C GLU D 159 -22.32 -12.95 -13.96
N VAL D 160 -21.93 -12.55 -12.76
CA VAL D 160 -22.67 -12.92 -11.57
C VAL D 160 -23.59 -11.78 -11.15
N ARG D 161 -23.25 -10.56 -11.53
CA ARG D 161 -24.07 -9.37 -11.37
C ARG D 161 -25.29 -9.37 -12.31
N ILE D 162 -25.41 -10.34 -13.22
CA ILE D 162 -26.65 -10.49 -13.97
C ILE D 162 -27.78 -11.01 -13.09
N ASN D 163 -27.46 -11.61 -11.94
CA ASN D 163 -28.45 -12.33 -11.16
C ASN D 163 -29.44 -11.36 -10.53
N HIS D 164 -30.69 -11.44 -10.99
CA HIS D 164 -31.82 -10.61 -10.55
C HIS D 164 -31.52 -9.12 -10.73
N ILE D 165 -31.42 -8.73 -11.95
CA ILE D 165 -31.45 -7.33 -12.29
C ILE D 165 -32.92 -6.94 -12.47
N ARG D 166 -33.24 -5.69 -12.14
CA ARG D 166 -34.46 -5.09 -12.67
C ARG D 166 -34.47 -5.13 -14.19
N GLN D 167 -33.49 -4.48 -14.83
CA GLN D 167 -33.37 -4.49 -16.28
C GLN D 167 -31.93 -4.20 -16.67
N GLY D 168 -31.20 -5.22 -17.10
CA GLY D 168 -29.82 -5.03 -17.50
C GLY D 168 -29.68 -4.62 -18.94
N GLU D 169 -29.55 -3.31 -19.19
CA GLU D 169 -29.55 -2.75 -20.53
C GLU D 169 -28.13 -2.70 -21.09
N VAL D 170 -27.94 -3.26 -22.28
CA VAL D 170 -26.66 -3.25 -22.97
C VAL D 170 -26.72 -2.23 -24.10
N ALA D 171 -25.75 -1.33 -24.15
CA ALA D 171 -25.67 -0.32 -25.20
C ALA D 171 -24.36 -0.54 -25.95
N ARG D 172 -24.38 -1.41 -26.97
CA ARG D 172 -23.20 -1.66 -27.80
C ARG D 172 -23.07 -0.55 -28.84
N ALA D 173 -22.41 0.53 -28.44
CA ALA D 173 -22.01 1.54 -29.39
C ALA D 173 -20.85 1.00 -30.21
N TRP D 174 -20.72 1.48 -31.45
CA TRP D 174 -19.62 1.09 -32.31
C TRP D 174 -19.08 2.30 -33.04
N ARG D 175 -17.74 2.41 -33.09
CA ARG D 175 -17.07 3.63 -33.52
C ARG D 175 -16.01 3.33 -34.57
N PHE D 176 -16.11 4.01 -35.72
CA PHE D 176 -14.95 4.19 -36.60
C PHE D 176 -13.79 4.82 -35.86
N ASP D 177 -14.08 5.92 -35.18
CA ASP D 177 -13.13 6.93 -34.72
C ASP D 177 -13.71 7.49 -33.44
N ALA D 178 -13.37 8.74 -33.11
CA ALA D 178 -14.13 9.46 -32.09
C ALA D 178 -15.62 9.49 -32.41
N LEU D 179 -15.97 9.61 -33.69
CA LEU D 179 -17.36 9.43 -34.10
C LEU D 179 -17.77 7.97 -33.98
N ALA D 180 -19.07 7.74 -33.78
CA ALA D 180 -19.61 6.40 -33.62
C ALA D 180 -20.91 6.30 -34.41
N ILE D 181 -20.99 5.30 -35.29
CA ILE D 181 -22.14 5.20 -36.19
C ILE D 181 -23.08 4.08 -35.77
N GLY D 182 -22.58 2.85 -35.69
CA GLY D 182 -23.41 1.75 -35.26
C GLY D 182 -23.76 1.89 -33.78
N LEU D 183 -25.00 2.27 -33.51
CA LEU D 183 -25.45 2.60 -32.16
C LEU D 183 -26.66 1.75 -31.87
N ARG D 184 -26.46 0.54 -31.37
CA ARG D 184 -27.55 -0.36 -31.10
C ARG D 184 -27.76 -0.53 -29.60
N ASP D 185 -29.02 -0.52 -29.19
CA ASP D 185 -29.43 -0.52 -27.80
C ASP D 185 -30.30 -1.75 -27.56
N PHE D 186 -30.35 -2.24 -26.33
CA PHE D 186 -30.96 -3.53 -26.08
C PHE D 186 -31.70 -3.53 -24.75
N LYS D 187 -32.17 -4.72 -24.37
CA LYS D 187 -32.69 -5.01 -23.03
C LYS D 187 -32.44 -6.49 -22.79
N ALA D 188 -31.34 -6.81 -22.13
CA ALA D 188 -30.82 -8.17 -22.08
C ALA D 188 -31.59 -9.08 -21.15
N ASP D 189 -32.61 -8.60 -20.44
CA ASP D 189 -33.48 -9.50 -19.71
C ASP D 189 -34.59 -10.08 -20.59
N ALA D 190 -34.80 -9.53 -21.77
CA ALA D 190 -35.74 -10.07 -22.72
C ALA D 190 -35.11 -11.14 -23.61
N GLU D 191 -33.88 -11.55 -23.32
CA GLU D 191 -33.16 -12.54 -24.11
C GLU D 191 -32.66 -13.63 -23.19
N LEU D 192 -32.88 -14.89 -23.59
CA LEU D 192 -32.53 -16.02 -22.75
C LEU D 192 -31.03 -16.25 -22.74
N ASP D 193 -30.61 -17.26 -21.99
CA ASP D 193 -29.23 -17.70 -21.99
C ASP D 193 -29.11 -19.17 -22.35
N ALA D 194 -30.19 -19.82 -22.78
CA ALA D 194 -30.15 -21.21 -23.19
C ALA D 194 -30.44 -21.42 -24.66
N LEU D 195 -31.23 -20.56 -25.29
CA LEU D 195 -31.55 -20.66 -26.71
C LEU D 195 -31.53 -19.28 -27.34
N ALA D 196 -30.88 -19.17 -28.49
CA ALA D 196 -30.83 -17.92 -29.23
C ALA D 196 -32.08 -17.78 -30.08
N GLU D 197 -32.85 -16.73 -29.85
CA GLU D 197 -34.10 -16.49 -30.57
C GLU D 197 -33.93 -15.40 -31.61
N LEU D 198 -34.87 -15.38 -32.56
CA LEU D 198 -34.74 -14.59 -33.78
C LEU D 198 -34.98 -13.12 -33.48
N ILE D 199 -33.92 -12.31 -33.58
CA ILE D 199 -33.96 -10.88 -33.34
C ILE D 199 -33.35 -10.18 -34.55
N ALA D 200 -33.99 -9.11 -35.01
CA ALA D 200 -33.53 -8.41 -36.21
C ALA D 200 -32.24 -7.64 -35.94
N SER D 201 -32.21 -6.86 -34.86
CA SER D 201 -31.02 -6.07 -34.55
C SER D 201 -29.86 -6.95 -34.12
N GLY D 202 -30.16 -8.11 -33.52
CA GLY D 202 -29.12 -9.11 -33.31
C GLY D 202 -28.56 -9.65 -34.60
N LEU D 203 -29.39 -9.70 -35.65
CA LEU D 203 -28.86 -10.05 -36.97
C LEU D 203 -28.10 -8.90 -37.60
N SER D 204 -28.36 -7.66 -37.19
CA SER D 204 -27.52 -6.57 -37.66
C SER D 204 -26.14 -6.65 -37.02
N GLY D 205 -26.10 -6.85 -35.70
CA GLY D 205 -24.82 -6.99 -35.01
C GLY D 205 -24.05 -8.21 -35.44
N SER D 206 -24.75 -9.29 -35.77
CA SER D 206 -24.06 -10.45 -36.30
C SER D 206 -23.66 -10.26 -37.75
N GLY D 207 -24.36 -9.39 -38.48
CA GLY D 207 -23.85 -8.96 -39.78
C GLY D 207 -22.64 -8.08 -39.65
N HIS D 208 -22.46 -7.45 -38.50
CA HIS D 208 -21.31 -6.61 -38.26
C HIS D 208 -20.11 -7.43 -37.83
N VAL D 209 -20.32 -8.46 -37.03
CA VAL D 209 -19.24 -9.38 -36.72
C VAL D 209 -18.96 -10.26 -37.94
N LEU D 210 -19.96 -10.46 -38.80
CA LEU D 210 -19.69 -10.91 -40.17
C LEU D 210 -18.73 -9.97 -40.89
N LEU D 211 -18.93 -8.66 -40.75
CA LEU D 211 -17.96 -7.73 -41.30
C LEU D 211 -16.68 -7.62 -40.46
N GLU D 212 -16.54 -8.42 -39.40
CA GLU D 212 -15.32 -8.42 -38.61
C GLU D 212 -14.43 -9.63 -38.83
N VAL D 213 -14.98 -10.83 -38.63
CA VAL D 213 -14.15 -12.03 -38.64
C VAL D 213 -13.72 -12.40 -40.06
N VAL D 214 -14.47 -11.95 -41.06
CA VAL D 214 -14.16 -12.25 -42.46
C VAL D 214 -13.35 -11.11 -43.09
N ALA D 215 -12.74 -10.26 -42.24
CA ALA D 215 -11.75 -9.25 -42.61
C ALA D 215 -12.31 -8.21 -43.58
N PHE D 216 -13.27 -7.43 -43.06
CA PHE D 216 -13.82 -6.33 -43.83
C PHE D 216 -13.52 -4.95 -43.27
N ALA D 217 -13.49 -4.77 -41.95
CA ALA D 217 -13.34 -3.41 -41.42
C ALA D 217 -12.71 -3.44 -40.04
N ARG D 218 -12.20 -2.28 -39.63
CA ARG D 218 -11.81 -2.07 -38.25
C ARG D 218 -13.05 -1.96 -37.39
N ILE D 219 -13.16 -2.85 -36.40
CA ILE D 219 -14.35 -2.99 -35.59
C ILE D 219 -13.93 -3.11 -34.13
N GLY D 220 -14.29 -2.10 -33.33
CA GLY D 220 -14.13 -2.17 -31.90
C GLY D 220 -15.43 -1.75 -31.26
N ASP D 221 -16.10 -2.67 -30.57
CA ASP D 221 -17.46 -2.48 -30.08
C ASP D 221 -17.41 -1.93 -28.66
N GLY D 222 -17.55 -0.62 -28.51
CA GLY D 222 -17.60 -0.06 -27.18
C GLY D 222 -18.92 -0.35 -26.50
N GLN D 223 -18.90 -1.27 -25.54
CA GLN D 223 -20.08 -1.75 -24.83
C GLN D 223 -20.26 -0.97 -23.53
N GLU D 224 -21.50 -0.65 -23.20
CA GLU D 224 -21.78 0.09 -21.95
C GLU D 224 -23.01 -0.57 -21.35
N VAL D 225 -22.80 -1.58 -20.52
CA VAL D 225 -23.90 -2.37 -19.98
C VAL D 225 -24.35 -1.75 -18.67
N PHE D 226 -25.67 -1.54 -18.52
CA PHE D 226 -26.23 -0.85 -17.36
C PHE D 226 -27.18 -1.78 -16.60
N PRO D 227 -26.68 -2.61 -15.67
CA PRO D 227 -27.59 -3.32 -14.77
C PRO D 227 -28.24 -2.36 -13.79
N SER D 228 -29.57 -2.31 -13.82
CA SER D 228 -30.36 -1.35 -13.08
C SER D 228 -30.85 -1.91 -11.77
N GLN D 229 -30.01 -2.70 -11.10
CA GLN D 229 -30.43 -3.55 -10.00
C GLN D 229 -31.00 -2.81 -8.80
N GLU D 230 -30.14 -2.13 -8.06
CA GLU D 230 -30.55 -1.48 -6.82
C GLU D 230 -29.45 -0.56 -6.37
N LEU D 231 -29.57 -0.10 -5.13
CA LEU D 231 -28.58 0.63 -4.37
C LEU D 231 -27.54 -0.34 -3.84
N ILE D 232 -26.97 -0.05 -2.68
CA ILE D 232 -25.61 -0.37 -2.20
C ILE D 232 -25.19 -1.86 -2.27
N LEU D 233 -25.96 -2.72 -2.94
CA LEU D 233 -25.70 -4.16 -3.07
C LEU D 233 -24.31 -4.57 -3.54
N ASP D 234 -23.97 -5.84 -3.37
CA ASP D 234 -22.64 -6.32 -3.72
C ASP D 234 -22.54 -6.53 -5.23
N LYS D 235 -21.46 -7.18 -5.67
CA LYS D 235 -21.17 -7.36 -7.08
C LYS D 235 -20.58 -8.74 -7.32
N GLY D 236 -19.96 -8.87 -8.48
CA GLY D 236 -19.30 -10.08 -8.90
C GLY D 236 -17.99 -9.81 -9.61
N ASP D 237 -17.26 -8.79 -9.17
CA ASP D 237 -16.00 -8.41 -9.80
C ASP D 237 -14.98 -9.53 -9.73
N LYS D 238 -14.04 -9.52 -10.65
CA LYS D 238 -13.14 -10.65 -10.79
C LYS D 238 -12.09 -10.64 -9.70
N LYS D 239 -12.00 -11.74 -8.97
CA LYS D 239 -11.08 -11.84 -7.86
C LYS D 239 -9.65 -12.06 -8.33
N GLY D 240 -8.69 -11.58 -7.56
CA GLY D 240 -7.30 -11.88 -7.77
C GLY D 240 -6.94 -13.20 -7.16
N GLN D 241 -5.72 -13.28 -6.60
CA GLN D 241 -5.28 -14.49 -5.94
C GLN D 241 -4.56 -14.16 -4.63
N LYS D 242 -4.25 -15.22 -3.89
CA LYS D 242 -3.53 -15.17 -2.63
C LYS D 242 -2.43 -16.23 -2.59
N SER D 243 -1.68 -16.33 -3.69
CA SER D 243 -0.56 -17.26 -3.77
C SER D 243 0.70 -16.51 -3.35
N LYS D 244 1.28 -16.93 -2.22
CA LYS D 244 2.44 -16.33 -1.55
C LYS D 244 2.25 -14.85 -1.21
N THR D 245 1.00 -14.40 -1.09
CA THR D 245 0.68 -13.08 -0.56
C THR D 245 -0.24 -13.17 0.64
N LEU D 246 -0.67 -14.38 1.03
CA LEU D 246 -1.43 -14.62 2.24
C LEU D 246 -0.54 -14.89 3.44
N TYR D 247 0.72 -14.51 3.35
CA TYR D 247 1.73 -14.70 4.39
C TYR D 247 2.42 -13.40 4.78
N SER D 248 2.69 -12.52 3.81
CA SER D 248 3.21 -11.21 4.13
C SER D 248 2.12 -10.32 4.71
N VAL D 249 0.96 -10.27 4.06
CA VAL D 249 -0.18 -9.51 4.56
C VAL D 249 -0.99 -10.40 5.51
N ARG D 250 -1.37 -11.58 5.01
CA ARG D 250 -2.08 -12.64 5.77
C ARG D 250 -3.41 -12.15 6.34
N ASP D 251 -4.03 -11.16 5.70
CA ASP D 251 -5.29 -10.61 6.15
C ASP D 251 -6.39 -10.78 5.12
N ALA D 252 -6.14 -10.34 3.88
CA ALA D 252 -7.14 -10.42 2.84
C ALA D 252 -7.33 -11.86 2.40
N ALA D 253 -8.51 -12.18 1.88
CA ALA D 253 -8.78 -13.49 1.34
C ALA D 253 -9.49 -13.45 0.00
N ALA D 254 -9.88 -12.26 -0.45
CA ALA D 254 -10.55 -12.12 -1.74
C ALA D 254 -10.15 -10.73 -2.28
N ILE D 255 -9.16 -10.70 -3.17
CA ILE D 255 -8.69 -9.46 -3.74
C ILE D 255 -9.50 -9.19 -5.00
N HIS D 256 -10.46 -8.30 -4.91
CA HIS D 256 -11.14 -7.84 -6.11
C HIS D 256 -10.21 -6.92 -6.91
N SER D 257 -9.86 -7.36 -8.11
CA SER D 257 -8.79 -6.73 -8.86
C SER D 257 -9.20 -5.37 -9.40
N GLN D 258 -8.21 -4.51 -9.59
CA GLN D 258 -8.43 -3.11 -9.88
C GLN D 258 -7.75 -2.69 -11.17
N LYS D 259 -8.42 -1.80 -11.90
CA LYS D 259 -7.78 -0.91 -12.87
C LYS D 259 -7.26 0.29 -12.10
N ILE D 260 -6.97 1.39 -12.78
CA ILE D 260 -6.52 2.57 -12.07
C ILE D 260 -7.72 3.16 -11.33
N GLY D 261 -7.86 2.81 -10.07
CA GLY D 261 -8.88 3.35 -9.20
C GLY D 261 -10.27 2.77 -9.35
N ASN D 262 -10.45 1.68 -10.10
CA ASN D 262 -11.78 1.12 -10.32
C ASN D 262 -11.76 -0.38 -10.06
N ALA D 263 -12.82 -1.08 -10.45
CA ALA D 263 -12.92 -2.52 -10.22
C ALA D 263 -12.92 -3.24 -11.55
N LEU D 264 -11.98 -4.17 -11.72
CA LEU D 264 -11.89 -4.88 -12.98
C LEU D 264 -13.02 -5.89 -13.14
N ARG D 265 -13.20 -6.32 -14.37
CA ARG D 265 -13.53 -7.70 -14.68
C ARG D 265 -12.39 -8.16 -15.56
N THR D 266 -11.65 -9.16 -15.09
CA THR D 266 -10.49 -9.62 -15.84
C THR D 266 -10.94 -10.20 -17.18
N ILE D 267 -10.13 -9.97 -18.22
CA ILE D 267 -10.46 -10.41 -19.58
C ILE D 267 -10.55 -11.92 -19.65
N ASP D 268 -9.82 -12.59 -18.75
CA ASP D 268 -9.92 -14.03 -18.59
C ASP D 268 -11.34 -14.49 -18.31
N THR D 269 -12.06 -13.82 -17.38
CA THR D 269 -13.48 -14.13 -17.23
C THR D 269 -14.28 -13.62 -18.38
N TRP D 270 -13.85 -12.51 -18.97
CA TRP D 270 -14.66 -11.82 -19.95
C TRP D 270 -14.73 -12.57 -21.28
N TYR D 271 -13.78 -13.47 -21.54
CA TYR D 271 -13.86 -14.24 -22.79
C TYR D 271 -14.96 -15.29 -22.76
N PRO D 272 -15.13 -16.13 -21.72
CA PRO D 272 -16.31 -17.01 -21.70
C PRO D 272 -17.63 -16.30 -21.44
N ASP D 273 -17.66 -14.98 -21.39
CA ASP D 273 -18.92 -14.31 -21.65
C ASP D 273 -19.29 -14.49 -23.12
N GLU D 274 -18.31 -14.39 -23.99
CA GLU D 274 -18.55 -14.48 -25.42
C GLU D 274 -18.04 -15.78 -26.01
N ASP D 275 -17.17 -16.48 -25.31
CA ASP D 275 -16.79 -17.83 -25.73
C ASP D 275 -17.86 -18.86 -25.38
N GLY D 276 -18.90 -18.48 -24.61
CA GLY D 276 -20.06 -19.34 -24.41
C GLY D 276 -20.90 -19.35 -25.67
N LEU D 277 -20.61 -20.32 -26.53
CA LEU D 277 -21.24 -20.40 -27.84
C LEU D 277 -22.10 -21.65 -27.98
N GLY D 278 -21.51 -22.83 -27.83
CA GLY D 278 -22.10 -24.01 -28.41
C GLY D 278 -22.87 -24.89 -27.47
N PRO D 279 -24.19 -25.09 -27.75
CA PRO D 279 -24.91 -26.26 -27.25
C PRO D 279 -24.73 -27.45 -28.18
N ILE D 280 -23.49 -27.68 -28.61
CA ILE D 280 -23.17 -28.60 -29.67
C ILE D 280 -22.31 -29.65 -28.96
N ALA D 281 -22.57 -29.83 -27.68
CA ALA D 281 -21.77 -30.72 -26.85
C ALA D 281 -22.28 -32.15 -26.98
N VAL D 282 -21.75 -33.06 -26.17
CA VAL D 282 -22.18 -34.44 -26.22
C VAL D 282 -23.50 -34.61 -25.47
N GLU D 283 -23.49 -34.29 -24.16
CA GLU D 283 -24.65 -34.60 -23.32
C GLU D 283 -25.86 -33.70 -23.55
N PRO D 284 -25.81 -32.38 -23.34
CA PRO D 284 -27.06 -31.64 -23.15
C PRO D 284 -27.79 -31.38 -24.46
N TYR D 285 -29.06 -31.02 -24.32
CA TYR D 285 -29.90 -30.64 -25.45
C TYR D 285 -30.28 -29.17 -25.38
N GLY D 286 -30.91 -28.74 -24.30
CA GLY D 286 -31.25 -27.35 -24.11
C GLY D 286 -30.97 -26.94 -22.68
N SER D 287 -30.08 -27.67 -22.02
CA SER D 287 -29.77 -27.45 -20.62
C SER D 287 -28.57 -26.52 -20.45
N VAL D 288 -27.43 -26.92 -20.99
CA VAL D 288 -26.15 -26.29 -20.69
C VAL D 288 -25.55 -25.78 -22.00
N THR D 289 -25.27 -24.47 -22.05
CA THR D 289 -24.60 -23.83 -23.19
C THR D 289 -23.23 -23.37 -22.70
N SER D 290 -22.26 -24.27 -22.74
CA SER D 290 -20.98 -24.02 -22.10
C SER D 290 -20.11 -23.10 -22.95
N GLN D 291 -18.87 -22.91 -22.51
CA GLN D 291 -17.92 -22.02 -23.19
C GLN D 291 -17.10 -22.82 -24.20
N GLY D 292 -17.14 -22.39 -25.46
CA GLY D 292 -16.60 -23.20 -26.53
C GLY D 292 -15.09 -23.26 -26.50
N LYS D 293 -14.56 -24.37 -26.01
CA LYS D 293 -13.14 -24.49 -25.71
C LYS D 293 -12.60 -25.78 -26.31
N ALA D 294 -11.28 -25.87 -26.35
CA ALA D 294 -10.67 -27.18 -26.48
C ALA D 294 -11.01 -27.97 -25.24
N TYR D 295 -11.41 -29.23 -25.43
CA TYR D 295 -11.89 -30.16 -24.42
C TYR D 295 -13.20 -29.74 -23.76
N ARG D 296 -13.81 -28.62 -24.20
CA ARG D 296 -15.07 -28.00 -23.74
C ARG D 296 -15.31 -28.04 -22.23
N GLN D 297 -14.26 -27.81 -21.44
CA GLN D 297 -14.35 -27.97 -20.01
C GLN D 297 -14.88 -26.71 -19.35
N PRO D 298 -15.97 -26.76 -18.60
CA PRO D 298 -16.34 -25.63 -17.76
C PRO D 298 -15.62 -25.70 -16.43
N LYS D 299 -15.26 -24.53 -15.91
CA LYS D 299 -14.46 -24.48 -14.69
C LYS D 299 -15.33 -24.65 -13.45
N GLN D 300 -16.61 -24.28 -13.53
CA GLN D 300 -17.54 -24.44 -12.44
C GLN D 300 -17.73 -25.90 -12.08
N LYS D 301 -18.32 -26.65 -12.99
CA LYS D 301 -18.91 -27.94 -12.68
C LYS D 301 -17.88 -29.04 -12.53
N LEU D 302 -16.60 -28.76 -12.80
CA LEU D 302 -15.53 -29.75 -12.89
C LEU D 302 -15.86 -30.88 -13.85
N ASP D 303 -16.63 -30.57 -14.89
CA ASP D 303 -17.02 -31.52 -15.90
C ASP D 303 -16.01 -31.51 -17.04
N PHE D 304 -16.09 -32.55 -17.86
CA PHE D 304 -15.45 -32.56 -19.16
C PHE D 304 -16.54 -32.97 -20.14
N TYR D 305 -17.34 -31.98 -20.56
CA TYR D 305 -18.12 -32.13 -21.77
C TYR D 305 -17.16 -32.33 -22.92
N THR D 306 -17.53 -33.18 -23.88
CA THR D 306 -16.69 -33.58 -25.01
C THR D 306 -15.37 -34.17 -24.50
N LEU D 307 -15.47 -35.33 -23.87
CA LEU D 307 -14.30 -36.00 -23.31
C LEU D 307 -13.42 -36.55 -24.45
N LEU D 308 -12.28 -37.13 -24.09
CA LEU D 308 -11.40 -37.79 -25.05
C LEU D 308 -12.09 -38.93 -25.78
N ASP D 309 -12.88 -39.73 -25.06
CA ASP D 309 -13.50 -40.89 -25.68
C ASP D 309 -14.62 -40.49 -26.63
N ASN D 310 -15.24 -39.34 -26.41
CA ASN D 310 -16.12 -38.78 -27.42
C ASN D 310 -15.29 -38.10 -28.49
N TRP D 311 -15.95 -37.72 -29.59
CA TRP D 311 -15.26 -37.10 -30.71
C TRP D 311 -15.74 -35.70 -30.99
N VAL D 312 -15.95 -34.89 -29.96
CA VAL D 312 -16.44 -33.52 -30.13
C VAL D 312 -15.35 -32.62 -29.53
N LEU D 313 -14.12 -33.09 -29.56
CA LEU D 313 -12.99 -32.27 -29.14
C LEU D 313 -12.67 -31.20 -30.18
N ARG D 314 -12.11 -30.07 -29.73
CA ARG D 314 -11.39 -29.23 -30.69
C ARG D 314 -10.16 -29.96 -31.18
N ASP D 315 -9.45 -30.64 -30.31
CA ASP D 315 -8.25 -31.34 -30.74
C ASP D 315 -8.55 -32.70 -31.37
N GLU D 316 -9.78 -32.92 -31.83
CA GLU D 316 -10.11 -33.90 -32.86
C GLU D 316 -10.82 -33.27 -34.05
N ALA D 317 -10.97 -31.94 -34.09
CA ALA D 317 -11.63 -31.34 -35.23
C ALA D 317 -10.68 -31.10 -36.41
N PRO D 318 -9.42 -30.58 -36.24
CA PRO D 318 -8.47 -30.71 -37.35
C PRO D 318 -7.75 -32.05 -37.32
N ALA D 319 -7.78 -32.76 -36.20
CA ALA D 319 -7.16 -34.08 -36.18
C ALA D 319 -7.95 -35.09 -36.99
N VAL D 320 -9.21 -34.79 -37.31
CA VAL D 320 -9.98 -35.54 -38.28
C VAL D 320 -10.23 -34.72 -39.54
N GLU D 321 -10.44 -33.42 -39.41
CA GLU D 321 -10.81 -32.61 -40.57
C GLU D 321 -9.61 -32.38 -41.49
N GLN D 322 -8.40 -32.27 -40.92
CA GLN D 322 -7.18 -32.14 -41.73
C GLN D 322 -6.80 -33.42 -42.48
N GLN D 323 -7.50 -34.53 -42.26
CA GLN D 323 -7.28 -35.74 -43.04
C GLN D 323 -8.49 -36.17 -43.85
N HIS D 324 -9.70 -35.93 -43.37
CA HIS D 324 -10.88 -36.57 -43.94
C HIS D 324 -12.05 -35.64 -44.20
N TYR D 325 -11.98 -34.36 -43.81
CA TYR D 325 -12.83 -33.28 -44.31
C TYR D 325 -14.30 -33.41 -43.89
N VAL D 326 -14.63 -34.22 -42.90
CA VAL D 326 -16.02 -34.47 -42.51
C VAL D 326 -16.17 -34.21 -41.02
N ILE D 327 -16.88 -33.12 -40.67
CA ILE D 327 -17.37 -32.93 -39.31
C ILE D 327 -18.88 -32.69 -39.34
N ALA D 328 -19.33 -31.93 -40.34
CA ALA D 328 -20.75 -31.69 -40.66
C ALA D 328 -21.48 -30.96 -39.52
N ASN D 329 -21.14 -29.68 -39.41
CA ASN D 329 -21.83 -28.60 -38.68
C ASN D 329 -21.64 -28.68 -37.18
N LEU D 330 -20.89 -29.66 -36.69
CA LEU D 330 -20.13 -29.54 -35.46
C LEU D 330 -18.78 -28.89 -35.73
N ILE D 331 -18.53 -28.48 -36.99
CA ILE D 331 -17.37 -27.70 -37.40
C ILE D 331 -17.32 -26.40 -36.64
N ARG D 332 -18.49 -25.84 -36.31
CA ARG D 332 -18.58 -24.57 -35.64
C ARG D 332 -18.00 -24.62 -34.23
N GLY D 333 -18.15 -25.75 -33.55
CA GLY D 333 -17.48 -25.93 -32.27
C GLY D 333 -16.09 -26.48 -32.43
N GLY D 334 -15.54 -26.42 -33.65
CA GLY D 334 -14.17 -26.78 -33.96
C GLY D 334 -13.49 -25.68 -34.75
N VAL D 335 -14.27 -24.68 -35.17
CA VAL D 335 -13.73 -23.44 -35.71
C VAL D 335 -13.79 -22.31 -34.68
N PHE D 336 -14.86 -22.22 -33.90
CA PHE D 336 -14.88 -21.28 -32.80
C PHE D 336 -13.90 -21.65 -31.69
N GLY D 337 -13.42 -22.89 -31.64
CA GLY D 337 -12.28 -23.18 -30.79
C GLY D 337 -10.99 -22.59 -31.33
N GLU D 338 -10.97 -22.21 -32.61
CA GLU D 338 -9.84 -21.53 -33.21
C GLU D 338 -10.02 -20.02 -33.31
N ALA D 339 -11.24 -19.52 -33.19
CA ALA D 339 -11.40 -18.07 -33.11
C ALA D 339 -10.78 -17.54 -31.83
N GLU D 340 -10.88 -18.29 -30.74
CA GLU D 340 -10.17 -17.93 -29.53
C GLU D 340 -9.46 -19.13 -28.93
N GLU E 15 45.45 -20.93 -49.80
CA GLU E 15 45.57 -19.49 -49.95
C GLU E 15 44.25 -18.79 -49.64
N ARG E 16 44.34 -17.77 -48.78
CA ARG E 16 43.22 -16.92 -48.37
C ARG E 16 42.10 -17.75 -47.74
N LYS E 17 42.42 -18.39 -46.62
CA LYS E 17 41.43 -19.15 -45.90
C LYS E 17 40.49 -18.23 -45.13
N LEU E 18 39.43 -18.81 -44.58
CA LEU E 18 38.45 -18.04 -43.84
C LEU E 18 39.02 -17.64 -42.48
N ASP E 19 38.34 -16.68 -41.85
CA ASP E 19 38.79 -16.17 -40.57
C ASP E 19 38.58 -17.22 -39.48
N PRO E 20 39.48 -17.31 -38.52
CA PRO E 20 39.27 -18.25 -37.41
C PRO E 20 38.22 -17.73 -36.44
N SER E 21 38.12 -16.41 -36.32
CA SER E 21 37.13 -15.79 -35.45
C SER E 21 36.84 -14.39 -36.00
N ASP E 22 35.77 -14.28 -36.75
CA ASP E 22 35.31 -13.00 -37.30
C ASP E 22 34.06 -12.57 -36.54
N ALA E 23 33.86 -11.26 -36.45
CA ALA E 23 32.70 -10.70 -35.77
C ALA E 23 32.53 -9.28 -36.23
N LEU E 24 31.28 -8.89 -36.50
CA LEU E 24 31.00 -7.60 -37.09
C LEU E 24 30.04 -6.80 -36.21
N MET E 25 30.27 -5.50 -36.13
CA MET E 25 29.41 -4.62 -35.34
C MET E 25 28.04 -4.48 -36.00
N SER E 26 27.00 -4.38 -35.18
CA SER E 26 25.63 -4.23 -35.69
C SER E 26 25.43 -2.80 -36.17
N ALA E 27 25.89 -2.54 -37.38
CA ALA E 27 25.57 -1.27 -38.03
C ALA E 27 24.08 -1.23 -38.33
N GLY E 28 23.53 -0.03 -38.28
CA GLY E 28 22.07 0.05 -38.31
C GLY E 28 21.51 -0.41 -36.99
N ALA E 29 21.84 0.31 -35.92
CA ALA E 29 21.48 -0.09 -34.58
C ALA E 29 20.01 0.26 -34.28
N TRP E 30 19.61 0.02 -33.04
CA TRP E 30 18.19 0.08 -32.71
C TRP E 30 18.04 0.37 -31.23
N ALA E 31 17.10 1.24 -30.89
CA ALA E 31 16.87 1.63 -29.52
C ALA E 31 15.73 0.83 -28.93
N GLN E 32 15.35 1.16 -27.70
CA GLN E 32 14.17 0.55 -27.09
C GLN E 32 12.93 1.40 -27.35
N ARG E 33 11.77 0.79 -27.13
CA ARG E 33 10.50 1.47 -27.31
C ARG E 33 9.87 1.74 -25.96
N ASP E 34 9.23 2.89 -25.85
CA ASP E 34 8.50 3.26 -24.65
C ASP E 34 7.07 3.54 -25.07
N ALA E 35 6.20 2.56 -24.89
CA ALA E 35 4.81 2.70 -25.26
C ALA E 35 4.13 3.73 -24.37
N SER E 36 3.31 4.58 -24.99
CA SER E 36 2.65 5.66 -24.27
C SER E 36 1.45 6.12 -25.08
N GLN E 37 0.34 6.42 -24.42
CA GLN E 37 -0.97 6.39 -25.06
C GLN E 37 -1.65 7.74 -25.13
N GLU E 38 -2.37 7.92 -26.23
CA GLU E 38 -2.68 9.25 -26.74
C GLU E 38 -4.09 9.20 -27.33
N TRP E 39 -4.60 10.36 -27.73
CA TRP E 39 -5.87 10.45 -28.42
C TRP E 39 -5.67 11.16 -29.75
N PRO E 40 -6.37 10.77 -30.81
CA PRO E 40 -6.18 11.43 -32.10
C PRO E 40 -6.76 12.83 -32.08
N ALA E 41 -6.13 13.71 -32.87
CA ALA E 41 -6.18 15.18 -32.90
C ALA E 41 -5.47 15.79 -31.70
N VAL E 42 -5.06 14.95 -30.76
CA VAL E 42 -3.95 15.24 -29.86
C VAL E 42 -2.72 14.45 -30.29
N THR E 43 -2.74 13.97 -31.55
CA THR E 43 -1.64 13.20 -32.14
C THR E 43 -0.34 14.00 -32.19
N VAL E 44 -0.43 15.28 -32.54
CA VAL E 44 0.77 16.09 -32.76
C VAL E 44 1.46 16.42 -31.44
N ARG E 45 0.70 16.45 -30.34
CA ARG E 45 1.21 16.96 -29.06
C ARG E 45 1.71 15.83 -28.16
N GLU E 46 2.37 14.83 -28.73
CA GLU E 46 2.87 13.70 -27.94
C GLU E 46 4.14 14.12 -27.21
N LYS E 47 3.96 14.92 -26.16
CA LYS E 47 5.04 15.25 -25.25
C LYS E 47 4.73 14.82 -23.83
N SER E 48 3.57 15.24 -23.29
CA SER E 48 3.12 14.86 -21.96
C SER E 48 2.33 13.57 -21.96
N VAL E 49 2.50 12.72 -22.98
CA VAL E 49 1.73 11.50 -23.14
C VAL E 49 2.27 10.45 -22.17
N ARG E 50 1.40 9.96 -21.29
CA ARG E 50 1.80 9.14 -20.16
C ARG E 50 2.14 7.73 -20.61
N GLY E 51 3.14 7.17 -19.97
CA GLY E 51 3.53 5.80 -20.25
C GLY E 51 2.54 4.80 -19.72
N THR E 52 2.68 3.57 -20.17
CA THR E 52 1.70 2.51 -19.92
C THR E 52 2.34 1.49 -19.00
N ILE E 53 1.94 1.50 -17.73
CA ILE E 53 2.58 0.66 -16.74
C ILE E 53 2.14 -0.78 -16.97
N SER E 54 3.06 -1.73 -16.82
CA SER E 54 2.67 -3.12 -16.91
C SER E 54 1.86 -3.50 -15.67
N ASN E 55 0.55 -3.64 -15.86
CA ASN E 55 -0.44 -4.08 -14.89
C ASN E 55 -0.18 -5.54 -14.49
N ARG E 56 -0.95 -6.08 -13.53
CA ARG E 56 -0.88 -7.52 -13.24
C ARG E 56 -2.29 -8.11 -13.12
N LEU E 57 -2.74 -8.77 -14.19
CA LEU E 57 -3.90 -9.64 -14.16
C LEU E 57 -3.58 -10.91 -13.40
N LYS E 58 -4.62 -11.66 -13.04
CA LYS E 58 -4.46 -12.91 -12.33
C LYS E 58 -5.45 -13.90 -12.92
N THR E 59 -4.95 -14.93 -13.58
CA THR E 59 -5.73 -15.84 -14.42
C THR E 59 -6.09 -17.12 -13.68
N LYS E 60 -7.21 -17.73 -14.07
CA LYS E 60 -7.49 -19.11 -13.74
C LYS E 60 -7.47 -19.91 -15.03
N ASP E 61 -6.79 -21.03 -15.01
CA ASP E 61 -6.48 -21.71 -16.25
C ASP E 61 -7.66 -22.53 -16.76
N ARG E 62 -7.41 -23.24 -17.85
CA ARG E 62 -8.27 -24.30 -18.36
C ARG E 62 -7.33 -25.39 -18.84
N ASP E 63 -7.83 -26.31 -19.65
CA ASP E 63 -6.97 -27.27 -20.33
C ASP E 63 -7.22 -27.25 -21.83
N PRO E 64 -6.48 -26.45 -22.58
CA PRO E 64 -6.57 -26.55 -24.04
C PRO E 64 -5.46 -27.39 -24.66
N ALA E 65 -4.47 -27.75 -23.87
CA ALA E 65 -3.32 -28.48 -24.41
C ALA E 65 -3.70 -29.91 -24.71
N LYS E 66 -3.26 -30.41 -25.86
CA LYS E 66 -3.40 -31.82 -26.18
C LYS E 66 -2.60 -32.66 -25.19
N LEU E 67 -3.04 -33.90 -25.00
CA LEU E 67 -2.32 -34.79 -24.09
C LEU E 67 -1.64 -35.93 -24.85
N ASP E 68 -0.80 -36.64 -24.13
CA ASP E 68 0.10 -37.66 -24.67
C ASP E 68 -0.67 -38.82 -25.28
N ALA E 69 -0.01 -39.56 -26.17
CA ALA E 69 -0.60 -40.72 -26.82
C ALA E 69 0.16 -42.03 -26.55
N SER E 70 1.19 -42.02 -25.68
CA SER E 70 1.96 -43.23 -25.46
C SER E 70 1.31 -44.15 -24.42
N ILE E 71 1.25 -43.70 -23.17
CA ILE E 71 0.74 -44.54 -22.07
C ILE E 71 0.02 -43.69 -21.05
N GLN E 72 -1.28 -43.93 -20.87
CA GLN E 72 -2.13 -43.08 -20.03
C GLN E 72 -3.07 -43.89 -19.16
N SER E 73 -4.07 -43.21 -18.61
CA SER E 73 -5.24 -43.78 -17.97
C SER E 73 -6.30 -42.69 -18.08
N PRO E 74 -7.50 -43.01 -18.58
CA PRO E 74 -8.47 -41.98 -18.96
C PRO E 74 -9.20 -41.31 -17.80
N ASN E 75 -8.85 -41.62 -16.56
CA ASN E 75 -9.43 -40.94 -15.41
C ASN E 75 -8.61 -39.73 -14.97
N LEU E 76 -7.40 -39.56 -15.51
CA LEU E 76 -6.55 -38.44 -15.12
C LEU E 76 -7.14 -37.11 -15.58
N GLN E 77 -7.74 -37.08 -16.77
CA GLN E 77 -8.30 -35.85 -17.30
C GLN E 77 -9.61 -35.46 -16.64
N THR E 78 -10.19 -36.33 -15.82
CA THR E 78 -11.36 -35.93 -15.03
C THR E 78 -10.96 -34.93 -13.96
N VAL E 79 -9.87 -35.21 -13.24
CA VAL E 79 -9.40 -34.34 -12.17
C VAL E 79 -8.54 -33.21 -12.72
N ASP E 80 -7.68 -33.52 -13.70
CA ASP E 80 -6.85 -32.50 -14.33
C ASP E 80 -7.71 -31.50 -15.09
N VAL E 81 -8.54 -32.00 -16.01
CA VAL E 81 -9.47 -31.17 -16.77
C VAL E 81 -10.53 -30.57 -15.85
N ALA E 82 -10.75 -31.18 -14.69
CA ALA E 82 -11.51 -30.52 -13.64
C ALA E 82 -10.79 -29.28 -13.14
N ASN E 83 -9.59 -29.44 -12.57
CA ASN E 83 -9.00 -28.45 -11.67
C ASN E 83 -8.55 -27.18 -12.40
N LEU E 84 -8.04 -26.22 -11.61
CA LEU E 84 -7.62 -24.92 -12.09
C LEU E 84 -6.17 -24.69 -11.71
N PRO E 85 -5.22 -25.00 -12.61
CA PRO E 85 -3.84 -24.56 -12.39
C PRO E 85 -3.67 -23.07 -12.66
N SER E 86 -4.14 -22.26 -11.72
CA SER E 86 -4.29 -20.83 -11.90
C SER E 86 -2.97 -20.10 -11.62
N ASP E 87 -2.74 -19.01 -12.34
CA ASP E 87 -1.48 -18.29 -12.24
C ASP E 87 -1.67 -16.82 -12.60
N ALA E 88 -0.71 -16.00 -12.20
CA ALA E 88 -0.75 -14.57 -12.45
C ALA E 88 0.02 -14.21 -13.71
N ASP E 89 -0.53 -13.30 -14.51
CA ASP E 89 0.04 -12.92 -15.80
C ASP E 89 0.04 -11.40 -15.89
N THR E 90 1.21 -10.82 -16.14
CA THR E 90 1.38 -9.37 -16.02
C THR E 90 1.06 -8.71 -17.34
N LEU E 91 -0.20 -8.74 -17.73
CA LEU E 91 -0.58 -8.29 -19.06
C LEU E 91 -0.64 -6.77 -19.09
N LYS E 92 0.13 -6.18 -19.99
CA LYS E 92 0.20 -4.73 -20.14
C LYS E 92 -1.01 -4.25 -20.92
N VAL E 93 -1.79 -3.40 -20.31
CA VAL E 93 -3.12 -3.04 -20.75
C VAL E 93 -3.12 -1.53 -20.98
N ARG E 94 -3.93 -1.06 -21.93
CA ARG E 94 -3.92 0.35 -22.27
C ARG E 94 -4.56 1.21 -21.20
N PHE E 95 -4.65 2.51 -21.47
CA PHE E 95 -5.42 3.39 -20.60
C PHE E 95 -6.91 3.25 -20.87
N THR E 96 -7.70 3.92 -20.03
CA THR E 96 -9.15 3.83 -20.10
C THR E 96 -9.68 4.60 -21.30
N LEU E 97 -9.35 5.88 -21.40
CA LEU E 97 -9.88 6.77 -22.41
C LEU E 97 -8.80 7.23 -23.39
N ARG E 98 -7.94 6.30 -23.82
CA ARG E 98 -6.88 6.60 -24.78
C ARG E 98 -7.05 5.70 -26.00
N VAL E 99 -7.10 6.32 -27.17
CA VAL E 99 -7.32 5.57 -28.40
C VAL E 99 -6.01 5.20 -29.08
N LEU E 100 -5.04 6.10 -29.07
CA LEU E 100 -3.83 5.91 -29.86
C LEU E 100 -2.86 4.97 -29.15
N GLY E 101 -1.63 4.96 -29.63
CA GLY E 101 -0.54 4.27 -28.96
C GLY E 101 0.77 5.03 -29.08
N GLY E 102 1.90 4.35 -28.91
CA GLY E 102 3.17 5.03 -29.00
C GLY E 102 4.33 4.06 -29.09
N ALA E 103 5.38 4.42 -29.83
CA ALA E 103 6.60 3.64 -29.85
C ALA E 103 7.73 4.61 -30.21
N GLY E 104 8.46 5.08 -29.21
CA GLY E 104 9.52 6.04 -29.43
C GLY E 104 10.87 5.39 -29.54
N THR E 105 11.36 5.18 -30.75
CA THR E 105 12.64 4.49 -30.98
C THR E 105 13.56 5.29 -31.88
N PRO E 106 14.68 5.78 -31.38
CA PRO E 106 15.74 6.27 -32.25
C PRO E 106 16.69 5.21 -32.76
N SER E 107 16.38 4.57 -33.88
CA SER E 107 17.34 3.69 -34.52
C SER E 107 18.38 4.57 -35.20
N ALA E 108 19.62 4.49 -34.74
CA ALA E 108 20.72 5.19 -35.37
C ALA E 108 21.53 4.19 -36.18
N CYS E 109 21.89 4.58 -37.39
CA CYS E 109 22.60 3.68 -38.29
C CYS E 109 24.09 3.98 -38.22
N ASN E 110 24.87 2.98 -37.84
CA ASN E 110 26.30 3.17 -37.83
C ASN E 110 26.85 3.08 -39.25
N ASP E 111 28.12 3.43 -39.38
CA ASP E 111 28.80 3.39 -40.66
C ASP E 111 29.39 1.99 -40.83
N ALA E 112 30.31 1.85 -41.81
CA ALA E 112 31.24 0.72 -41.92
C ALA E 112 30.50 -0.61 -42.07
N ALA E 113 29.90 -0.76 -43.26
CA ALA E 113 29.06 -1.92 -43.54
C ALA E 113 29.78 -3.25 -43.41
N TYR E 114 31.09 -3.28 -43.65
CA TYR E 114 31.81 -4.52 -43.46
C TYR E 114 33.18 -4.35 -42.81
N ARG E 115 33.53 -3.17 -42.32
CA ARG E 115 34.71 -3.05 -41.49
C ARG E 115 34.45 -3.77 -40.18
N ASP E 116 35.31 -4.72 -39.84
CA ASP E 116 34.99 -5.71 -38.83
C ASP E 116 35.09 -5.14 -37.42
N LYS E 117 34.94 -6.02 -36.44
CA LYS E 117 35.33 -5.77 -35.07
C LYS E 117 36.39 -6.74 -34.59
N LEU E 118 36.51 -7.92 -35.19
CA LEU E 118 37.60 -8.84 -34.94
C LEU E 118 38.16 -9.29 -36.27
N LEU E 119 39.48 -9.43 -36.34
CA LEU E 119 40.18 -9.72 -37.58
C LEU E 119 41.16 -10.86 -37.31
N GLN E 120 40.70 -12.10 -37.36
CA GLN E 120 41.63 -13.18 -37.02
C GLN E 120 42.64 -13.45 -38.14
N THR E 121 42.46 -12.86 -39.32
CA THR E 121 43.46 -12.82 -40.37
C THR E 121 43.24 -11.51 -41.12
N VAL E 122 44.32 -10.74 -41.29
CA VAL E 122 44.17 -9.40 -41.86
C VAL E 122 43.91 -9.48 -43.36
N ALA E 123 44.38 -10.56 -44.01
CA ALA E 123 44.13 -10.71 -45.45
C ALA E 123 42.65 -10.91 -45.74
N THR E 124 41.95 -11.64 -44.88
CA THR E 124 40.50 -11.77 -45.00
C THR E 124 39.81 -10.43 -44.75
N TYR E 125 40.38 -9.60 -43.88
CA TYR E 125 39.82 -8.27 -43.66
C TYR E 125 40.01 -7.38 -44.89
N VAL E 126 41.14 -7.53 -45.59
CA VAL E 126 41.37 -6.76 -46.81
C VAL E 126 40.42 -7.26 -47.90
N ASN E 127 40.15 -8.56 -47.91
CA ASN E 127 39.15 -9.10 -48.83
C ASN E 127 37.77 -8.51 -48.56
N ASP E 128 37.30 -8.60 -47.30
CA ASP E 128 35.94 -8.16 -46.96
C ASP E 128 35.77 -6.66 -47.10
N GLN E 129 36.83 -5.89 -46.86
CA GLN E 129 36.78 -4.48 -47.21
C GLN E 129 36.72 -4.30 -48.72
N GLY E 130 37.36 -5.21 -49.47
CA GLY E 130 37.19 -5.22 -50.92
C GLY E 130 35.77 -5.55 -51.34
N PHE E 131 35.07 -6.36 -50.57
CA PHE E 131 33.71 -6.72 -50.93
C PHE E 131 32.69 -5.68 -50.55
N ALA E 132 32.92 -4.96 -49.45
CA ALA E 132 32.14 -3.76 -49.23
C ALA E 132 32.45 -2.70 -50.28
N GLU E 133 33.68 -2.71 -50.81
CA GLU E 133 34.00 -1.81 -51.91
C GLU E 133 33.26 -2.19 -53.18
N LEU E 134 33.12 -3.49 -53.45
CA LEU E 134 32.40 -3.92 -54.64
C LEU E 134 30.89 -3.74 -54.46
N ALA E 135 30.32 -4.40 -53.46
CA ALA E 135 28.88 -4.37 -53.22
C ALA E 135 28.39 -3.04 -52.68
N ARG E 136 29.29 -2.12 -52.33
CA ARG E 136 28.91 -0.74 -52.07
C ARG E 136 29.24 0.18 -53.23
N ARG E 137 30.14 -0.23 -54.13
CA ARG E 137 30.44 0.56 -55.30
C ARG E 137 29.58 0.18 -56.49
N TYR E 138 29.48 -1.11 -56.78
CA TYR E 138 28.68 -1.57 -57.92
C TYR E 138 27.19 -1.54 -57.58
N ALA E 139 26.77 -2.37 -56.62
CA ALA E 139 25.39 -2.41 -56.20
C ALA E 139 25.12 -1.20 -55.31
N HIS E 140 24.42 -0.21 -55.84
CA HIS E 140 24.07 0.96 -55.07
C HIS E 140 23.04 0.58 -54.00
N ASN E 141 23.09 1.23 -52.84
CA ASN E 141 22.21 0.87 -51.74
C ASN E 141 20.85 1.56 -51.80
N LEU E 142 20.40 1.94 -52.99
CA LEU E 142 19.04 2.45 -53.20
C LEU E 142 17.98 1.42 -52.80
N ALA E 143 17.94 0.29 -53.51
CA ALA E 143 16.95 -0.74 -53.22
C ALA E 143 17.28 -1.51 -51.94
N ASN E 144 18.55 -1.51 -51.52
CA ASN E 144 18.96 -2.09 -50.26
C ASN E 144 18.30 -1.41 -49.06
N ALA E 145 18.46 -0.10 -48.95
CA ALA E 145 17.77 0.65 -47.92
C ALA E 145 16.29 0.80 -48.21
N ARG E 146 15.87 0.59 -49.45
CA ARG E 146 14.45 0.44 -49.71
C ARG E 146 13.92 -0.86 -49.12
N PHE E 147 14.75 -1.90 -48.97
CA PHE E 147 14.34 -3.02 -48.14
C PHE E 147 14.36 -2.65 -46.66
N LEU E 148 15.39 -1.93 -46.19
CA LEU E 148 15.39 -1.57 -44.76
C LEU E 148 14.42 -0.44 -44.42
N TRP E 149 13.70 0.12 -45.38
CA TRP E 149 12.68 1.11 -45.06
C TRP E 149 11.30 0.65 -45.48
N ARG E 150 11.09 0.31 -46.75
CA ARG E 150 9.79 -0.13 -47.26
C ARG E 150 9.33 -1.45 -46.66
N ASN E 151 10.18 -2.18 -45.96
CA ASN E 151 9.74 -3.29 -45.12
C ASN E 151 10.04 -3.01 -43.65
N ARG E 152 10.22 -1.74 -43.27
CA ARG E 152 10.21 -1.32 -41.88
C ARG E 152 9.59 0.04 -41.66
N VAL E 153 9.02 0.68 -42.68
CA VAL E 153 8.12 1.81 -42.49
C VAL E 153 6.68 1.34 -42.44
N GLY E 154 6.33 0.41 -43.35
CA GLY E 154 5.19 -0.45 -43.13
C GLY E 154 5.51 -1.16 -41.84
N ALA E 155 4.81 -0.75 -40.79
CA ALA E 155 5.35 -0.79 -39.43
C ALA E 155 5.44 -2.19 -38.87
N GLU E 156 6.36 -2.99 -39.40
CA GLU E 156 6.72 -4.22 -38.70
C GLU E 156 7.50 -3.93 -37.43
N ALA E 157 7.93 -2.67 -37.24
CA ALA E 157 8.34 -2.10 -35.97
C ALA E 157 7.42 -2.52 -34.83
N VAL E 158 6.15 -2.17 -34.96
CA VAL E 158 5.11 -2.58 -34.03
C VAL E 158 4.72 -4.01 -34.40
N GLU E 159 5.05 -4.97 -33.55
CA GLU E 159 5.07 -6.36 -34.02
C GLU E 159 3.71 -7.05 -33.99
N VAL E 160 3.17 -7.27 -32.80
CA VAL E 160 1.91 -7.99 -32.67
C VAL E 160 0.78 -7.00 -32.49
N ARG E 161 1.07 -5.81 -31.99
CA ARG E 161 0.17 -4.69 -31.89
C ARG E 161 -0.16 -4.08 -33.26
N ILE E 162 0.48 -4.53 -34.34
CA ILE E 162 0.06 -4.12 -35.68
C ILE E 162 -1.28 -4.76 -36.05
N ASN E 163 -1.67 -5.84 -35.39
CA ASN E 163 -2.81 -6.64 -35.81
C ASN E 163 -4.11 -5.89 -35.60
N HIS E 164 -4.74 -5.54 -36.73
CA HIS E 164 -6.00 -4.80 -36.80
C HIS E 164 -5.91 -3.46 -36.08
N ILE E 165 -5.12 -2.60 -36.64
CA ILE E 165 -5.16 -1.20 -36.26
C ILE E 165 -6.21 -0.53 -37.13
N ARG E 166 -6.87 0.50 -36.59
CA ARG E 166 -7.54 1.46 -37.44
C ARG E 166 -6.56 2.08 -38.44
N GLN E 167 -5.54 2.76 -37.94
CA GLN E 167 -4.52 3.36 -38.81
C GLN E 167 -3.23 3.53 -38.02
N GLY E 168 -2.24 2.69 -38.28
CA GLY E 168 -0.98 2.78 -37.57
C GLY E 168 -0.02 3.75 -38.23
N GLU E 169 0.02 4.99 -37.74
CA GLU E 169 0.79 6.06 -38.35
C GLU E 169 2.21 6.10 -37.79
N VAL E 170 3.20 6.09 -38.68
CA VAL E 170 4.60 6.17 -38.30
C VAL E 170 5.10 7.56 -38.63
N ALA E 171 5.73 8.22 -37.66
CA ALA E 171 6.30 9.55 -37.84
C ALA E 171 7.80 9.45 -37.59
N ARG E 172 8.57 9.13 -38.63
CA ARG E 172 10.03 9.06 -38.53
C ARG E 172 10.61 10.46 -38.63
N ALA E 173 10.68 11.13 -37.49
CA ALA E 173 11.43 12.36 -37.41
C ALA E 173 12.91 12.03 -37.43
N TRP E 174 13.71 12.98 -37.93
CA TRP E 174 15.16 12.80 -37.95
C TRP E 174 15.84 14.10 -37.55
N ARG E 175 16.87 13.98 -36.71
CA ARG E 175 17.44 15.14 -36.03
C ARG E 175 18.96 15.13 -36.16
N PHE E 176 19.51 16.25 -36.65
CA PHE E 176 20.91 16.59 -36.41
C PHE E 176 21.21 16.63 -34.92
N ASP E 177 20.39 17.36 -34.20
CA ASP E 177 20.66 17.89 -32.87
C ASP E 177 19.31 17.94 -32.17
N ALA E 178 19.15 18.84 -31.19
CA ALA E 178 17.82 19.18 -30.71
C ALA E 178 16.89 19.60 -31.85
N LEU E 179 17.42 20.32 -32.85
CA LEU E 179 16.66 20.57 -34.06
C LEU E 179 16.52 19.29 -34.87
N ALA E 180 15.45 19.24 -35.67
CA ALA E 180 15.15 18.08 -36.48
C ALA E 180 14.69 18.55 -37.86
N ILE E 181 15.35 18.05 -38.92
CA ILE E 181 15.07 18.55 -40.26
C ILE E 181 14.26 17.54 -41.07
N GLY E 182 14.80 16.33 -41.23
CA GLY E 182 14.06 15.30 -41.96
C GLY E 182 12.85 14.86 -41.17
N LEU E 183 11.67 15.30 -41.62
CA LEU E 183 10.42 15.08 -40.88
C LEU E 183 9.45 14.42 -41.85
N ARG E 184 9.49 13.10 -41.92
CA ARG E 184 8.63 12.37 -42.84
C ARG E 184 7.55 11.62 -42.08
N ASP E 185 6.33 11.67 -42.60
CA ASP E 185 5.14 11.13 -41.98
C ASP E 185 4.53 10.10 -42.91
N PHE E 186 3.80 9.14 -42.35
CA PHE E 186 3.37 7.99 -43.15
C PHE E 186 1.97 7.55 -42.75
N LYS E 187 1.57 6.41 -43.33
CA LYS E 187 0.37 5.68 -42.93
C LYS E 187 0.65 4.22 -43.26
N ALA E 188 1.10 3.45 -42.27
CA ALA E 188 1.68 2.14 -42.52
C ALA E 188 0.66 1.06 -42.79
N ASP E 189 -0.63 1.36 -42.77
CA ASP E 189 -1.61 0.41 -43.26
C ASP E 189 -1.81 0.46 -44.76
N ALA E 190 -1.30 1.50 -45.41
CA ALA E 190 -1.31 1.59 -46.86
C ALA E 190 -0.09 0.92 -47.50
N GLU E 191 0.71 0.21 -46.70
CA GLU E 191 1.92 -0.45 -47.18
C GLU E 191 1.88 -1.90 -46.76
N LEU E 192 2.16 -2.80 -47.69
CA LEU E 192 2.08 -4.22 -47.43
C LEU E 192 3.25 -4.70 -46.57
N ASP E 193 3.25 -5.99 -46.27
CA ASP E 193 4.36 -6.62 -45.58
C ASP E 193 4.91 -7.80 -46.37
N ALA E 194 4.49 -7.98 -47.61
CA ALA E 194 4.99 -9.06 -48.46
C ALA E 194 5.74 -8.56 -49.68
N LEU E 195 5.40 -7.38 -50.20
CA LEU E 195 6.09 -6.82 -51.36
C LEU E 195 6.28 -5.33 -51.15
N ALA E 196 7.49 -4.85 -51.43
CA ALA E 196 7.79 -3.42 -51.33
C ALA E 196 7.38 -2.72 -52.61
N GLU E 197 6.47 -1.75 -52.49
CA GLU E 197 5.94 -1.02 -53.64
C GLU E 197 6.56 0.36 -53.73
N LEU E 198 6.45 0.95 -54.91
CA LEU E 198 7.20 2.16 -55.27
C LEU E 198 6.59 3.38 -54.59
N ILE E 199 7.32 3.94 -53.63
CA ILE E 199 6.90 5.13 -52.89
C ILE E 199 8.03 6.15 -52.98
N ALA E 200 7.67 7.41 -53.21
CA ALA E 200 8.68 8.46 -53.38
C ALA E 200 9.35 8.81 -52.06
N SER E 201 8.55 9.03 -51.01
CA SER E 201 9.13 9.39 -49.72
C SER E 201 9.87 8.22 -49.10
N GLY E 202 9.45 6.99 -49.40
CA GLY E 202 10.25 5.84 -49.04
C GLY E 202 11.60 5.82 -49.75
N LEU E 203 11.65 6.36 -50.97
CA LEU E 203 12.93 6.52 -51.63
C LEU E 203 13.73 7.69 -51.06
N SER E 204 13.07 8.66 -50.43
CA SER E 204 13.83 9.68 -49.71
C SER E 204 14.47 9.09 -48.46
N GLY E 205 13.70 8.34 -47.68
CA GLY E 205 14.25 7.70 -46.49
C GLY E 205 15.29 6.67 -46.81
N SER E 206 15.15 5.97 -47.94
CA SER E 206 16.20 5.05 -48.34
C SER E 206 17.39 5.78 -48.94
N GLY E 207 17.19 6.99 -49.46
CA GLY E 207 18.32 7.84 -49.79
C GLY E 207 19.03 8.35 -48.56
N HIS E 208 18.32 8.38 -47.44
CA HIS E 208 18.91 8.83 -46.19
C HIS E 208 19.67 7.71 -45.50
N VAL E 209 19.15 6.47 -45.58
CA VAL E 209 19.93 5.35 -45.08
C VAL E 209 21.06 5.03 -46.08
N LEU E 210 20.88 5.42 -47.35
CA LEU E 210 22.02 5.56 -48.25
C LEU E 210 23.07 6.53 -47.70
N LEU E 211 22.62 7.66 -47.17
CA LEU E 211 23.55 8.56 -46.50
C LEU E 211 23.96 8.07 -45.12
N GLU E 212 23.53 6.88 -44.69
CA GLU E 212 23.93 6.34 -43.40
C GLU E 212 24.94 5.20 -43.52
N VAL E 213 24.60 4.15 -44.26
CA VAL E 213 25.41 2.94 -44.25
C VAL E 213 26.71 3.16 -45.05
N VAL E 214 26.71 4.11 -45.98
CA VAL E 214 27.87 4.39 -46.80
C VAL E 214 28.70 5.53 -46.19
N ALA E 215 28.50 5.81 -44.90
CA ALA E 215 29.31 6.70 -44.07
C ALA E 215 29.33 8.14 -44.61
N PHE E 216 28.17 8.77 -44.54
CA PHE E 216 28.06 10.17 -44.90
C PHE E 216 27.71 11.10 -43.76
N ALA E 217 26.86 10.69 -42.80
CA ALA E 217 26.42 11.63 -41.79
C ALA E 217 26.01 10.91 -40.51
N ARG E 218 25.95 11.68 -39.42
CA ARG E 218 25.34 11.20 -38.19
C ARG E 218 23.84 11.13 -38.38
N ILE E 219 23.27 9.95 -38.21
CA ILE E 219 21.88 9.69 -38.51
C ILE E 219 21.28 8.88 -37.35
N GLY E 220 20.35 9.49 -36.63
CA GLY E 220 19.57 8.79 -35.64
C GLY E 220 18.11 9.11 -35.86
N ASP E 221 17.32 8.11 -36.24
CA ASP E 221 15.95 8.31 -36.71
C ASP E 221 14.99 8.17 -35.55
N GLY E 222 14.59 9.29 -34.96
CA GLY E 222 13.61 9.24 -33.90
C GLY E 222 12.22 8.91 -34.41
N GLN E 223 11.77 7.68 -34.18
CA GLN E 223 10.51 7.16 -34.68
C GLN E 223 9.43 7.32 -33.63
N GLU E 224 8.22 7.69 -34.06
CA GLU E 224 7.10 7.84 -33.12
C GLU E 224 5.90 7.22 -33.80
N VAL E 225 5.69 5.93 -33.58
CA VAL E 225 4.64 5.18 -34.26
C VAL E 225 3.37 5.26 -33.44
N PHE E 226 2.25 5.60 -34.09
CA PHE E 226 0.98 5.80 -33.40
C PHE E 226 -0.08 4.83 -33.91
N PRO E 227 -0.16 3.61 -33.36
CA PRO E 227 -1.31 2.74 -33.67
C PRO E 227 -2.57 3.28 -33.04
N SER E 228 -3.56 3.57 -33.87
CA SER E 228 -4.79 4.26 -33.49
C SER E 228 -5.90 3.27 -33.20
N GLN E 229 -5.56 2.14 -32.57
CA GLN E 229 -6.45 0.98 -32.51
C GLN E 229 -7.75 1.22 -31.78
N GLU E 230 -7.69 1.37 -30.46
CA GLU E 230 -8.89 1.47 -29.65
C GLU E 230 -8.50 1.90 -28.25
N LEU E 231 -9.45 1.80 -27.34
CA LEU E 231 -9.31 1.96 -25.91
C LEU E 231 -8.69 0.68 -25.33
N ILE E 232 -9.04 0.34 -24.10
CA ILE E 232 -8.27 -0.39 -23.09
C ILE E 232 -7.67 -1.74 -23.50
N LEU E 233 -7.69 -2.09 -24.79
CA LEU E 233 -7.19 -3.35 -25.34
C LEU E 233 -5.77 -3.75 -24.94
N ASP E 234 -5.42 -5.02 -25.17
CA ASP E 234 -4.12 -5.51 -24.76
C ASP E 234 -3.04 -5.07 -25.75
N LYS E 235 -1.85 -5.64 -25.63
CA LYS E 235 -0.70 -5.25 -26.43
C LYS E 235 0.11 -6.47 -26.81
N GLY E 236 1.34 -6.19 -27.22
CA GLY E 236 2.31 -7.21 -27.60
C GLY E 236 3.70 -6.89 -27.11
N ASP E 237 3.82 -6.30 -25.92
CA ASP E 237 5.10 -5.91 -25.35
C ASP E 237 6.01 -7.11 -25.15
N LYS E 238 7.30 -6.87 -25.14
CA LYS E 238 8.25 -7.97 -25.16
C LYS E 238 8.35 -8.60 -23.79
N LYS E 239 8.12 -9.91 -23.74
CA LYS E 239 8.13 -10.64 -22.49
C LYS E 239 9.54 -10.88 -21.99
N GLY E 240 9.69 -10.94 -20.68
CA GLY E 240 10.94 -11.36 -20.06
C GLY E 240 11.04 -12.86 -20.01
N GLN E 241 11.61 -13.37 -18.93
CA GLN E 241 11.71 -14.81 -18.73
C GLN E 241 11.37 -15.21 -17.30
N LYS E 242 11.31 -16.52 -17.10
CA LYS E 242 11.04 -17.14 -15.81
C LYS E 242 12.02 -18.28 -15.55
N SER E 243 13.29 -18.03 -15.82
CA SER E 243 14.34 -19.01 -15.58
C SER E 243 14.91 -18.76 -14.18
N LYS E 244 14.70 -19.72 -13.27
CA LYS E 244 15.05 -19.67 -11.84
C LYS E 244 14.44 -18.46 -11.10
N THR E 245 13.36 -17.89 -11.62
CA THR E 245 12.56 -16.91 -10.91
C THR E 245 11.12 -17.35 -10.76
N LEU E 246 10.76 -18.51 -11.31
CA LEU E 246 9.44 -19.11 -11.12
C LEU E 246 9.39 -20.02 -9.90
N TYR E 247 10.33 -19.86 -8.99
CA TYR E 247 10.47 -20.65 -7.77
C TYR E 247 10.53 -19.77 -6.53
N SER E 248 11.22 -18.63 -6.60
CA SER E 248 11.19 -17.69 -5.49
C SER E 248 9.86 -16.96 -5.42
N VAL E 249 9.39 -16.45 -6.56
CA VAL E 249 8.08 -15.80 -6.62
C VAL E 249 7.02 -16.85 -6.90
N ARG E 250 7.24 -17.61 -7.98
CA ARG E 250 6.39 -18.74 -8.40
C ARG E 250 4.93 -18.34 -8.67
N ASP E 251 4.72 -17.08 -9.04
CA ASP E 251 3.39 -16.56 -9.31
C ASP E 251 3.26 -16.08 -10.74
N ALA E 252 4.16 -15.21 -11.19
CA ALA E 252 4.07 -14.65 -12.54
C ALA E 252 4.45 -15.71 -13.55
N ALA E 253 3.93 -15.56 -14.77
CA ALA E 253 4.29 -16.45 -15.85
C ALA E 253 4.59 -15.71 -17.14
N ALA E 254 4.39 -14.40 -17.17
CA ALA E 254 4.69 -13.59 -18.35
C ALA E 254 5.10 -12.21 -17.85
N ILE E 255 6.40 -11.98 -17.78
CA ILE E 255 6.93 -10.70 -17.30
C ILE E 255 7.08 -9.79 -18.51
N HIS E 256 6.15 -8.86 -18.68
CA HIS E 256 6.33 -7.82 -19.67
C HIS E 256 7.39 -6.84 -19.19
N SER E 257 8.49 -6.76 -19.93
CA SER E 257 9.68 -6.07 -19.47
C SER E 257 9.49 -4.56 -19.49
N GLN E 258 10.22 -3.89 -18.60
CA GLN E 258 10.01 -2.48 -18.32
C GLN E 258 11.28 -1.68 -18.53
N LYS E 259 11.10 -0.46 -19.04
CA LYS E 259 12.05 0.63 -18.88
C LYS E 259 11.77 1.27 -17.52
N ILE E 260 12.24 2.49 -17.31
CA ILE E 260 11.93 3.16 -16.05
C ILE E 260 10.47 3.58 -16.08
N GLY E 261 9.62 2.73 -15.51
CA GLY E 261 8.20 3.02 -15.37
C GLY E 261 7.34 2.82 -16.60
N ASN E 262 7.86 2.20 -17.66
CA ASN E 262 7.09 2.02 -18.88
C ASN E 262 7.17 0.59 -19.35
N ALA E 263 6.73 0.31 -20.58
CA ALA E 263 6.74 -1.04 -21.12
C ALA E 263 7.71 -1.10 -22.29
N LEU E 264 8.67 -2.01 -22.22
CA LEU E 264 9.66 -2.13 -23.27
C LEU E 264 9.07 -2.76 -24.51
N ARG E 265 9.78 -2.58 -25.61
CA ARG E 265 9.96 -3.60 -26.62
C ARG E 265 11.46 -3.84 -26.66
N THR E 266 11.87 -5.05 -26.34
CA THR E 266 13.29 -5.35 -26.27
C THR E 266 13.90 -5.19 -27.67
N ILE E 267 15.14 -4.70 -27.72
CA ILE E 267 15.83 -4.44 -28.99
C ILE E 267 16.05 -5.74 -29.75
N ASP E 268 16.13 -6.84 -29.02
CA ASP E 268 16.19 -8.17 -29.60
C ASP E 268 15.01 -8.45 -30.50
N THR E 269 13.77 -8.13 -30.07
CA THR E 269 12.65 -8.24 -31.01
C THR E 269 12.70 -7.13 -32.03
N TRP E 270 13.21 -5.98 -31.66
CA TRP E 270 13.11 -4.81 -32.50
C TRP E 270 14.03 -4.89 -33.72
N TYR E 271 15.06 -5.73 -33.69
CA TYR E 271 15.91 -5.86 -34.88
C TYR E 271 15.23 -6.63 -36.01
N PRO E 272 14.57 -7.79 -35.81
CA PRO E 272 13.82 -8.36 -36.91
C PRO E 272 12.55 -7.63 -37.27
N ASP E 273 12.27 -6.47 -36.70
CA ASP E 273 11.39 -5.54 -37.37
C ASP E 273 12.06 -5.01 -38.63
N GLU E 274 13.35 -4.72 -38.52
CA GLU E 274 14.08 -4.15 -39.63
C GLU E 274 15.06 -5.12 -40.25
N ASP E 275 15.38 -6.21 -39.55
CA ASP E 275 16.15 -7.28 -40.16
C ASP E 275 15.28 -8.15 -41.07
N GLY E 276 13.96 -7.97 -41.06
CA GLY E 276 13.10 -8.62 -42.05
C GLY E 276 13.25 -7.94 -43.38
N LEU E 277 14.18 -8.47 -44.18
CA LEU E 277 14.54 -7.89 -45.46
C LEU E 277 14.19 -8.79 -46.62
N GLY E 278 14.72 -10.00 -46.68
CA GLY E 278 14.84 -10.68 -47.93
C GLY E 278 13.79 -11.74 -48.19
N PRO E 279 13.01 -11.57 -49.29
CA PRO E 279 12.34 -12.69 -49.94
C PRO E 279 13.26 -13.39 -50.94
N ILE E 280 14.50 -13.61 -50.52
CA ILE E 280 15.56 -14.04 -51.41
C ILE E 280 15.93 -15.42 -50.87
N ALA E 281 14.95 -16.09 -50.28
CA ALA E 281 15.16 -17.36 -49.63
C ALA E 281 15.09 -18.48 -50.66
N VAL E 282 15.14 -19.73 -50.20
CA VAL E 282 15.05 -20.86 -51.10
C VAL E 282 13.61 -21.11 -51.53
N GLU E 283 12.74 -21.38 -50.55
CA GLU E 283 11.38 -21.82 -50.87
C GLU E 283 10.47 -20.72 -51.40
N PRO E 284 10.15 -19.64 -50.65
CA PRO E 284 8.97 -18.85 -51.01
C PRO E 284 9.22 -17.93 -52.19
N TYR E 285 8.11 -17.46 -52.76
CA TYR E 285 8.14 -16.49 -53.84
C TYR E 285 7.57 -15.14 -53.40
N GLY E 286 6.33 -15.12 -52.92
CA GLY E 286 5.73 -13.91 -52.41
C GLY E 286 4.96 -14.21 -51.14
N SER E 287 5.34 -15.30 -50.47
CA SER E 287 4.64 -15.75 -49.27
C SER E 287 5.30 -15.21 -48.01
N VAL E 288 6.56 -15.54 -47.80
CA VAL E 288 7.25 -15.34 -46.53
C VAL E 288 8.44 -14.41 -46.76
N THR E 289 8.48 -13.29 -46.06
CA THR E 289 9.59 -12.34 -46.09
C THR E 289 10.24 -12.38 -44.70
N SER E 290 11.16 -13.32 -44.50
CA SER E 290 11.67 -13.61 -43.17
C SER E 290 12.72 -12.57 -42.76
N GLN E 291 13.36 -12.80 -41.62
CA GLN E 291 14.36 -11.90 -41.08
C GLN E 291 15.74 -12.30 -41.55
N GLY E 292 16.45 -11.38 -42.19
CA GLY E 292 17.66 -11.74 -42.89
C GLY E 292 18.79 -12.06 -41.95
N LYS E 293 19.06 -13.35 -41.77
CA LYS E 293 19.96 -13.83 -40.74
C LYS E 293 20.95 -14.80 -41.34
N ALA E 294 21.99 -15.09 -40.57
CA ALA E 294 22.75 -16.30 -40.83
C ALA E 294 21.82 -17.48 -40.60
N TYR E 295 21.85 -18.44 -41.51
CA TYR E 295 20.99 -19.63 -41.58
C TYR E 295 19.51 -19.30 -41.80
N ARG E 296 19.16 -18.02 -41.98
CA ARG E 296 17.82 -17.46 -42.21
C ARG E 296 16.69 -18.09 -41.42
N GLN E 297 16.93 -18.40 -40.15
CA GLN E 297 15.98 -19.15 -39.35
C GLN E 297 14.97 -18.21 -38.73
N PRO E 298 13.68 -18.41 -38.95
CA PRO E 298 12.67 -17.69 -38.15
C PRO E 298 12.39 -18.46 -36.88
N LYS E 299 12.14 -17.70 -35.81
CA LYS E 299 11.95 -18.31 -34.50
C LYS E 299 10.54 -18.85 -34.33
N GLN E 300 9.57 -18.27 -35.02
CA GLN E 300 8.18 -18.72 -34.98
C GLN E 300 8.05 -20.13 -35.50
N LYS E 301 8.30 -20.30 -36.80
CA LYS E 301 7.88 -21.48 -37.53
C LYS E 301 8.73 -22.70 -37.26
N LEU E 302 9.83 -22.55 -36.50
CA LEU E 302 10.85 -23.58 -36.31
C LEU E 302 11.39 -24.11 -37.64
N ASP E 303 11.42 -23.25 -38.64
CA ASP E 303 11.93 -23.60 -39.95
C ASP E 303 13.41 -23.28 -40.05
N PHE E 304 14.04 -23.83 -41.07
CA PHE E 304 15.35 -23.38 -41.50
C PHE E 304 15.22 -23.13 -42.99
N TYR E 305 14.72 -21.96 -43.34
CA TYR E 305 14.92 -21.43 -44.67
C TYR E 305 16.41 -21.27 -44.89
N THR E 306 16.88 -21.55 -46.11
CA THR E 306 18.30 -21.57 -46.48
C THR E 306 19.06 -22.54 -45.56
N LEU E 307 18.77 -23.81 -45.73
CA LEU E 307 19.41 -24.85 -44.93
C LEU E 307 20.88 -25.01 -45.35
N LEU E 308 21.60 -25.88 -44.64
CA LEU E 308 22.98 -26.20 -44.99
C LEU E 308 23.12 -26.78 -46.39
N ASP E 309 22.19 -27.66 -46.77
CA ASP E 309 22.30 -28.31 -48.07
C ASP E 309 22.00 -27.36 -49.21
N ASN E 310 21.20 -26.33 -48.96
CA ASN E 310 21.09 -25.25 -49.92
C ASN E 310 22.29 -24.32 -49.79
N TRP E 311 22.42 -23.40 -50.74
CA TRP E 311 23.57 -22.50 -50.76
C TRP E 311 23.15 -21.05 -50.64
N VAL E 312 22.21 -20.73 -49.75
CA VAL E 312 21.73 -19.37 -49.58
C VAL E 312 22.02 -19.00 -48.12
N LEU E 313 23.05 -19.62 -47.56
CA LEU E 313 23.51 -19.27 -46.21
C LEU E 313 24.24 -17.94 -46.22
N ARG E 314 24.19 -17.22 -45.09
CA ARG E 314 25.21 -16.20 -44.88
C ARG E 314 26.56 -16.84 -44.73
N ASP E 315 26.65 -17.95 -44.02
CA ASP E 315 27.95 -18.59 -43.84
C ASP E 315 28.34 -19.46 -45.04
N GLU E 316 27.73 -19.26 -46.20
CA GLU E 316 28.30 -19.62 -47.49
C GLU E 316 28.43 -18.43 -48.43
N ALA E 317 28.13 -17.22 -47.97
CA ALA E 317 28.26 -16.08 -48.87
C ALA E 317 29.68 -15.51 -48.91
N PRO E 318 30.44 -15.35 -47.77
CA PRO E 318 31.88 -15.16 -47.94
C PRO E 318 32.63 -16.47 -48.05
N ALA E 319 32.01 -17.59 -47.66
CA ALA E 319 32.67 -18.87 -47.83
C ALA E 319 32.76 -19.28 -49.29
N VAL E 320 31.96 -18.65 -50.15
CA VAL E 320 32.11 -18.77 -51.58
C VAL E 320 32.60 -17.46 -52.21
N GLU E 321 32.14 -16.32 -51.69
CA GLU E 321 32.49 -15.05 -52.32
C GLU E 321 33.93 -14.66 -52.04
N GLN E 322 34.46 -15.01 -50.87
CA GLN E 322 35.87 -14.76 -50.56
C GLN E 322 36.84 -15.64 -51.35
N GLN E 323 36.35 -16.59 -52.15
CA GLN E 323 37.21 -17.37 -53.03
C GLN E 323 36.89 -17.19 -54.49
N HIS E 324 35.62 -16.98 -54.85
CA HIS E 324 35.21 -17.09 -56.24
C HIS E 324 34.33 -15.96 -56.74
N TYR E 325 33.94 -15.01 -55.90
CA TYR E 325 33.43 -13.69 -56.29
C TYR E 325 32.08 -13.72 -57.00
N VAL E 326 31.33 -14.82 -56.92
CA VAL E 326 30.08 -14.96 -57.67
C VAL E 326 28.97 -15.34 -56.69
N ILE E 327 28.04 -14.41 -56.44
CA ILE E 327 26.77 -14.74 -55.80
C ILE E 327 25.61 -14.25 -56.67
N ALA E 328 25.78 -13.07 -57.27
CA ALA E 328 24.87 -12.47 -58.26
C ALA E 328 23.49 -12.19 -57.68
N ASN E 329 23.47 -11.16 -56.83
CA ASN E 329 22.30 -10.40 -56.33
C ASN E 329 21.52 -11.14 -55.28
N LEU E 330 21.93 -12.35 -54.93
CA LEU E 330 21.69 -12.90 -53.60
C LEU E 330 22.78 -12.44 -52.64
N ILE E 331 23.70 -11.59 -53.12
CA ILE E 331 24.71 -10.92 -52.31
C ILE E 331 24.06 -10.10 -51.21
N ARG E 332 22.89 -9.54 -51.50
CA ARG E 332 22.18 -8.69 -50.58
C ARG E 332 21.73 -9.44 -49.33
N GLY E 333 21.37 -10.70 -49.48
CA GLY E 333 21.09 -11.53 -48.32
C GLY E 333 22.33 -12.20 -47.77
N GLY E 334 23.50 -11.71 -48.18
CA GLY E 334 24.80 -12.13 -47.67
C GLY E 334 25.63 -10.94 -47.26
N VAL E 335 25.15 -9.74 -47.59
CA VAL E 335 25.70 -8.49 -47.06
C VAL E 335 24.83 -7.93 -45.95
N PHE E 336 23.51 -8.00 -46.10
CA PHE E 336 22.64 -7.63 -44.98
C PHE E 336 22.74 -8.60 -43.82
N GLY E 337 23.26 -9.81 -44.02
CA GLY E 337 23.63 -10.63 -42.88
C GLY E 337 24.85 -10.10 -42.15
N GLU E 338 25.61 -9.22 -42.80
CA GLU E 338 26.74 -8.55 -42.18
C GLU E 338 26.44 -7.15 -41.69
N ALA E 339 25.35 -6.54 -42.17
CA ALA E 339 24.95 -5.27 -41.60
C ALA E 339 24.52 -5.45 -40.15
N GLU E 340 23.87 -6.56 -39.83
CA GLU E 340 23.57 -6.89 -38.45
C GLU E 340 23.92 -8.33 -38.15
N GLU F 15 79.04 -11.20 -17.87
CA GLU F 15 78.99 -9.89 -17.21
C GLU F 15 77.68 -9.18 -17.52
N ARG F 16 77.03 -8.69 -16.46
CA ARG F 16 75.78 -7.93 -16.51
C ARG F 16 74.67 -8.71 -17.22
N LYS F 17 74.32 -9.84 -16.61
CA LYS F 17 73.23 -10.64 -17.14
C LYS F 17 71.88 -10.00 -16.83
N LEU F 18 70.83 -10.55 -17.44
CA LEU F 18 69.50 -10.03 -17.22
C LEU F 18 68.99 -10.40 -15.83
N ASP F 19 67.92 -9.74 -15.42
CA ASP F 19 67.36 -9.96 -14.09
C ASP F 19 66.67 -11.33 -14.05
N PRO F 20 66.75 -12.02 -12.93
CA PRO F 20 66.04 -13.30 -12.81
C PRO F 20 64.55 -13.08 -12.63
N SER F 21 64.18 -11.98 -11.99
CA SER F 21 62.78 -11.64 -11.79
C SER F 21 62.69 -10.12 -11.66
N ASP F 22 62.33 -9.46 -12.75
CA ASP F 22 62.12 -8.02 -12.78
C ASP F 22 60.64 -7.75 -12.90
N ALA F 23 60.22 -6.61 -12.35
CA ALA F 23 58.81 -6.21 -12.39
C ALA F 23 58.74 -4.72 -12.12
N LEU F 24 57.91 -4.01 -12.89
CA LEU F 24 57.87 -2.56 -12.82
C LEU F 24 56.46 -2.10 -12.51
N MET F 25 56.36 -1.04 -11.70
CA MET F 25 55.07 -0.47 -11.35
C MET F 25 54.43 0.22 -12.55
N SER F 26 53.11 0.14 -12.65
CA SER F 26 52.39 0.77 -13.76
C SER F 26 52.30 2.26 -13.52
N ALA F 27 53.38 2.96 -13.86
CA ALA F 27 53.34 4.41 -13.86
C ALA F 27 52.40 4.89 -14.96
N GLY F 28 51.75 6.01 -14.72
CA GLY F 28 50.67 6.38 -15.62
C GLY F 28 49.48 5.50 -15.37
N ALA F 29 48.93 5.56 -14.16
CA ALA F 29 47.86 4.67 -13.74
C ALA F 29 46.52 5.12 -14.31
N TRP F 30 45.45 4.44 -13.91
CA TRP F 30 44.18 4.61 -14.57
C TRP F 30 43.07 4.23 -13.61
N ALA F 31 42.00 5.01 -13.59
CA ALA F 31 40.88 4.77 -12.69
C ALA F 31 39.78 4.02 -13.43
N GLN F 32 38.66 3.83 -12.75
CA GLN F 32 37.49 3.25 -13.40
C GLN F 32 36.58 4.35 -13.94
N ARG F 33 35.68 3.95 -14.81
CA ARG F 33 34.72 4.87 -15.40
C ARG F 33 33.33 4.61 -14.84
N ASP F 34 32.60 5.69 -14.63
CA ASP F 34 31.22 5.60 -14.17
C ASP F 34 30.36 6.32 -15.20
N ALA F 35 29.75 5.55 -16.10
CA ALA F 35 28.91 6.12 -17.14
C ALA F 35 27.67 6.74 -16.54
N SER F 36 27.31 7.93 -17.02
CA SER F 36 26.18 8.68 -16.49
C SER F 36 25.72 9.67 -17.54
N GLN F 37 24.41 9.85 -17.69
CA GLN F 37 23.84 10.37 -18.91
C GLN F 37 23.16 11.71 -18.76
N GLU F 38 23.28 12.52 -19.81
CA GLU F 38 23.15 13.95 -19.70
C GLU F 38 22.48 14.46 -20.97
N TRP F 39 22.16 15.75 -21.01
CA TRP F 39 21.63 16.39 -22.19
C TRP F 39 22.51 17.58 -22.55
N PRO F 40 22.73 17.86 -23.83
CA PRO F 40 23.59 18.98 -24.22
C PRO F 40 22.91 20.30 -23.90
N ALA F 41 23.74 21.30 -23.59
CA ALA F 41 23.48 22.60 -22.95
C ALA F 41 23.14 22.44 -21.47
N VAL F 42 23.00 21.20 -21.01
CA VAL F 42 23.19 20.84 -19.63
C VAL F 42 24.54 20.09 -19.50
N THR F 43 25.41 20.26 -20.51
CA THR F 43 26.74 19.64 -20.54
C THR F 43 27.61 20.10 -19.38
N VAL F 44 27.55 21.40 -19.06
CA VAL F 44 28.46 21.96 -18.07
C VAL F 44 28.08 21.51 -16.67
N ARG F 45 26.82 21.19 -16.43
CA ARG F 45 26.30 20.94 -15.09
C ARG F 45 26.28 19.45 -14.74
N GLU F 46 27.30 18.71 -15.15
CA GLU F 46 27.37 17.28 -14.87
C GLU F 46 27.79 17.06 -13.42
N LYS F 47 26.84 17.31 -12.51
CA LYS F 47 27.02 16.98 -11.11
C LYS F 47 25.95 16.01 -10.62
N SER F 48 24.68 16.35 -10.82
CA SER F 48 23.56 15.50 -10.46
C SER F 48 23.16 14.55 -11.57
N VAL F 49 24.08 14.24 -12.47
CA VAL F 49 23.80 13.40 -13.63
C VAL F 49 23.77 11.95 -13.19
N ARG F 50 22.63 11.30 -13.42
CA ARG F 50 22.35 9.99 -12.85
C ARG F 50 23.13 8.90 -13.57
N GLY F 51 23.56 7.92 -12.80
CA GLY F 51 24.25 6.78 -13.37
C GLY F 51 23.32 5.88 -14.14
N THR F 52 23.93 4.97 -14.91
CA THR F 52 23.21 4.13 -15.87
C THR F 52 23.27 2.71 -15.38
N ILE F 53 22.16 2.22 -14.82
CA ILE F 53 22.14 0.91 -14.21
C ILE F 53 22.19 -0.15 -15.29
N SER F 54 22.93 -1.23 -15.05
CA SER F 54 22.99 -2.33 -16.01
C SER F 54 21.63 -3.01 -16.01
N ASN F 55 20.77 -2.55 -16.91
CA ASN F 55 19.45 -3.09 -17.19
C ASN F 55 19.56 -4.57 -17.60
N ARG F 56 18.45 -5.30 -17.50
CA ARG F 56 18.47 -6.72 -17.86
C ARG F 56 17.42 -7.02 -18.92
N LEU F 57 17.83 -6.95 -20.18
CA LEU F 57 17.07 -7.54 -21.27
C LEU F 57 17.12 -9.06 -21.15
N LYS F 58 16.17 -9.70 -21.82
CA LYS F 58 16.13 -11.15 -21.94
C LYS F 58 15.75 -11.47 -23.38
N THR F 59 16.51 -12.36 -24.01
CA THR F 59 16.62 -12.48 -25.47
C THR F 59 15.94 -13.74 -26.00
N LYS F 60 15.95 -13.87 -27.32
CA LYS F 60 15.66 -15.10 -28.06
C LYS F 60 16.22 -14.92 -29.46
N ASP F 61 16.74 -15.99 -30.04
CA ASP F 61 17.54 -15.82 -31.24
C ASP F 61 17.31 -16.97 -32.20
N ARG F 62 18.20 -17.06 -33.17
CA ARG F 62 18.52 -18.26 -33.92
C ARG F 62 19.99 -18.55 -33.63
N ASP F 63 20.57 -19.44 -34.39
CA ASP F 63 22.00 -19.70 -34.22
C ASP F 63 22.79 -19.21 -35.43
N PRO F 64 23.37 -18.02 -35.38
CA PRO F 64 24.27 -17.59 -36.45
C PRO F 64 25.68 -18.14 -36.36
N ALA F 65 26.01 -18.87 -35.31
CA ALA F 65 27.31 -19.51 -35.24
C ALA F 65 27.37 -20.65 -36.24
N LYS F 66 28.57 -20.91 -36.75
CA LYS F 66 28.77 -21.92 -37.78
C LYS F 66 28.84 -23.33 -37.19
N LEU F 67 29.33 -24.28 -37.96
CA LEU F 67 29.57 -25.62 -37.43
C LEU F 67 30.88 -26.18 -37.98
N ASP F 68 31.51 -27.05 -37.18
CA ASP F 68 32.64 -27.82 -37.67
C ASP F 68 32.15 -28.84 -38.68
N ALA F 69 32.93 -29.02 -39.75
CA ALA F 69 32.50 -29.80 -40.91
C ALA F 69 33.38 -31.03 -41.10
N SER F 70 33.78 -31.67 -40.01
CA SER F 70 34.63 -32.85 -40.10
C SER F 70 33.82 -34.12 -40.30
N ILE F 71 33.02 -34.50 -39.30
CA ILE F 71 32.18 -35.70 -39.39
C ILE F 71 30.91 -35.46 -38.59
N GLN F 72 29.76 -35.50 -39.27
CA GLN F 72 28.49 -35.16 -38.65
C GLN F 72 27.42 -36.14 -39.10
N SER F 73 26.25 -36.02 -38.46
CA SER F 73 25.01 -36.58 -38.93
C SER F 73 24.05 -35.45 -39.23
N PRO F 74 23.38 -35.44 -40.38
CA PRO F 74 22.62 -34.25 -40.79
C PRO F 74 21.30 -34.06 -40.05
N ASN F 75 20.97 -34.93 -39.10
CA ASN F 75 19.77 -34.75 -38.32
C ASN F 75 19.91 -33.67 -37.25
N LEU F 76 21.15 -33.31 -36.91
CA LEU F 76 21.38 -32.36 -35.82
C LEU F 76 20.93 -30.96 -36.19
N GLN F 77 21.51 -30.40 -37.25
CA GLN F 77 21.51 -28.97 -37.48
C GLN F 77 20.15 -28.40 -37.86
N THR F 78 19.20 -29.26 -38.24
CA THR F 78 17.85 -28.80 -38.54
C THR F 78 17.17 -28.26 -37.30
N VAL F 79 17.26 -29.00 -36.21
CA VAL F 79 16.62 -28.59 -34.97
C VAL F 79 17.62 -27.86 -34.07
N ASP F 80 18.93 -27.97 -34.37
CA ASP F 80 19.90 -27.04 -33.79
C ASP F 80 19.55 -25.61 -34.20
N VAL F 81 19.50 -25.36 -35.51
CA VAL F 81 19.28 -24.02 -36.00
C VAL F 81 17.83 -23.58 -35.78
N ALA F 82 16.89 -24.52 -35.86
CA ALA F 82 15.48 -24.15 -35.99
C ALA F 82 14.88 -23.55 -34.73
N ASN F 83 15.45 -23.79 -33.55
CA ASN F 83 14.76 -23.53 -32.29
C ASN F 83 14.91 -22.07 -31.87
N LEU F 84 14.58 -21.78 -30.61
CA LEU F 84 14.83 -20.46 -30.03
C LEU F 84 15.93 -20.56 -28.97
N PRO F 85 17.17 -20.21 -29.27
CA PRO F 85 18.13 -19.93 -28.19
C PRO F 85 17.81 -18.62 -27.51
N SER F 86 17.36 -18.70 -26.26
CA SER F 86 16.73 -17.57 -25.58
C SER F 86 17.35 -17.38 -24.20
N ASP F 87 18.46 -16.66 -24.13
CA ASP F 87 19.15 -16.42 -22.88
C ASP F 87 18.83 -15.02 -22.34
N ALA F 88 19.15 -14.82 -21.06
CA ALA F 88 18.99 -13.54 -20.41
C ALA F 88 20.29 -12.75 -20.55
N ASP F 89 20.21 -11.54 -21.09
CA ASP F 89 21.42 -10.79 -21.42
C ASP F 89 21.34 -9.43 -20.77
N THR F 90 22.11 -9.27 -19.71
CA THR F 90 22.13 -8.04 -18.93
C THR F 90 22.79 -6.97 -19.76
N LEU F 91 22.01 -6.14 -20.43
CA LEU F 91 22.57 -5.21 -21.38
C LEU F 91 22.36 -3.79 -20.90
N LYS F 92 23.46 -3.07 -20.75
CA LYS F 92 23.44 -1.69 -20.29
C LYS F 92 22.88 -0.80 -21.37
N VAL F 93 21.80 -0.12 -21.07
CA VAL F 93 21.02 0.65 -22.01
C VAL F 93 20.93 2.06 -21.45
N ARG F 94 20.84 3.06 -22.33
CA ARG F 94 20.84 4.44 -21.88
C ARG F 94 19.52 4.83 -21.20
N PHE F 95 19.42 6.10 -20.82
CA PHE F 95 18.15 6.61 -20.35
C PHE F 95 17.21 6.89 -21.52
N THR F 96 15.97 7.26 -21.18
CA THR F 96 14.95 7.50 -22.18
C THR F 96 15.17 8.81 -22.91
N LEU F 97 15.28 9.91 -22.16
CA LEU F 97 15.39 11.25 -22.70
C LEU F 97 16.75 11.88 -22.42
N ARG F 98 17.82 11.10 -22.58
CA ARG F 98 19.17 11.60 -22.36
C ARG F 98 19.98 11.40 -23.64
N VAL F 99 20.59 12.48 -24.12
CA VAL F 99 21.33 12.43 -25.38
C VAL F 99 22.81 12.16 -25.14
N LEU F 100 23.38 12.75 -24.10
CA LEU F 100 24.83 12.70 -23.93
C LEU F 100 25.26 11.37 -23.30
N GLY F 101 26.50 11.34 -22.85
CA GLY F 101 27.01 10.23 -22.07
C GLY F 101 27.94 10.69 -20.97
N GLY F 102 28.79 9.79 -20.47
CA GLY F 102 29.70 10.16 -19.40
C GLY F 102 30.78 9.15 -19.19
N ALA F 103 31.98 9.59 -18.82
CA ALA F 103 33.05 8.68 -18.42
C ALA F 103 33.96 9.46 -17.48
N GLY F 104 33.78 9.28 -16.18
CA GLY F 104 34.57 9.99 -15.20
C GLY F 104 35.77 9.22 -14.72
N THR F 105 36.95 9.49 -15.27
CA THR F 105 38.17 8.74 -14.92
C THR F 105 39.30 9.67 -14.52
N PRO F 106 39.74 9.64 -13.29
CA PRO F 106 41.01 10.27 -12.93
C PRO F 106 42.23 9.38 -13.14
N SER F 107 42.81 9.40 -14.34
CA SER F 107 44.10 8.74 -14.54
C SER F 107 45.17 9.61 -13.89
N ALA F 108 45.82 9.09 -12.87
CA ALA F 108 46.94 9.77 -12.23
C ALA F 108 48.22 9.11 -12.70
N CYS F 109 49.20 9.92 -13.05
CA CYS F 109 50.46 9.42 -13.57
C CYS F 109 51.48 9.35 -12.46
N ASN F 110 51.99 8.16 -12.19
CA ASN F 110 53.04 8.04 -11.20
C ASN F 110 54.37 8.49 -11.78
N ASP F 111 55.34 8.62 -10.90
CA ASP F 111 56.68 9.02 -11.29
C ASP F 111 57.47 7.77 -11.67
N ALA F 112 58.80 7.92 -11.77
CA ALA F 112 59.76 6.80 -11.78
C ALA F 112 59.52 5.85 -12.97
N ALA F 113 59.85 6.38 -14.15
CA ALA F 113 59.58 5.68 -15.40
C ALA F 113 60.27 4.33 -15.48
N TYR F 114 61.40 4.16 -14.82
CA TYR F 114 62.04 2.84 -14.82
C TYR F 114 62.62 2.43 -13.49
N ARG F 115 62.38 3.16 -12.42
CA ARG F 115 62.72 2.65 -11.10
C ARG F 115 61.80 1.48 -10.77
N ASP F 116 62.38 0.34 -10.48
CA ASP F 116 61.66 -0.92 -10.51
C ASP F 116 60.75 -1.09 -9.31
N LYS F 117 60.16 -2.28 -9.21
CA LYS F 117 59.54 -2.75 -8.00
C LYS F 117 60.18 -4.03 -7.48
N LEU F 118 60.85 -4.80 -8.33
CA LEU F 118 61.65 -5.93 -7.93
C LEU F 118 63.00 -5.82 -8.61
N LEU F 119 64.07 -6.17 -7.89
CA LEU F 119 65.44 -6.00 -8.36
C LEU F 119 66.19 -7.29 -8.09
N GLN F 120 66.07 -8.27 -9.00
CA GLN F 120 66.74 -9.54 -8.72
C GLN F 120 68.26 -9.47 -8.91
N THR F 121 68.76 -8.37 -9.47
CA THR F 121 70.19 -8.05 -9.47
C THR F 121 70.30 -6.54 -9.47
N VAL F 122 71.08 -6.00 -8.53
CA VAL F 122 71.11 -4.56 -8.35
C VAL F 122 71.90 -3.89 -9.48
N ALA F 123 72.83 -4.61 -10.10
CA ALA F 123 73.59 -4.05 -11.21
C ALA F 123 72.70 -3.79 -12.43
N THR F 124 71.73 -4.68 -12.66
CA THR F 124 70.75 -4.46 -13.71
C THR F 124 69.85 -3.28 -13.37
N TYR F 125 69.58 -3.06 -12.09
CA TYR F 125 68.81 -1.90 -11.67
C TYR F 125 69.58 -0.61 -11.90
N VAL F 126 70.91 -0.63 -11.68
CA VAL F 126 71.73 0.54 -11.95
C VAL F 126 71.79 0.80 -13.44
N ASN F 127 71.81 -0.28 -14.24
CA ASN F 127 71.72 -0.13 -15.69
C ASN F 127 70.43 0.53 -16.11
N ASP F 128 69.28 -0.03 -15.68
CA ASP F 128 67.98 0.47 -16.11
C ASP F 128 67.70 1.87 -15.61
N GLN F 129 68.20 2.22 -14.43
CA GLN F 129 68.16 3.62 -14.02
C GLN F 129 69.06 4.47 -14.91
N GLY F 130 70.16 3.90 -15.39
CA GLY F 130 70.95 4.59 -16.40
C GLY F 130 70.22 4.77 -17.72
N PHE F 131 69.32 3.84 -18.05
CA PHE F 131 68.59 3.96 -19.31
C PHE F 131 67.41 4.89 -19.22
N ALA F 132 66.77 4.97 -18.06
CA ALA F 132 65.84 6.07 -17.85
C ALA F 132 66.56 7.40 -17.82
N GLU F 133 67.82 7.39 -17.38
CA GLU F 133 68.62 8.62 -17.43
C GLU F 133 68.95 9.01 -18.86
N LEU F 134 69.22 8.03 -19.72
CA LEU F 134 69.51 8.34 -21.12
C LEU F 134 68.23 8.71 -21.87
N ALA F 135 67.27 7.80 -21.91
CA ALA F 135 66.03 8.00 -22.66
C ALA F 135 65.10 9.00 -22.00
N ARG F 136 65.41 9.47 -20.79
CA ARG F 136 64.73 10.62 -20.24
C ARG F 136 65.56 11.88 -20.32
N ARG F 137 66.87 11.76 -20.51
CA ARG F 137 67.73 12.92 -20.66
C ARG F 137 67.89 13.30 -22.12
N TYR F 138 68.22 12.32 -22.97
CA TYR F 138 68.41 12.61 -24.40
C TYR F 138 67.08 12.76 -25.10
N ALA F 139 66.29 11.69 -25.15
CA ALA F 139 64.97 11.75 -25.79
C ALA F 139 64.01 12.43 -24.84
N HIS F 140 63.66 13.68 -25.14
CA HIS F 140 62.71 14.42 -24.34
C HIS F 140 61.33 13.80 -24.52
N ASN F 141 60.52 13.83 -23.44
CA ASN F 141 59.21 13.18 -23.48
C ASN F 141 58.11 14.07 -24.05
N LEU F 142 58.46 15.04 -24.90
CA LEU F 142 57.50 15.84 -25.65
C LEU F 142 56.62 14.97 -26.55
N ALA F 143 57.21 14.33 -27.54
CA ALA F 143 56.46 13.50 -28.45
C ALA F 143 56.02 12.17 -27.83
N ASN F 144 56.70 11.75 -26.76
CA ASN F 144 56.30 10.57 -25.99
C ASN F 144 54.93 10.75 -25.36
N ALA F 145 54.77 11.81 -24.57
CA ALA F 145 53.47 12.11 -24.00
C ALA F 145 52.52 12.68 -25.04
N ARG F 146 53.03 13.15 -26.19
CA ARG F 146 52.14 13.41 -27.30
C ARG F 146 51.58 12.11 -27.88
N PHE F 147 52.29 10.98 -27.76
CA PHE F 147 51.62 9.70 -28.02
C PHE F 147 50.64 9.35 -26.91
N LEU F 148 51.00 9.56 -25.65
CA LEU F 148 50.03 9.22 -24.59
C LEU F 148 48.90 10.24 -24.46
N TRP F 149 48.87 11.30 -25.24
CA TRP F 149 47.74 12.23 -25.21
C TRP F 149 47.04 12.28 -26.56
N ARG F 150 47.75 12.60 -27.65
CA ARG F 150 47.16 12.72 -28.98
C ARG F 150 46.65 11.39 -29.53
N ASN F 151 46.97 10.27 -28.89
CA ASN F 151 46.29 9.01 -29.17
C ASN F 151 45.53 8.51 -27.93
N ARG F 152 45.22 9.41 -27.00
CA ARG F 152 44.26 9.14 -25.94
C ARG F 152 43.42 10.36 -25.56
N VAL F 153 43.54 11.48 -26.25
CA VAL F 153 42.55 12.56 -26.16
C VAL F 153 41.52 12.40 -27.26
N GLY F 154 41.98 12.09 -28.48
CA GLY F 154 41.13 11.46 -29.46
C GLY F 154 40.66 10.19 -28.80
N ALA F 155 39.39 10.21 -28.38
CA ALA F 155 38.95 9.45 -27.23
C ALA F 155 38.88 7.95 -27.48
N GLU F 156 40.04 7.32 -27.60
CA GLU F 156 40.08 5.87 -27.51
C GLU F 156 39.81 5.39 -26.10
N ALA F 157 39.81 6.30 -25.13
CA ALA F 157 39.20 6.16 -23.81
C ALA F 157 37.86 5.44 -23.87
N VAL F 158 36.92 6.06 -24.59
CA VAL F 158 35.61 5.48 -24.87
C VAL F 158 35.79 4.48 -26.00
N GLU F 159 35.66 3.19 -25.72
CA GLU F 159 36.20 2.21 -26.65
C GLU F 159 35.27 1.86 -27.82
N VAL F 160 34.15 1.22 -27.52
CA VAL F 160 33.23 0.79 -28.56
C VAL F 160 32.11 1.80 -28.70
N ARG F 161 31.80 2.53 -27.65
CA ARG F 161 30.87 3.64 -27.63
C ARG F 161 31.40 4.86 -28.40
N ILE F 162 32.65 4.84 -28.88
CA ILE F 162 33.11 5.89 -29.79
C ILE F 162 32.45 5.77 -31.16
N ASN F 163 31.91 4.60 -31.49
CA ASN F 163 31.47 4.32 -32.86
C ASN F 163 30.23 5.14 -33.18
N HIS F 164 30.40 6.08 -34.11
CA HIS F 164 29.38 7.00 -34.61
C HIS F 164 28.78 7.82 -33.48
N ILE F 165 29.58 8.66 -32.93
CA ILE F 165 29.09 9.71 -32.06
C ILE F 165 28.74 10.89 -32.95
N ARG F 166 27.74 11.67 -32.54
CA ARG F 166 27.61 13.03 -33.04
C ARG F 166 28.88 13.83 -32.76
N GLN F 167 29.22 13.99 -31.49
CA GLN F 167 30.44 14.71 -31.10
C GLN F 167 30.88 14.24 -29.72
N GLY F 168 31.93 13.43 -29.66
CA GLY F 168 32.41 12.94 -28.38
C GLY F 168 33.39 13.90 -27.73
N GLU F 169 32.91 14.73 -26.82
CA GLU F 169 33.70 15.79 -26.22
C GLU F 169 34.39 15.31 -24.96
N VAL F 170 35.71 15.50 -24.89
CA VAL F 170 36.52 15.12 -23.73
C VAL F 170 36.87 16.39 -22.97
N ALA F 171 36.62 16.38 -21.67
CA ALA F 171 36.94 17.51 -20.80
C ALA F 171 37.93 17.01 -19.75
N ARG F 172 39.23 17.06 -20.06
CA ARG F 172 40.27 16.67 -19.11
C ARG F 172 40.54 17.82 -18.15
N ALA F 173 39.75 17.86 -17.09
CA ALA F 173 40.07 18.75 -15.99
C ALA F 173 41.25 18.18 -15.22
N TRP F 174 42.02 19.06 -14.60
CA TRP F 174 43.15 18.65 -13.77
C TRP F 174 43.19 19.46 -12.49
N ARG F 175 43.44 18.77 -11.37
CA ARG F 175 43.25 19.34 -10.05
C ARG F 175 44.47 19.11 -9.18
N PHE F 176 45.02 20.20 -8.62
CA PHE F 176 45.87 20.10 -7.42
C PHE F 176 45.14 19.39 -6.30
N ASP F 177 43.93 19.86 -6.02
CA ASP F 177 43.20 19.66 -4.78
C ASP F 177 41.73 19.65 -5.17
N ALA F 178 40.84 20.02 -4.24
CA ALA F 178 39.48 20.36 -4.63
C ALA F 178 39.44 21.42 -5.72
N LEU F 179 40.34 22.40 -5.66
CA LEU F 179 40.51 23.33 -6.77
C LEU F 179 41.13 22.61 -7.97
N ALA F 180 40.84 23.13 -9.17
CA ALA F 180 41.33 22.56 -10.41
C ALA F 180 41.79 23.68 -11.32
N ILE F 181 43.03 23.60 -11.80
CA ILE F 181 43.59 24.71 -12.57
C ILE F 181 43.68 24.36 -14.05
N GLY F 182 44.38 23.28 -14.39
CA GLY F 182 44.46 22.86 -15.78
C GLY F 182 43.12 22.36 -16.26
N LEU F 183 42.44 23.17 -17.08
CA LEU F 183 41.08 22.90 -17.52
C LEU F 183 41.07 22.95 -19.03
N ARG F 184 41.36 21.82 -19.67
CA ARG F 184 41.42 21.78 -21.12
C ARG F 184 40.24 20.99 -21.68
N ASP F 185 39.66 21.52 -22.74
CA ASP F 185 38.44 21.01 -23.35
C ASP F 185 38.75 20.65 -24.80
N PHE F 186 38.00 19.71 -25.37
CA PHE F 186 38.38 19.15 -26.65
C PHE F 186 37.15 18.87 -27.50
N LYS F 187 37.40 18.22 -28.65
CA LYS F 187 36.37 17.63 -29.50
C LYS F 187 37.02 16.46 -30.22
N ALA F 188 36.86 15.27 -29.67
CA ALA F 188 37.67 14.12 -30.08
C ALA F 188 37.26 13.51 -31.40
N ASP F 189 36.22 14.02 -32.06
CA ASP F 189 35.95 13.59 -33.42
C ASP F 189 36.75 14.37 -34.44
N ALA F 190 37.38 15.47 -34.05
CA ALA F 190 38.29 16.20 -34.92
C ALA F 190 39.72 15.67 -34.86
N GLU F 191 39.93 14.53 -34.19
CA GLU F 191 41.25 13.95 -34.04
C GLU F 191 41.18 12.50 -34.48
N LEU F 192 42.15 12.09 -35.30
CA LEU F 192 42.15 10.74 -35.86
C LEU F 192 42.57 9.72 -34.81
N ASP F 193 42.58 8.46 -35.22
CA ASP F 193 43.09 7.38 -34.40
C ASP F 193 44.20 6.61 -35.08
N ALA F 194 44.70 7.11 -36.22
CA ALA F 194 45.80 6.45 -36.92
C ALA F 194 47.06 7.29 -36.98
N LEU F 195 46.94 8.61 -36.97
CA LEU F 195 48.10 9.50 -36.99
C LEU F 195 47.86 10.67 -36.04
N ALA F 196 48.88 10.98 -35.23
CA ALA F 196 48.80 12.10 -34.31
C ALA F 196 49.19 13.38 -35.04
N GLU F 197 48.28 14.34 -35.08
CA GLU F 197 48.49 15.60 -35.78
C GLU F 197 48.79 16.72 -34.80
N LEU F 198 49.37 17.79 -35.33
CA LEU F 198 49.96 18.85 -34.52
C LEU F 198 48.87 19.73 -33.91
N ILE F 199 48.71 19.63 -32.59
CA ILE F 199 47.73 20.41 -31.83
C ILE F 199 48.46 21.12 -30.70
N ALA F 200 48.13 22.39 -30.48
CA ALA F 200 48.82 23.19 -29.47
C ALA F 200 48.43 22.76 -28.06
N SER F 201 47.13 22.62 -27.81
CA SER F 201 46.67 22.23 -26.47
C SER F 201 47.03 20.79 -26.16
N GLY F 202 47.12 19.93 -27.19
CA GLY F 202 47.68 18.61 -27.01
C GLY F 202 49.14 18.65 -26.61
N LEU F 203 49.86 19.67 -27.08
CA LEU F 203 51.23 19.87 -26.60
C LEU F 203 51.27 20.46 -25.20
N SER F 204 50.22 21.14 -24.77
CA SER F 204 50.16 21.55 -23.38
C SER F 204 49.94 20.36 -22.47
N GLY F 205 48.98 19.49 -22.82
CA GLY F 205 48.74 18.30 -22.04
C GLY F 205 49.91 17.33 -22.06
N SER F 206 50.62 17.26 -23.18
CA SER F 206 51.82 16.45 -23.20
C SER F 206 52.98 17.12 -22.47
N GLY F 207 52.97 18.44 -22.37
CA GLY F 207 53.89 19.10 -21.45
C GLY F 207 53.55 18.85 -20.01
N HIS F 208 52.30 18.50 -19.74
CA HIS F 208 51.87 18.21 -18.39
C HIS F 208 52.19 16.77 -18.01
N VAL F 209 52.05 15.84 -18.96
CA VAL F 209 52.52 14.49 -18.69
C VAL F 209 54.04 14.44 -18.75
N LEU F 210 54.67 15.39 -19.46
CA LEU F 210 56.08 15.70 -19.24
C LEU F 210 56.34 16.09 -17.79
N LEU F 211 55.48 16.93 -17.21
CA LEU F 211 55.60 17.21 -15.79
C LEU F 211 55.10 16.08 -14.90
N GLU F 212 54.71 14.93 -15.46
CA GLU F 212 54.29 13.79 -14.67
C GLU F 212 55.30 12.66 -14.63
N VAL F 213 55.68 12.15 -15.80
CA VAL F 213 56.50 10.94 -15.85
C VAL F 213 57.95 11.24 -15.44
N VAL F 214 58.38 12.49 -15.57
CA VAL F 214 59.74 12.88 -15.22
C VAL F 214 59.79 13.43 -13.78
N ALA F 215 58.76 13.12 -12.98
CA ALA F 215 58.70 13.35 -11.53
C ALA F 215 58.82 14.83 -11.18
N PHE F 216 57.79 15.59 -11.57
CA PHE F 216 57.72 16.99 -11.21
C PHE F 216 56.56 17.34 -10.28
N ALA F 217 55.39 16.72 -10.41
CA ALA F 217 54.25 17.17 -9.62
C ALA F 217 53.25 16.03 -9.43
N ARG F 218 52.39 16.21 -8.43
CA ARG F 218 51.22 15.36 -8.27
C ARG F 218 50.22 15.70 -9.36
N ILE F 219 49.88 14.70 -10.16
CA ILE F 219 49.05 14.87 -11.35
C ILE F 219 48.01 13.76 -11.39
N GLY F 220 46.75 14.14 -11.24
CA GLY F 220 45.64 13.24 -11.45
C GLY F 220 44.63 13.91 -12.35
N ASP F 221 44.45 13.38 -13.56
CA ASP F 221 43.69 14.03 -14.61
C ASP F 221 42.24 13.57 -14.56
N GLY F 222 41.38 14.35 -13.92
CA GLY F 222 39.97 14.01 -13.90
C GLY F 222 39.32 14.22 -15.24
N GLN F 223 39.04 13.15 -15.96
CA GLN F 223 38.49 13.17 -17.32
C GLN F 223 36.98 13.05 -17.26
N GLU F 224 36.28 13.78 -18.11
CA GLU F 224 34.81 13.72 -18.17
C GLU F 224 34.44 13.73 -19.64
N VAL F 225 34.36 12.54 -20.24
CA VAL F 225 34.13 12.41 -21.67
C VAL F 225 32.63 12.36 -21.93
N PHE F 226 32.15 13.17 -22.86
CA PHE F 226 30.72 13.28 -23.15
C PHE F 226 30.41 12.87 -24.58
N PRO F 227 30.20 11.58 -24.86
CA PRO F 227 29.68 11.20 -26.18
C PRO F 227 28.23 11.62 -26.33
N SER F 228 27.98 12.45 -27.34
CA SER F 228 26.70 13.11 -27.55
C SER F 228 25.84 12.35 -28.54
N GLN F 229 25.88 11.00 -28.46
CA GLN F 229 25.36 10.15 -29.52
C GLN F 229 23.87 10.28 -29.77
N GLU F 230 23.06 9.79 -28.85
CA GLU F 230 21.62 9.75 -29.05
C GLU F 230 20.96 9.41 -27.73
N LEU F 231 19.68 9.09 -27.82
CA LEU F 231 18.84 8.55 -26.76
C LEU F 231 19.14 7.06 -26.61
N ILE F 232 18.15 6.27 -26.24
CA ILE F 232 18.20 5.02 -25.46
C ILE F 232 19.14 3.92 -25.97
N LEU F 233 20.00 4.21 -26.95
CA LEU F 233 20.94 3.27 -27.56
C LEU F 233 21.82 2.46 -26.62
N ASP F 234 22.43 1.39 -27.12
CA ASP F 234 23.24 0.52 -26.28
C ASP F 234 24.61 1.15 -26.01
N LYS F 235 25.52 0.35 -25.46
CA LYS F 235 26.83 0.84 -25.05
C LYS F 235 27.89 -0.21 -25.34
N GLY F 236 29.03 -0.02 -24.70
CA GLY F 236 30.16 -0.92 -24.80
C GLY F 236 30.84 -1.14 -23.47
N ASP F 237 30.07 -1.20 -22.38
CA ASP F 237 30.62 -1.36 -21.05
C ASP F 237 31.37 -2.68 -20.91
N LYS F 238 32.30 -2.73 -19.97
CA LYS F 238 33.21 -3.86 -19.91
C LYS F 238 32.51 -5.05 -19.29
N LYS F 239 32.53 -6.17 -20.01
CA LYS F 239 31.85 -7.36 -19.56
C LYS F 239 32.64 -8.08 -18.49
N GLY F 240 31.92 -8.77 -17.61
CA GLY F 240 32.53 -9.65 -16.63
C GLY F 240 32.82 -11.00 -17.25
N GLN F 241 32.64 -12.05 -16.46
CA GLN F 241 32.83 -13.41 -16.95
C GLN F 241 31.74 -14.34 -16.46
N LYS F 242 31.76 -15.56 -16.98
CA LYS F 242 30.85 -16.63 -16.65
C LYS F 242 31.60 -17.93 -16.39
N SER F 243 32.69 -17.84 -15.65
CA SER F 243 33.49 -19.01 -15.29
C SER F 243 32.97 -19.54 -13.95
N LYS F 244 32.39 -20.74 -13.97
CA LYS F 244 31.75 -21.42 -12.84
C LYS F 244 30.63 -20.59 -12.19
N THR F 245 30.05 -19.65 -12.94
CA THR F 245 28.83 -18.96 -12.53
C THR F 245 27.72 -19.12 -13.55
N LEU F 246 27.99 -19.81 -14.66
CA LEU F 246 26.97 -20.16 -15.66
C LEU F 246 26.31 -21.50 -15.35
N TYR F 247 26.40 -21.96 -14.13
CA TYR F 247 25.86 -23.22 -13.65
C TYR F 247 24.98 -23.05 -12.44
N SER F 248 25.35 -22.16 -11.51
CA SER F 248 24.47 -21.84 -10.39
C SER F 248 23.30 -20.98 -10.85
N VAL F 249 23.58 -19.93 -11.62
CA VAL F 249 22.53 -19.07 -12.17
C VAL F 249 22.09 -19.64 -13.50
N ARG F 250 23.07 -19.86 -14.40
CA ARG F 250 22.88 -20.49 -15.72
C ARG F 250 21.89 -19.72 -16.61
N ASP F 251 21.77 -18.42 -16.38
CA ASP F 251 20.85 -17.59 -17.15
C ASP F 251 21.58 -16.48 -17.90
N ALA F 252 22.40 -15.70 -17.20
CA ALA F 252 23.10 -14.60 -17.82
C ALA F 252 24.21 -15.13 -18.72
N ALA F 253 24.58 -14.33 -19.72
CA ALA F 253 25.68 -14.68 -20.59
C ALA F 253 26.61 -13.51 -20.85
N ALA F 254 26.26 -12.32 -20.38
CA ALA F 254 27.10 -11.14 -20.55
C ALA F 254 26.87 -10.27 -19.33
N ILE F 255 27.77 -10.34 -18.36
CA ILE F 255 27.64 -9.56 -17.14
C ILE F 255 28.38 -8.23 -17.36
N HIS F 256 27.64 -7.17 -17.62
CA HIS F 256 28.23 -5.85 -17.64
C HIS F 256 28.56 -5.42 -16.22
N SER F 257 29.85 -5.23 -15.94
CA SER F 257 30.33 -5.09 -14.58
C SER F 257 29.96 -3.73 -14.01
N GLN F 258 29.82 -3.69 -12.69
CA GLN F 258 29.26 -2.56 -11.98
C GLN F 258 30.22 -2.01 -10.94
N LYS F 259 30.21 -0.69 -10.80
CA LYS F 259 30.63 -0.01 -9.59
C LYS F 259 29.45 -0.01 -8.63
N ILE F 260 29.48 0.86 -7.63
CA ILE F 260 28.34 0.93 -6.72
C ILE F 260 27.18 1.59 -7.47
N GLY F 261 26.30 0.76 -8.05
CA GLY F 261 25.11 1.22 -8.72
C GLY F 261 25.28 1.78 -10.11
N ASN F 262 26.45 1.63 -10.73
CA ASN F 262 26.68 2.19 -12.06
C ASN F 262 27.28 1.14 -12.97
N ALA F 263 27.78 1.54 -14.14
CA ALA F 263 28.36 0.61 -15.10
C ALA F 263 29.84 0.89 -15.24
N LEU F 264 30.67 -0.12 -15.02
CA LEU F 264 32.10 0.07 -15.11
C LEU F 264 32.55 0.21 -16.55
N ARG F 265 33.75 0.72 -16.70
CA ARG F 265 34.70 0.26 -17.70
C ARG F 265 35.88 -0.22 -16.89
N THR F 266 36.20 -1.51 -16.99
CA THR F 266 37.27 -2.06 -16.20
C THR F 266 38.60 -1.43 -16.62
N ILE F 267 39.49 -1.20 -15.63
CA ILE F 267 40.76 -0.54 -15.87
C ILE F 267 41.62 -1.37 -16.80
N ASP F 268 41.41 -2.67 -16.81
CA ASP F 268 42.04 -3.57 -17.76
C ASP F 268 41.77 -3.16 -19.21
N THR F 269 40.52 -2.85 -19.56
CA THR F 269 40.29 -2.28 -20.89
C THR F 269 40.79 -0.87 -20.98
N TRP F 270 40.75 -0.14 -19.88
CA TRP F 270 41.02 1.27 -19.93
C TRP F 270 42.50 1.57 -20.14
N TYR F 271 43.40 0.63 -19.87
CA TYR F 271 44.81 0.89 -20.14
C TYR F 271 45.15 0.88 -21.62
N PRO F 272 44.73 -0.10 -22.45
CA PRO F 272 44.96 0.06 -23.89
C PRO F 272 44.11 1.12 -24.56
N ASP F 273 43.34 1.91 -23.83
CA ASP F 273 42.96 3.20 -24.37
C ASP F 273 44.17 4.10 -24.49
N GLU F 274 45.02 4.05 -23.48
CA GLU F 274 46.19 4.91 -23.43
C GLU F 274 47.48 4.14 -23.65
N ASP F 275 47.46 2.83 -23.53
CA ASP F 275 48.60 2.03 -23.92
C ASP F 275 48.68 1.85 -25.44
N GLY F 276 47.65 2.27 -26.19
CA GLY F 276 47.73 2.32 -27.65
C GLY F 276 48.59 3.49 -28.05
N LEU F 277 49.88 3.20 -28.22
CA LEU F 277 50.87 4.23 -28.51
C LEU F 277 51.49 4.05 -29.87
N GLY F 278 52.13 2.92 -30.14
CA GLY F 278 53.14 2.87 -31.16
C GLY F 278 52.69 2.27 -32.48
N PRO F 279 52.78 3.08 -33.57
CA PRO F 279 52.86 2.53 -34.92
C PRO F 279 54.31 2.20 -35.29
N ILE F 280 55.01 1.57 -34.37
CA ILE F 280 56.46 1.39 -34.44
C ILE F 280 56.62 -0.12 -34.51
N ALA F 281 55.61 -0.78 -35.08
CA ALA F 281 55.56 -2.23 -35.14
C ALA F 281 56.36 -2.72 -36.35
N VAL F 282 56.29 -4.01 -36.62
CA VAL F 282 56.99 -4.57 -37.77
C VAL F 282 56.22 -4.29 -39.05
N GLU F 283 54.99 -4.82 -39.12
CA GLU F 283 54.24 -4.78 -40.38
C GLU F 283 53.72 -3.40 -40.77
N PRO F 284 52.83 -2.75 -40.00
CA PRO F 284 52.03 -1.67 -40.59
C PRO F 284 52.82 -0.38 -40.74
N TYR F 285 52.26 0.50 -41.57
CA TYR F 285 52.82 1.84 -41.77
C TYR F 285 51.89 2.92 -41.22
N GLY F 286 50.65 2.96 -41.69
CA GLY F 286 49.66 3.89 -41.18
C GLY F 286 48.33 3.21 -41.02
N SER F 287 48.37 1.88 -40.88
CA SER F 287 47.16 1.08 -40.78
C SER F 287 46.75 0.85 -39.34
N VAL F 288 47.63 0.22 -38.56
CA VAL F 288 47.30 -0.31 -37.25
C VAL F 288 48.18 0.36 -36.21
N THR F 289 47.57 1.00 -35.22
CA THR F 289 48.29 1.61 -34.10
C THR F 289 47.90 0.83 -32.85
N SER F 290 48.61 -0.27 -32.59
CA SER F 290 48.21 -1.22 -31.57
C SER F 290 48.56 -0.71 -30.17
N GLN F 291 48.34 -1.56 -29.17
CA GLN F 291 48.60 -1.21 -27.79
C GLN F 291 50.00 -1.64 -27.40
N GLY F 292 50.80 -0.67 -26.92
CA GLY F 292 52.21 -0.91 -26.75
C GLY F 292 52.52 -1.84 -25.61
N LYS F 293 52.82 -3.09 -25.93
CA LYS F 293 52.91 -4.14 -24.95
C LYS F 293 54.21 -4.91 -25.15
N ALA F 294 54.55 -5.73 -24.16
CA ALA F 294 55.48 -6.80 -24.42
C ALA F 294 54.82 -7.75 -25.40
N TYR F 295 55.60 -8.18 -26.41
CA TYR F 295 55.18 -9.00 -27.54
C TYR F 295 54.16 -8.33 -28.46
N ARG F 296 53.79 -7.06 -28.20
CA ARG F 296 52.85 -6.21 -28.92
C ARG F 296 51.59 -6.90 -29.43
N GLN F 297 51.02 -7.78 -28.63
CA GLN F 297 49.92 -8.62 -29.09
C GLN F 297 48.59 -7.90 -28.89
N PRO F 298 47.80 -7.70 -29.94
CA PRO F 298 46.43 -7.25 -29.74
C PRO F 298 45.51 -8.43 -29.48
N LYS F 299 44.52 -8.22 -28.62
CA LYS F 299 43.65 -9.31 -28.22
C LYS F 299 42.56 -9.58 -29.24
N GLN F 300 42.18 -8.56 -30.02
CA GLN F 300 41.19 -8.70 -31.07
C GLN F 300 41.66 -9.67 -32.15
N LYS F 301 42.69 -9.27 -32.87
CA LYS F 301 43.04 -9.88 -34.14
C LYS F 301 43.71 -11.23 -34.01
N LEU F 302 44.03 -11.66 -32.78
CA LEU F 302 44.84 -12.85 -32.49
C LEU F 302 46.18 -12.81 -33.23
N ASP F 303 46.70 -11.61 -33.43
CA ASP F 303 47.98 -11.41 -34.09
C ASP F 303 49.10 -11.39 -33.07
N PHE F 304 50.31 -11.51 -33.57
CA PHE F 304 51.51 -11.19 -32.80
C PHE F 304 52.32 -10.27 -33.70
N TYR F 305 51.96 -8.98 -33.67
CA TYR F 305 52.88 -7.96 -34.13
C TYR F 305 54.12 -8.03 -33.25
N THR F 306 55.30 -7.79 -33.84
CA THR F 306 56.60 -7.93 -33.19
C THR F 306 56.76 -9.33 -32.59
N LEU F 307 56.85 -10.31 -33.48
CA LEU F 307 56.99 -11.70 -33.07
C LEU F 307 58.39 -11.93 -32.47
N LEU F 308 58.62 -13.16 -31.99
CA LEU F 308 59.94 -13.55 -31.48
C LEU F 308 61.03 -13.45 -32.54
N ASP F 309 60.72 -13.85 -33.77
CA ASP F 309 61.74 -13.84 -34.81
C ASP F 309 62.08 -12.43 -35.26
N ASN F 310 61.15 -11.50 -35.12
CA ASN F 310 61.50 -10.10 -35.29
C ASN F 310 62.17 -9.59 -34.02
N TRP F 311 62.72 -8.39 -34.09
CA TRP F 311 63.45 -7.82 -32.96
C TRP F 311 62.81 -6.53 -32.47
N VAL F 312 61.49 -6.48 -32.37
CA VAL F 312 60.80 -5.27 -31.92
C VAL F 312 60.02 -5.69 -30.65
N LEU F 313 60.54 -6.69 -29.95
CA LEU F 313 59.97 -7.08 -28.68
C LEU F 313 60.31 -6.06 -27.59
N ARG F 314 59.43 -5.94 -26.58
CA ARG F 314 59.89 -5.35 -25.33
C ARG F 314 60.93 -6.24 -24.69
N ASP F 315 60.72 -7.55 -24.71
CA ASP F 315 61.68 -8.43 -24.09
C ASP F 315 62.89 -8.74 -24.99
N GLU F 316 63.14 -7.90 -25.99
CA GLU F 316 64.45 -7.74 -26.61
C GLU F 316 64.95 -6.30 -26.55
N ALA F 317 64.23 -5.40 -25.90
CA ALA F 317 64.71 -4.02 -25.83
C ALA F 317 65.72 -3.80 -24.69
N PRO F 318 65.54 -4.32 -23.44
CA PRO F 318 66.70 -4.37 -22.55
C PRO F 318 67.54 -5.60 -22.77
N ALA F 319 67.01 -6.62 -23.43
CA ALA F 319 67.83 -7.79 -23.73
C ALA F 319 68.90 -7.50 -24.78
N VAL F 320 68.75 -6.40 -25.50
CA VAL F 320 69.79 -5.88 -26.35
C VAL F 320 70.34 -4.56 -25.83
N GLU F 321 69.47 -3.72 -25.25
CA GLU F 321 69.92 -2.39 -24.84
C GLU F 321 70.77 -2.46 -23.57
N GLN F 322 70.48 -3.41 -22.67
CA GLN F 322 71.31 -3.61 -21.48
C GLN F 322 72.69 -4.20 -21.77
N GLN F 323 72.98 -4.58 -23.02
CA GLN F 323 74.32 -5.02 -23.39
C GLN F 323 74.98 -4.13 -24.42
N HIS F 324 74.22 -3.53 -25.33
CA HIS F 324 74.81 -2.91 -26.52
C HIS F 324 74.29 -1.53 -26.85
N TYR F 325 73.29 -1.01 -26.12
CA TYR F 325 72.95 0.41 -26.07
C TYR F 325 72.39 0.97 -27.38
N VAL F 326 71.95 0.14 -28.31
CA VAL F 326 71.51 0.60 -29.63
C VAL F 326 70.12 0.04 -29.89
N ILE F 327 69.11 0.91 -29.89
CA ILE F 327 67.80 0.59 -30.44
C ILE F 327 67.40 1.63 -31.48
N ALA F 328 67.71 2.90 -31.20
CA ALA F 328 67.57 4.04 -32.10
C ALA F 328 66.11 4.30 -32.48
N ASN F 329 65.37 4.81 -31.48
CA ASN F 329 64.07 5.48 -31.55
C ASN F 329 62.92 4.50 -31.75
N LEU F 330 63.20 3.21 -31.82
CA LEU F 330 62.28 2.18 -31.41
C LEU F 330 62.39 1.92 -29.91
N ILE F 331 63.26 2.70 -29.24
CA ILE F 331 63.40 2.71 -27.78
C ILE F 331 62.07 3.05 -27.14
N ARG F 332 61.28 3.89 -27.79
CA ARG F 332 60.01 4.36 -27.26
C ARG F 332 59.01 3.23 -27.12
N GLY F 333 59.03 2.27 -28.02
CA GLY F 333 58.22 1.08 -27.87
C GLY F 333 58.92 0.00 -27.06
N GLY F 334 59.98 0.38 -26.35
CA GLY F 334 60.69 -0.47 -25.42
C GLY F 334 60.87 0.23 -24.09
N VAL F 335 60.52 1.51 -24.03
CA VAL F 335 60.40 2.24 -22.77
C VAL F 335 58.94 2.39 -22.36
N PHE F 336 58.05 2.65 -23.32
CA PHE F 336 56.62 2.64 -23.00
C PHE F 336 56.11 1.24 -22.67
N GLY F 337 56.83 0.19 -23.03
CA GLY F 337 56.52 -1.11 -22.49
C GLY F 337 56.88 -1.23 -21.02
N GLU F 338 57.73 -0.32 -20.52
CA GLU F 338 58.07 -0.25 -19.10
C GLU F 338 57.29 0.81 -18.35
N ALA F 339 56.69 1.77 -19.04
CA ALA F 339 55.81 2.70 -18.34
C ALA F 339 54.60 1.97 -17.80
N GLU F 340 54.08 0.99 -18.53
CA GLU F 340 53.03 0.12 -18.01
C GLU F 340 53.33 -1.34 -18.28
N MET H 1 25.34 -40.85 -32.29
CA MET H 1 25.03 -42.27 -32.41
C MET H 1 23.56 -42.54 -32.16
N LYS H 2 22.80 -42.74 -33.24
CA LYS H 2 21.35 -43.01 -33.23
C LYS H 2 20.59 -41.89 -32.51
N PHE H 3 20.59 -40.75 -33.18
CA PHE H 3 20.14 -39.49 -32.60
C PHE H 3 18.62 -39.33 -32.70
N ILE H 4 18.02 -38.82 -31.63
CA ILE H 4 16.60 -38.48 -31.62
C ILE H 4 16.43 -37.05 -31.12
N LYS H 5 15.17 -36.65 -30.90
CA LYS H 5 14.79 -35.27 -30.61
C LYS H 5 15.34 -34.73 -29.29
N TYR H 6 15.06 -33.47 -29.05
CA TYR H 6 15.58 -32.72 -27.93
C TYR H 6 14.66 -32.80 -26.74
N LEU H 7 14.91 -31.93 -25.77
CA LEU H 7 13.93 -31.61 -24.75
C LEU H 7 13.63 -30.13 -24.87
N SER H 8 12.69 -29.82 -25.77
CA SER H 8 11.78 -28.68 -25.67
C SER H 8 12.50 -27.34 -25.63
N THR H 9 13.02 -26.97 -26.81
CA THR H 9 13.38 -25.61 -27.18
C THR H 9 14.55 -25.07 -26.36
N ALA H 10 15.68 -25.76 -26.44
CA ALA H 10 16.94 -25.13 -26.07
C ALA H 10 17.22 -24.01 -27.05
N HIS H 11 17.45 -22.82 -26.50
CA HIS H 11 18.33 -22.59 -25.37
C HIS H 11 17.73 -21.53 -24.51
N LEU H 12 18.57 -20.59 -24.01
CA LEU H 12 18.82 -20.17 -22.64
C LEU H 12 20.23 -20.45 -22.11
N ASN H 13 21.07 -21.21 -22.80
CA ASN H 13 22.49 -21.08 -22.44
C ASN H 13 23.40 -21.28 -23.64
N TYR H 14 22.81 -21.42 -24.84
CA TYR H 14 23.33 -22.25 -25.95
C TYR H 14 23.57 -23.69 -25.52
N MET H 15 22.88 -24.15 -24.48
CA MET H 15 23.01 -25.49 -23.94
C MET H 15 21.68 -26.19 -24.07
N ASN H 16 21.74 -27.49 -24.25
CA ASN H 16 20.61 -28.33 -24.61
C ASN H 16 20.68 -29.61 -23.83
N ILE H 17 19.55 -30.28 -23.68
CA ILE H 17 19.63 -31.61 -23.08
C ILE H 17 20.03 -32.64 -24.11
N ALA H 18 19.39 -32.61 -25.29
CA ALA H 18 19.78 -33.36 -26.49
C ALA H 18 19.83 -34.86 -26.24
N VAL H 19 18.65 -35.40 -25.94
CA VAL H 19 18.49 -36.82 -25.70
C VAL H 19 18.76 -37.58 -26.98
N TYR H 20 19.62 -38.59 -26.92
CA TYR H 20 19.75 -39.50 -28.07
C TYR H 20 19.98 -40.92 -27.59
N GLU H 21 19.50 -41.86 -28.39
CA GLU H 21 19.37 -43.23 -27.93
C GLU H 21 20.66 -44.02 -28.08
N ASN H 22 20.80 -45.03 -27.23
CA ASN H 22 21.79 -46.07 -27.40
C ASN H 22 21.04 -47.35 -27.75
N GLY H 23 21.77 -48.40 -28.08
CA GLY H 23 21.14 -49.64 -28.51
C GLY H 23 20.37 -50.33 -27.42
N SER H 24 20.79 -50.15 -26.17
CA SER H 24 20.06 -50.68 -25.02
C SER H 24 19.57 -49.58 -24.10
N LYS H 25 20.45 -48.70 -23.67
CA LYS H 25 20.10 -47.58 -22.81
C LYS H 25 19.75 -46.39 -23.69
N ILE H 26 19.57 -45.23 -23.07
CA ILE H 26 19.44 -43.96 -23.77
C ILE H 26 20.29 -42.93 -23.03
N LYS H 27 21.23 -42.32 -23.75
CA LYS H 27 22.10 -41.30 -23.19
C LYS H 27 21.40 -39.94 -23.23
N ALA H 28 21.64 -39.12 -22.22
CA ALA H 28 21.12 -37.76 -22.19
C ALA H 28 22.32 -36.83 -22.05
N ARG H 29 22.93 -36.48 -23.17
CA ARG H 29 24.20 -35.77 -23.20
C ARG H 29 23.93 -34.28 -23.29
N VAL H 30 23.99 -33.60 -22.15
CA VAL H 30 23.76 -32.17 -22.10
C VAL H 30 24.89 -31.45 -22.82
N GLU H 31 24.56 -30.72 -23.88
CA GLU H 31 25.57 -30.25 -24.81
C GLU H 31 25.17 -28.91 -25.39
N ASN H 32 26.12 -28.30 -26.09
CA ASN H 32 25.87 -27.17 -26.98
C ASN H 32 25.22 -27.66 -28.27
N VAL H 33 24.72 -26.70 -29.06
CA VAL H 33 24.43 -27.04 -30.46
C VAL H 33 25.49 -26.47 -31.39
N VAL H 34 26.42 -25.69 -30.86
CA VAL H 34 27.53 -25.13 -31.58
C VAL H 34 28.69 -25.97 -31.06
N ASN H 35 29.92 -25.65 -31.42
CA ASN H 35 30.99 -26.59 -31.82
C ASN H 35 30.87 -28.06 -31.38
N GLY H 36 30.46 -28.33 -30.14
CA GLY H 36 29.99 -29.67 -29.83
C GLY H 36 30.34 -30.17 -28.46
N LYS H 37 31.17 -29.41 -27.73
CA LYS H 37 31.66 -29.88 -26.45
C LYS H 37 30.56 -29.89 -25.41
N SER H 38 30.32 -31.07 -24.86
CA SER H 38 29.24 -31.31 -23.93
C SER H 38 29.73 -31.14 -22.51
N VAL H 39 28.78 -31.20 -21.58
CA VAL H 39 29.08 -31.39 -20.17
C VAL H 39 28.54 -32.78 -19.87
N GLY H 40 28.66 -33.21 -18.62
CA GLY H 40 28.34 -34.58 -18.21
C GLY H 40 26.94 -35.10 -18.55
N ALA H 41 26.89 -36.34 -19.03
CA ALA H 41 25.68 -37.00 -19.49
C ALA H 41 25.12 -37.85 -18.36
N ARG H 42 24.10 -38.66 -18.70
CA ARG H 42 23.60 -39.67 -17.78
C ARG H 42 22.93 -40.77 -18.61
N ASP H 43 23.24 -42.02 -18.28
CA ASP H 43 22.71 -43.18 -18.98
C ASP H 43 21.66 -43.85 -18.10
N PHE H 44 20.51 -44.18 -18.69
CA PHE H 44 19.42 -44.81 -17.94
C PHE H 44 18.52 -45.57 -18.91
N ASP H 45 17.30 -45.87 -18.47
CA ASP H 45 16.33 -46.67 -19.21
C ASP H 45 15.71 -45.84 -20.34
N SER H 46 14.62 -46.30 -20.93
CA SER H 46 14.13 -45.76 -22.19
C SER H 46 13.46 -44.39 -22.01
N THR H 47 12.87 -43.90 -23.10
CA THR H 47 12.21 -42.60 -23.15
C THR H 47 11.07 -42.51 -22.15
N GLU H 48 10.43 -43.65 -21.86
CA GLU H 48 9.32 -43.73 -20.91
C GLU H 48 9.74 -43.31 -19.51
N GLN H 49 11.02 -43.50 -19.15
CA GLN H 49 11.52 -42.90 -17.93
C GLN H 49 11.97 -41.46 -18.14
N LEU H 50 12.56 -41.17 -19.30
CA LEU H 50 13.11 -39.85 -19.60
C LEU H 50 12.06 -38.75 -19.46
N GLU H 51 10.87 -38.96 -20.00
CA GLU H 51 9.81 -37.99 -19.77
C GLU H 51 9.28 -38.07 -18.34
N SER H 52 9.45 -39.20 -17.66
CA SER H 52 8.91 -39.34 -16.31
C SER H 52 9.70 -38.53 -15.31
N TRP H 53 11.01 -38.77 -15.20
CA TRP H 53 11.77 -37.93 -14.29
C TRP H 53 12.01 -36.54 -14.85
N PHE H 54 11.95 -36.36 -16.18
CA PHE H 54 12.03 -35.00 -16.70
C PHE H 54 10.83 -34.18 -16.26
N TYR H 55 9.64 -34.79 -16.27
CA TYR H 55 8.49 -34.11 -15.71
C TYR H 55 8.51 -34.13 -14.20
N GLY H 56 9.35 -34.95 -13.58
CA GLY H 56 9.47 -35.02 -12.14
C GLY H 56 10.40 -34.00 -11.53
N LEU H 57 10.84 -33.05 -12.26
CA LEU H 57 11.72 -32.04 -11.73
C LEU H 57 10.97 -30.73 -11.54
N PRO H 58 11.35 -29.90 -10.56
CA PRO H 58 10.54 -28.70 -10.25
C PRO H 58 10.61 -27.61 -11.29
N GLY H 59 9.95 -26.49 -11.01
CA GLY H 59 9.85 -25.41 -11.98
C GLY H 59 8.77 -25.71 -13.01
N SER H 60 8.53 -24.72 -13.87
CA SER H 60 7.48 -24.83 -14.87
C SER H 60 8.01 -24.35 -16.22
N GLY H 61 7.94 -25.22 -17.21
CA GLY H 61 8.31 -24.81 -18.56
C GLY H 61 9.79 -24.85 -18.82
N LEU H 62 10.41 -23.68 -18.99
CA LEU H 62 11.83 -23.62 -19.32
C LEU H 62 12.70 -24.02 -18.14
N GLY H 63 12.23 -23.73 -16.92
CA GLY H 63 12.93 -24.12 -15.71
C GLY H 63 13.07 -25.62 -15.53
N ARG H 64 12.23 -26.40 -16.19
CA ARG H 64 12.45 -27.84 -16.16
C ARG H 64 13.64 -28.23 -17.04
N ILE H 65 13.84 -27.52 -18.15
CA ILE H 65 15.04 -27.74 -18.95
C ILE H 65 16.27 -27.32 -18.16
N GLU H 66 16.16 -26.21 -17.44
CA GLU H 66 17.34 -25.68 -16.77
C GLU H 66 17.69 -26.50 -15.53
N ASN H 67 16.70 -26.79 -14.68
CA ASN H 67 16.95 -27.64 -13.53
C ASN H 67 17.28 -29.07 -13.92
N ALA H 68 16.78 -29.55 -15.07
CA ALA H 68 17.25 -30.82 -15.59
C ALA H 68 18.71 -30.74 -16.03
N MET H 69 19.10 -29.59 -16.57
CA MET H 69 20.48 -29.41 -17.02
C MET H 69 21.44 -29.39 -15.86
N ASN H 70 21.10 -28.66 -14.79
CA ASN H 70 21.94 -28.69 -13.59
C ASN H 70 21.88 -30.03 -12.89
N GLU H 71 20.78 -30.76 -13.04
CA GLU H 71 20.68 -32.07 -12.41
C GLU H 71 21.54 -33.09 -13.14
N ILE H 72 21.66 -32.99 -14.46
CA ILE H 72 22.51 -33.94 -15.18
C ILE H 72 23.98 -33.54 -15.08
N SER H 73 24.28 -32.24 -14.98
CA SER H 73 25.68 -31.83 -15.06
C SER H 73 26.48 -32.12 -13.78
N ARG H 74 25.82 -32.46 -12.67
CA ARG H 74 26.50 -32.89 -11.46
C ARG H 74 26.42 -34.41 -11.28
N ARG H 75 26.56 -35.11 -12.41
CA ARG H 75 26.28 -36.53 -12.60
C ARG H 75 26.91 -37.50 -11.62
N GLU H 76 26.34 -38.70 -11.54
CA GLU H 76 26.88 -39.83 -10.81
C GLU H 76 27.42 -40.92 -11.71
N ASN H 77 26.87 -41.04 -12.93
CA ASN H 77 27.14 -42.19 -13.79
C ASN H 77 28.18 -41.83 -14.85
N PRO H 78 29.36 -42.48 -14.86
CA PRO H 78 30.33 -42.31 -15.93
C PRO H 78 30.14 -43.37 -17.02
N MET I 1 -2.22 -35.75 18.16
CA MET I 1 -1.58 -36.52 19.23
C MET I 1 -1.56 -35.73 20.53
N LYS I 2 -2.48 -36.07 21.44
CA LYS I 2 -2.65 -35.45 22.76
C LYS I 2 -2.87 -33.94 22.62
N PHE I 3 -4.05 -33.63 22.09
CA PHE I 3 -4.38 -32.29 21.66
C PHE I 3 -4.89 -31.43 22.81
N ILE I 4 -4.46 -30.16 22.83
CA ILE I 4 -4.98 -29.18 23.78
C ILE I 4 -5.40 -27.93 23.02
N LYS I 5 -5.74 -26.88 23.78
CA LYS I 5 -6.35 -25.66 23.27
C LYS I 5 -5.49 -24.87 22.30
N TYR I 6 -6.07 -23.81 21.77
CA TYR I 6 -5.49 -23.00 20.73
C TYR I 6 -4.69 -21.85 21.32
N LEU I 7 -4.36 -20.89 20.48
CA LEU I 7 -3.94 -19.58 20.92
C LEU I 7 -4.94 -18.58 20.35
N SER I 8 -6.04 -18.41 21.08
CA SER I 8 -6.81 -17.16 21.16
C SER I 8 -7.37 -16.73 19.81
N THR I 9 -8.39 -17.47 19.39
CA THR I 9 -9.38 -17.05 18.39
C THR I 9 -8.76 -16.88 17.00
N ALA I 10 -8.20 -17.96 16.49
CA ALA I 10 -7.97 -18.04 15.06
C ALA I 10 -9.30 -18.08 14.36
N HIS I 11 -9.50 -17.18 13.42
CA HIS I 11 -8.53 -16.85 12.38
C HIS I 11 -8.57 -15.39 12.12
N LEU I 12 -8.51 -14.98 10.84
CA LEU I 12 -7.60 -14.07 10.16
C LEU I 12 -6.71 -14.69 9.10
N ASN I 13 -6.64 -16.01 8.95
CA ASN I 13 -6.10 -16.49 7.68
C ASN I 13 -6.75 -17.80 7.26
N TYR I 14 -7.76 -18.26 8.00
CA TYR I 14 -8.06 -19.70 8.24
C TYR I 14 -6.86 -20.45 8.79
N MET I 15 -5.93 -19.75 9.42
CA MET I 15 -4.72 -20.33 9.98
C MET I 15 -4.72 -20.10 11.48
N ASN I 16 -4.11 -21.04 12.20
CA ASN I 16 -4.19 -21.13 13.64
C ASN I 16 -2.83 -21.50 14.17
N ILE I 17 -2.59 -21.20 15.44
CA ILE I 17 -1.35 -21.70 16.01
C ILE I 17 -1.50 -23.15 16.45
N ALA I 18 -2.59 -23.46 17.15
CA ALA I 18 -3.04 -24.83 17.45
C ALA I 18 -1.99 -25.62 18.22
N VAL I 19 -1.71 -25.13 19.42
CA VAL I 19 -0.75 -25.77 20.32
C VAL I 19 -1.29 -27.12 20.74
N TYR I 20 -0.48 -28.17 20.61
CA TYR I 20 -0.85 -29.45 21.19
C TYR I 20 0.37 -30.16 21.73
N GLU I 21 0.16 -30.94 22.78
CA GLU I 21 1.26 -31.44 23.59
C GLU I 21 1.88 -32.70 23.01
N ASN I 22 3.15 -32.89 23.31
CA ASN I 22 3.82 -34.16 23.13
C ASN I 22 4.09 -34.72 24.52
N GLY I 23 4.59 -35.95 24.57
CA GLY I 23 4.79 -36.62 25.86
C GLY I 23 5.89 -35.98 26.69
N SER I 24 6.87 -35.38 26.03
CA SER I 24 7.92 -34.63 26.73
C SER I 24 7.92 -33.16 26.35
N LYS I 25 7.98 -32.86 25.06
CA LYS I 25 7.95 -31.50 24.57
C LYS I 25 6.50 -31.09 24.33
N ILE I 26 6.30 -29.92 23.73
CA ILE I 26 4.99 -29.50 23.22
C ILE I 26 5.20 -28.91 21.84
N LYS I 27 4.49 -29.46 20.86
CA LYS I 27 4.56 -28.98 19.48
C LYS I 27 3.61 -27.81 19.30
N ALA I 28 4.01 -26.86 18.47
CA ALA I 28 3.15 -25.73 18.12
C ALA I 28 3.01 -25.73 16.59
N ARG I 29 2.05 -26.51 16.11
CA ARG I 29 1.92 -26.78 14.68
C ARG I 29 0.95 -25.79 14.07
N VAL I 30 1.49 -24.75 13.45
CA VAL I 30 0.67 -23.72 12.82
C VAL I 30 -0.05 -24.32 11.63
N GLU I 31 -1.37 -24.31 11.66
CA GLU I 31 -2.16 -25.11 10.74
C GLU I 31 -3.47 -24.41 10.41
N ASN I 32 -4.15 -24.97 9.42
CA ASN I 32 -5.55 -24.66 9.13
C ASN I 32 -6.44 -25.34 10.15
N VAL I 33 -7.73 -24.97 10.16
CA VAL I 33 -8.72 -25.81 10.81
C VAL I 33 -9.54 -26.58 9.80
N VAL I 34 -9.35 -26.31 8.52
CA VAL I 34 -9.99 -27.01 7.41
C VAL I 34 -8.85 -27.83 6.88
N ASN I 35 -9.03 -28.51 5.75
CA ASN I 35 -8.58 -29.90 5.49
C ASN I 35 -7.43 -30.48 6.34
N GLY I 36 -6.39 -29.69 6.61
CA GLY I 36 -5.50 -30.07 7.68
C GLY I 36 -4.05 -29.76 7.45
N LYS I 37 -3.71 -29.34 6.24
CA LYS I 37 -2.31 -29.15 5.88
C LYS I 37 -1.72 -27.96 6.61
N SER I 38 -0.67 -28.22 7.36
CA SER I 38 -0.04 -27.24 8.22
C SER I 38 1.11 -26.57 7.48
N VAL I 39 1.67 -25.56 8.12
CA VAL I 39 2.96 -25.01 7.75
C VAL I 39 3.86 -25.39 8.91
N GLY I 40 5.13 -24.99 8.86
CA GLY I 40 6.14 -25.42 9.81
C GLY I 40 5.86 -25.17 11.28
N ALA I 41 6.15 -26.18 12.11
CA ALA I 41 5.90 -26.18 13.54
C ALA I 41 7.15 -25.74 14.28
N ARG I 42 7.10 -25.87 15.61
CA ARG I 42 8.29 -25.67 16.44
C ARG I 42 8.10 -26.46 17.73
N ASP I 43 9.13 -27.20 18.13
CA ASP I 43 9.11 -28.02 19.34
C ASP I 43 9.95 -27.35 20.41
N PHE I 44 9.42 -27.26 21.63
CA PHE I 44 10.12 -26.61 22.73
C PHE I 44 9.57 -27.15 24.05
N ASP I 45 9.82 -26.41 25.14
CA ASP I 45 9.47 -26.80 26.50
C ASP I 45 7.96 -26.62 26.72
N SER I 46 7.50 -26.65 27.97
CA SER I 46 6.09 -26.79 28.28
C SER I 46 5.31 -25.49 28.01
N THR I 47 4.03 -25.50 28.40
CA THR I 47 3.12 -24.37 28.21
C THR I 47 3.61 -23.12 28.91
N GLU I 48 4.34 -23.30 30.03
CA GLU I 48 4.89 -22.20 30.80
C GLU I 48 5.87 -21.36 29.98
N GLN I 49 6.54 -21.96 29.01
CA GLN I 49 7.29 -21.16 28.05
C GLN I 49 6.41 -20.65 26.92
N LEU I 50 5.46 -21.47 26.48
CA LEU I 50 4.60 -21.14 25.34
C LEU I 50 3.86 -19.83 25.54
N GLU I 51 3.29 -19.63 26.73
CA GLU I 51 2.70 -18.33 26.99
C GLU I 51 3.75 -17.25 27.22
N SER I 52 4.97 -17.64 27.60
CA SER I 52 6.00 -16.64 27.90
C SER I 52 6.52 -16.00 26.63
N TRP I 53 7.04 -16.79 25.68
CA TRP I 53 7.46 -16.17 24.43
C TRP I 53 6.28 -15.78 23.57
N PHE I 54 5.11 -16.41 23.74
CA PHE I 54 3.95 -15.93 22.99
C PHE I 54 3.57 -14.53 23.43
N TYR I 55 3.64 -14.27 24.73
CA TYR I 55 3.44 -12.90 25.18
C TYR I 55 4.67 -12.03 24.92
N GLY I 56 5.81 -12.63 24.61
CA GLY I 56 7.02 -11.91 24.29
C GLY I 56 7.15 -11.43 22.86
N LEU I 57 6.13 -11.52 22.11
CA LEU I 57 6.18 -11.09 20.73
C LEU I 57 5.42 -9.76 20.57
N PRO I 58 5.83 -8.90 19.63
CA PRO I 58 5.22 -7.55 19.56
C PRO I 58 3.79 -7.54 19.07
N GLY I 59 3.23 -6.34 18.92
CA GLY I 59 1.84 -6.19 18.57
C GLY I 59 0.93 -6.38 19.77
N SER I 60 -0.35 -6.15 19.56
CA SER I 60 -1.33 -6.23 20.64
C SER I 60 -2.55 -7.00 20.18
N GLY I 61 -2.88 -8.07 20.88
CA GLY I 61 -4.08 -8.80 20.59
C GLY I 61 -3.94 -9.79 19.46
N LEU I 62 -4.60 -9.51 18.32
CA LEU I 62 -4.57 -10.44 17.20
C LEU I 62 -3.21 -10.46 16.51
N GLY I 63 -2.52 -9.33 16.53
CA GLY I 63 -1.17 -9.24 15.97
C GLY I 63 -0.16 -10.12 16.67
N ARG I 64 -0.42 -10.53 17.91
CA ARG I 64 0.46 -11.50 18.53
C ARG I 64 0.24 -12.89 17.94
N ILE I 65 -1.01 -13.21 17.57
CA ILE I 65 -1.25 -14.46 16.85
C ILE I 65 -0.59 -14.42 15.49
N GLU I 66 -0.66 -13.27 14.83
CA GLU I 66 -0.16 -13.19 13.47
C GLU I 66 1.37 -13.16 13.43
N ASN I 67 1.98 -12.32 14.25
CA ASN I 67 3.45 -12.30 14.34
C ASN I 67 4.01 -13.57 14.94
N ALA I 68 3.25 -14.25 15.80
CA ALA I 68 3.65 -15.59 16.22
C ALA I 68 3.58 -16.58 15.08
N MET I 69 2.59 -16.41 14.20
CA MET I 69 2.43 -17.31 13.07
C MET I 69 3.58 -17.15 12.08
N ASN I 70 3.94 -15.91 11.77
CA ASN I 70 5.08 -15.68 10.89
C ASN I 70 6.39 -16.06 11.58
N GLU I 71 6.43 -15.99 12.91
CA GLU I 71 7.64 -16.37 13.61
C GLU I 71 7.84 -17.87 13.61
N ILE I 72 6.75 -18.64 13.68
CA ILE I 72 6.90 -20.09 13.65
C ILE I 72 7.09 -20.59 12.22
N SER I 73 6.51 -19.92 11.23
CA SER I 73 6.53 -20.47 9.89
C SER I 73 7.88 -20.33 9.19
N ARG I 74 8.80 -19.55 9.72
CA ARG I 74 10.17 -19.47 9.21
C ARG I 74 11.14 -20.25 10.10
N ARG I 75 10.68 -21.40 10.57
CA ARG I 75 11.26 -22.22 11.63
C ARG I 75 12.73 -22.58 11.49
N GLU I 76 13.33 -22.95 12.62
CA GLU I 76 14.67 -23.51 12.69
C GLU I 76 14.68 -24.98 13.02
N ASN I 77 13.66 -25.47 13.73
CA ASN I 77 13.67 -26.81 14.31
C ASN I 77 12.86 -27.77 13.44
N PRO I 78 13.49 -28.81 12.86
CA PRO I 78 12.75 -29.86 12.17
C PRO I 78 12.45 -31.04 13.09
#